data_5SDK
#
_entry.id   5SDK
#
_cell.length_a   101.588
_cell.length_b   117.512
_cell.length_c   147.913
_cell.angle_alpha   90.000
_cell.angle_beta   90.000
_cell.angle_gamma   90.000
#
_symmetry.space_group_name_H-M   'P 21 21 21'
#
loop_
_entity.id
_entity.type
_entity.pdbx_description
1 polymer 'Asp/Glu-specific dipeptidyl-peptidase'
2 non-polymer (2S)-N,2-dimethyl-N-(propan-2-yl)morpholine-4-sulfonamide
3 non-polymer 'CHLORIDE ION'
4 water water
#
_entity_poly.entity_id   1
_entity_poly.type   'polypeptide(L)'
_entity_poly.pdbx_seq_one_letter_code
;MDEGMWLMQQLGRKYAQMKERGLKMKEYDLYNPNGTSLKDAVVLFDGGCTGEVVSDRGLVLTNHHCGYDMIQAHSTLEHN
YLENGFWAMREADELPNKDISVVFIDKIEDVTDYVKKELKAIKDPNSMDYLSPKYLQKLADKKAGKNFSAKNPGLSVEIK
AFYGGNLYLMFTKKTYTDVRLVGAPPSSIGKFGADTDNWIWPRHTGDFSIFRIYADKNGNPAPYSEDNVPLKPKRFFNIS
LGGVQENDYAMIMGFPGTTHRYFTASEVDEWKSIDNDIRIRMRDIRQGVMLREMLADPQIKIMYSAKYAASQNAYKRAIG
ANWAIKTRGLRQNKQAMQDRLIAWGAKQGTPRYEEAVHEIDATVAKRADLRRRYWMIEEGIIRGIEFARSPIPTEDETKA
LQGNDASARKEAIDKIRTRYSKFANKDYSAEVDKKVAVAMLTEYLKEIPYENLPLHLRLVKDRFAGDVQAYVDDIFARSV
FGSEAQFDAFAAVPSVEKLAEDPMVLFASSVFDEYRKLYNELRPYDDPILRAQRTYIAGLLEMDGDQDQFPDANLTLRFT
YGQVKGYSPRDNVYYGHQTTLDGVMEKEDPDNWEFVVDPKLKAVYERKDFGRYADRSGRMPVAFCATTHTTGGNSGSPVM
NANGELIGLNFDRNWEGVGGDIQYLADYQRSIIVDIRYVLLVIDKVGGCQRLLDEMNIVPAHHHHHH
;
_entity_poly.pdbx_strand_id   A,B
#
loop_
_chem_comp.id
_chem_comp.type
_chem_comp.name
_chem_comp.formula
CL non-polymer 'CHLORIDE ION' 'Cl -1'
I87 non-polymer (2S)-N,2-dimethyl-N-(propan-2-yl)morpholine-4-sulfonamide 'C9 H20 N2 O3 S'
#
# COMPACT_ATOMS: atom_id res chain seq x y z
N ASP A 2 7.63 -25.63 -16.61
CA ASP A 2 6.27 -25.30 -16.14
C ASP A 2 5.46 -24.53 -17.22
N GLU A 3 4.07 -24.53 -17.10
CA GLU A 3 3.03 -23.99 -18.02
C GLU A 3 3.58 -23.22 -19.19
N GLY A 4 3.01 -23.39 -20.37
CA GLY A 4 3.65 -22.78 -21.53
C GLY A 4 2.94 -21.95 -22.56
N MET A 5 3.72 -21.57 -23.56
CA MET A 5 3.28 -20.79 -24.71
C MET A 5 3.57 -21.67 -25.89
N TRP A 6 2.60 -22.49 -26.22
CA TRP A 6 2.76 -23.56 -27.19
C TRP A 6 2.57 -23.15 -28.63
N LEU A 7 3.36 -23.76 -29.51
CA LEU A 7 3.21 -23.60 -30.95
C LEU A 7 1.87 -24.20 -31.36
N MET A 8 1.28 -23.73 -32.47
CA MET A 8 0.03 -24.30 -32.96
C MET A 8 0.20 -25.79 -33.31
N GLN A 9 1.39 -26.18 -33.79
CA GLN A 9 1.80 -27.56 -34.14
C GLN A 9 1.70 -28.50 -32.93
N GLN A 10 1.89 -27.95 -31.72
CA GLN A 10 1.85 -28.72 -30.49
C GLN A 10 0.43 -28.95 -29.96
N LEU A 11 -0.62 -28.38 -30.58
CA LEU A 11 -1.99 -28.59 -30.12
C LEU A 11 -2.36 -30.09 -30.12
N GLY A 12 -1.97 -30.83 -31.15
CA GLY A 12 -2.20 -32.27 -31.22
C GLY A 12 -1.71 -33.04 -30.01
N ARG A 13 -0.41 -32.93 -29.70
CA ARG A 13 0.16 -33.62 -28.56
C ARG A 13 -0.31 -33.05 -27.18
N LYS A 14 -0.96 -31.86 -27.14
CA LYS A 14 -1.45 -31.28 -25.87
C LYS A 14 -2.94 -31.52 -25.62
N TYR A 15 -3.71 -31.69 -26.70
CA TYR A 15 -5.16 -31.82 -26.75
C TYR A 15 -5.77 -32.72 -25.66
N ALA A 16 -5.18 -33.91 -25.40
CA ALA A 16 -5.73 -34.81 -24.37
C ALA A 16 -5.58 -34.20 -22.98
N GLN A 17 -4.47 -33.52 -22.69
CA GLN A 17 -4.30 -32.84 -21.38
C GLN A 17 -5.30 -31.70 -21.27
N MET A 18 -5.52 -30.95 -22.37
CA MET A 18 -6.47 -29.85 -22.40
C MET A 18 -7.90 -30.34 -22.20
N LYS A 19 -8.24 -31.49 -22.80
CA LYS A 19 -9.56 -32.08 -22.65
C LYS A 19 -9.81 -32.54 -21.22
N GLU A 20 -8.79 -33.16 -20.58
CA GLU A 20 -8.92 -33.57 -19.18
C GLU A 20 -8.98 -32.36 -18.24
N ARG A 21 -8.44 -31.19 -18.65
CA ARG A 21 -8.51 -29.96 -17.88
C ARG A 21 -9.82 -29.15 -18.13
N GLY A 22 -10.69 -29.62 -19.02
CA GLY A 22 -11.97 -28.99 -19.27
C GLY A 22 -12.33 -28.59 -20.69
N LEU A 23 -11.37 -28.65 -21.64
CA LEU A 23 -11.65 -28.27 -23.04
C LEU A 23 -12.73 -29.16 -23.68
N LYS A 24 -13.77 -28.55 -24.25
CA LYS A 24 -14.88 -29.27 -24.85
C LYS A 24 -14.89 -29.21 -26.39
N MET A 25 -14.22 -28.21 -26.99
CA MET A 25 -14.25 -28.07 -28.43
C MET A 25 -13.34 -29.09 -29.14
N LYS A 26 -13.67 -29.42 -30.42
CA LYS A 26 -12.85 -30.35 -31.20
C LYS A 26 -11.52 -29.68 -31.56
N GLU A 27 -10.43 -30.47 -31.62
CA GLU A 27 -9.08 -30.00 -31.92
C GLU A 27 -9.00 -29.11 -33.16
N TYR A 28 -9.57 -29.59 -34.27
CA TYR A 28 -9.49 -28.89 -35.53
C TYR A 28 -10.41 -27.65 -35.62
N ASP A 29 -11.34 -27.49 -34.68
CA ASP A 29 -12.13 -26.26 -34.60
C ASP A 29 -11.27 -25.14 -33.96
N LEU A 30 -10.26 -25.49 -33.12
CA LEU A 30 -9.38 -24.52 -32.51
C LEU A 30 -8.20 -24.23 -33.45
N TYR A 31 -7.57 -25.28 -33.99
CA TYR A 31 -6.49 -25.12 -34.97
C TYR A 31 -6.48 -26.27 -35.96
N ASN A 32 -6.51 -25.95 -37.26
CA ASN A 32 -6.39 -26.94 -38.31
C ASN A 32 -5.41 -26.41 -39.35
N PRO A 33 -4.29 -27.11 -39.59
CA PRO A 33 -3.35 -26.64 -40.64
C PRO A 33 -3.89 -26.72 -42.06
N ASN A 34 -4.94 -27.52 -42.29
CA ASN A 34 -5.53 -27.68 -43.62
C ASN A 34 -6.99 -27.19 -43.68
N GLY A 35 -7.35 -26.19 -42.88
CA GLY A 35 -8.70 -25.66 -42.90
C GLY A 35 -8.99 -24.50 -41.98
N THR A 36 -10.20 -23.96 -42.04
CA THR A 36 -10.62 -22.85 -41.19
C THR A 36 -10.78 -23.30 -39.72
N SER A 37 -10.28 -22.49 -38.81
CA SER A 37 -10.34 -22.75 -37.38
C SER A 37 -10.35 -21.43 -36.61
N LEU A 38 -10.51 -21.48 -35.27
CA LEU A 38 -10.55 -20.30 -34.41
C LEU A 38 -9.26 -19.45 -34.50
N LYS A 39 -8.13 -20.10 -34.83
CA LYS A 39 -6.83 -19.46 -35.08
C LYS A 39 -6.98 -18.32 -36.13
N ASP A 40 -7.89 -18.48 -37.09
CA ASP A 40 -8.14 -17.51 -38.16
C ASP A 40 -8.86 -16.25 -37.68
N ALA A 41 -9.37 -16.22 -36.45
CA ALA A 41 -10.00 -15.03 -35.90
C ALA A 41 -9.01 -14.22 -35.01
N VAL A 42 -7.72 -14.63 -34.91
CA VAL A 42 -6.73 -13.95 -34.08
C VAL A 42 -5.81 -13.10 -34.96
N VAL A 43 -5.48 -11.86 -34.54
CA VAL A 43 -4.60 -10.99 -35.30
C VAL A 43 -3.49 -10.37 -34.46
N LEU A 44 -2.38 -10.03 -35.11
CA LEU A 44 -1.33 -9.26 -34.49
C LEU A 44 -1.81 -7.83 -34.77
N PHE A 45 -2.19 -7.11 -33.73
CA PHE A 45 -2.72 -5.77 -33.84
C PHE A 45 -1.58 -4.77 -33.74
N ASP A 46 -1.40 -3.98 -34.81
CA ASP A 46 -0.42 -2.90 -34.90
C ASP A 46 1.00 -3.27 -34.43
N GLY A 47 1.49 -4.43 -34.87
CA GLY A 47 2.83 -4.89 -34.59
C GLY A 47 3.24 -5.44 -33.23
N GLY A 48 2.51 -5.11 -32.17
CA GLY A 48 2.90 -5.56 -30.82
C GLY A 48 1.82 -5.96 -29.85
N CYS A 49 0.59 -5.94 -30.30
CA CYS A 49 -0.57 -6.32 -29.49
C CYS A 49 -1.25 -7.47 -30.22
N THR A 50 -2.22 -8.09 -29.55
CA THR A 50 -3.06 -9.11 -30.14
C THR A 50 -4.47 -8.50 -30.22
N GLY A 51 -5.24 -9.00 -31.15
CA GLY A 51 -6.63 -8.64 -31.33
C GLY A 51 -7.44 -9.84 -31.79
N GLU A 52 -8.75 -9.67 -31.90
CA GLU A 52 -9.61 -10.75 -32.36
C GLU A 52 -10.80 -10.24 -33.12
N VAL A 53 -11.15 -10.97 -34.19
CA VAL A 53 -12.31 -10.66 -35.02
C VAL A 53 -13.53 -11.24 -34.29
N VAL A 54 -14.55 -10.39 -34.06
CA VAL A 54 -15.75 -10.74 -33.31
C VAL A 54 -17.05 -10.56 -34.10
N SER A 55 -16.98 -10.40 -35.44
CA SER A 55 -18.19 -10.32 -36.26
C SER A 55 -17.91 -10.69 -37.71
N ASP A 56 -18.98 -11.05 -38.47
CA ASP A 56 -18.90 -11.36 -39.89
C ASP A 56 -18.62 -10.09 -40.75
N ARG A 57 -18.51 -8.90 -40.11
CA ARG A 57 -18.19 -7.67 -40.80
C ARG A 57 -16.83 -7.09 -40.34
N GLY A 58 -15.91 -7.95 -39.90
CA GLY A 58 -14.55 -7.56 -39.56
C GLY A 58 -14.32 -6.69 -38.34
N LEU A 59 -15.25 -6.72 -37.37
CA LEU A 59 -15.10 -5.97 -36.14
C LEU A 59 -13.99 -6.63 -35.32
N VAL A 60 -13.12 -5.83 -34.73
CA VAL A 60 -11.97 -6.32 -33.96
C VAL A 60 -11.95 -5.74 -32.55
N LEU A 61 -11.69 -6.59 -31.56
CA LEU A 61 -11.51 -6.15 -30.19
C LEU A 61 -10.03 -6.28 -29.84
N THR A 62 -9.52 -5.29 -29.11
CA THR A 62 -8.17 -5.26 -28.56
C THR A 62 -8.22 -4.40 -27.27
N ASN A 63 -7.09 -4.15 -26.61
CA ASN A 63 -7.05 -3.31 -25.43
C ASN A 63 -7.19 -1.85 -25.77
N HIS A 64 -7.57 -1.05 -24.76
CA HIS A 64 -7.65 0.39 -24.85
C HIS A 64 -6.22 0.90 -24.98
N HIS A 65 -5.27 0.35 -24.20
CA HIS A 65 -3.88 0.76 -24.28
C HIS A 65 -3.22 0.37 -25.61
N CYS A 66 -3.82 -0.57 -26.36
CA CYS A 66 -3.33 -0.99 -27.68
C CYS A 66 -3.84 -0.02 -28.76
N GLY A 67 -5.07 0.44 -28.62
CA GLY A 67 -5.65 1.40 -29.56
C GLY A 67 -5.54 2.84 -29.11
N TYR A 68 -4.81 3.10 -28.00
CA TYR A 68 -4.61 4.41 -27.40
C TYR A 68 -4.08 5.49 -28.39
N ASP A 69 -3.02 5.20 -29.17
CA ASP A 69 -2.46 6.18 -30.11
C ASP A 69 -3.48 6.56 -31.20
N MET A 70 -4.32 5.61 -31.63
CA MET A 70 -5.33 5.90 -32.64
C MET A 70 -6.42 6.79 -32.04
N ILE A 71 -6.85 6.49 -30.80
CA ILE A 71 -7.88 7.30 -30.13
C ILE A 71 -7.38 8.73 -29.91
N GLN A 72 -6.09 8.87 -29.55
CA GLN A 72 -5.42 10.14 -29.32
C GLN A 72 -5.24 10.95 -30.62
N ALA A 73 -4.87 10.29 -31.72
CA ALA A 73 -4.66 10.94 -33.03
C ALA A 73 -5.96 11.56 -33.59
N HIS A 74 -7.11 11.01 -33.24
CA HIS A 74 -8.40 11.52 -33.65
C HIS A 74 -9.03 12.48 -32.61
N SER A 75 -8.34 12.73 -31.49
CA SER A 75 -8.86 13.59 -30.43
C SER A 75 -8.41 15.02 -30.62
N THR A 76 -9.33 15.97 -30.40
CA THR A 76 -9.15 17.41 -30.48
C THR A 76 -9.86 18.06 -29.25
N LEU A 77 -9.71 19.38 -29.04
CA LEU A 77 -10.42 20.06 -27.95
C LEU A 77 -11.95 19.99 -28.20
N GLU A 78 -12.40 20.00 -29.46
CA GLU A 78 -13.83 19.92 -29.77
C GLU A 78 -14.38 18.49 -29.62
N HIS A 79 -13.58 17.48 -29.96
CA HIS A 79 -13.99 16.09 -29.79
C HIS A 79 -12.88 15.29 -29.12
N ASN A 80 -12.79 15.38 -27.77
CA ASN A 80 -11.74 14.65 -27.05
C ASN A 80 -12.25 13.22 -26.81
N TYR A 81 -11.90 12.30 -27.74
CA TYR A 81 -12.28 10.89 -27.67
C TYR A 81 -11.48 10.15 -26.60
N LEU A 82 -10.25 10.58 -26.31
CA LEU A 82 -9.44 9.96 -25.28
C LEU A 82 -10.11 10.10 -23.91
N GLU A 83 -10.67 11.27 -23.63
CA GLU A 83 -11.34 11.52 -22.38
C GLU A 83 -12.80 11.06 -22.35
N ASN A 84 -13.58 11.33 -23.39
CA ASN A 84 -15.01 11.00 -23.37
C ASN A 84 -15.41 9.70 -24.06
N GLY A 85 -14.45 9.01 -24.66
CA GLY A 85 -14.74 7.82 -25.44
C GLY A 85 -15.18 8.19 -26.85
N PHE A 86 -15.38 7.19 -27.69
CA PHE A 86 -15.79 7.39 -29.08
C PHE A 86 -16.72 6.26 -29.47
N TRP A 87 -17.83 6.57 -30.13
CA TRP A 87 -18.77 5.54 -30.55
C TRP A 87 -19.36 5.90 -31.90
N ALA A 88 -18.81 5.33 -32.99
CA ALA A 88 -19.31 5.60 -34.34
C ALA A 88 -20.70 5.01 -34.46
N MET A 89 -21.73 5.84 -34.74
CA MET A 89 -23.11 5.32 -34.80
C MET A 89 -23.47 4.67 -36.16
N ARG A 90 -22.57 4.75 -37.12
CA ARG A 90 -22.71 4.11 -38.43
C ARG A 90 -21.31 3.76 -38.94
N GLU A 91 -21.20 2.73 -39.78
CA GLU A 91 -19.93 2.30 -40.36
C GLU A 91 -19.19 3.44 -41.07
N ALA A 92 -19.94 4.32 -41.76
CA ALA A 92 -19.36 5.46 -42.47
C ALA A 92 -18.67 6.47 -41.53
N ASP A 93 -19.04 6.45 -40.23
CA ASP A 93 -18.46 7.33 -39.21
C ASP A 93 -17.19 6.75 -38.55
N GLU A 94 -16.80 5.51 -38.90
CA GLU A 94 -15.60 4.89 -38.36
C GLU A 94 -14.37 5.57 -38.95
N LEU A 95 -13.43 5.94 -38.08
CA LEU A 95 -12.26 6.73 -38.45
C LEU A 95 -11.03 5.95 -38.96
N PRO A 96 -10.54 6.28 -40.16
CA PRO A 96 -9.32 5.61 -40.66
C PRO A 96 -8.08 5.98 -39.85
N ASN A 97 -7.07 5.10 -39.84
CA ASN A 97 -5.85 5.33 -39.07
C ASN A 97 -4.64 5.16 -39.94
N LYS A 98 -3.73 6.15 -39.96
CA LYS A 98 -2.52 6.05 -40.74
C LYS A 98 -1.53 5.20 -39.98
N ASP A 99 -0.78 4.34 -40.70
CA ASP A 99 0.27 3.48 -40.16
C ASP A 99 -0.25 2.35 -39.26
N ILE A 100 -1.46 1.88 -39.48
CA ILE A 100 -2.01 0.77 -38.71
C ILE A 100 -1.98 -0.53 -39.53
N SER A 101 -1.92 -1.66 -38.84
CA SER A 101 -1.98 -2.96 -39.50
C SER A 101 -2.57 -4.04 -38.61
N VAL A 102 -3.11 -5.08 -39.22
CA VAL A 102 -3.61 -6.26 -38.54
C VAL A 102 -3.06 -7.41 -39.36
N VAL A 103 -2.43 -8.37 -38.70
CA VAL A 103 -1.84 -9.51 -39.40
C VAL A 103 -2.54 -10.81 -39.06
N PHE A 104 -3.01 -11.53 -40.08
CA PHE A 104 -3.61 -12.84 -39.89
C PHE A 104 -2.55 -13.90 -40.16
N ILE A 105 -2.54 -14.99 -39.36
CA ILE A 105 -1.61 -16.07 -39.60
C ILE A 105 -2.34 -17.11 -40.47
N ASP A 106 -2.28 -16.91 -41.78
CA ASP A 106 -2.97 -17.74 -42.77
C ASP A 106 -2.54 -19.21 -42.74
N LYS A 107 -1.24 -19.46 -42.83
CA LYS A 107 -0.70 -20.81 -42.76
C LYS A 107 0.54 -20.84 -41.88
N ILE A 108 0.82 -21.99 -41.30
CA ILE A 108 2.03 -22.22 -40.53
C ILE A 108 2.55 -23.57 -40.97
N GLU A 109 3.84 -23.64 -41.31
CA GLU A 109 4.42 -24.88 -41.79
C GLU A 109 5.78 -25.16 -41.14
N ASP A 110 6.01 -26.39 -40.71
CA ASP A 110 7.31 -26.78 -40.17
C ASP A 110 8.29 -26.90 -41.34
N VAL A 111 9.35 -26.09 -41.35
CA VAL A 111 10.36 -26.13 -42.43
C VAL A 111 11.74 -26.50 -41.88
N THR A 112 11.80 -27.19 -40.71
CA THR A 112 13.03 -27.58 -40.04
C THR A 112 13.99 -28.35 -40.95
N ASP A 113 13.52 -29.42 -41.59
CA ASP A 113 14.36 -30.24 -42.48
C ASP A 113 14.93 -29.43 -43.62
N TYR A 114 14.10 -28.56 -44.23
CA TYR A 114 14.49 -27.67 -45.33
C TYR A 114 15.56 -26.68 -44.87
N VAL A 115 15.34 -26.01 -43.73
CA VAL A 115 16.31 -25.03 -43.24
C VAL A 115 17.62 -25.71 -42.83
N LYS A 116 17.54 -26.84 -42.13
CA LYS A 116 18.72 -27.58 -41.71
C LYS A 116 19.51 -28.14 -42.91
N LYS A 117 18.80 -28.50 -44.01
CA LYS A 117 19.50 -28.97 -45.20
C LYS A 117 20.21 -27.78 -45.86
N GLU A 118 19.53 -26.64 -45.98
CA GLU A 118 20.13 -25.44 -46.57
C GLU A 118 21.34 -24.97 -45.76
N LEU A 119 21.27 -25.10 -44.41
CA LEU A 119 22.33 -24.71 -43.49
C LEU A 119 23.58 -25.56 -43.62
N LYS A 120 23.46 -26.84 -44.06
CA LYS A 120 24.60 -27.75 -44.27
C LYS A 120 25.62 -27.21 -45.26
N ALA A 121 25.24 -26.22 -46.10
CA ALA A 121 26.16 -25.59 -47.05
C ALA A 121 27.12 -24.58 -46.37
N ILE A 122 27.40 -24.82 -45.05
CA ILE A 122 28.28 -24.22 -44.02
C ILE A 122 29.67 -23.78 -44.51
N LYS A 123 29.86 -22.49 -44.71
CA LYS A 123 31.18 -21.96 -45.05
C LYS A 123 32.08 -21.88 -43.78
N ASP A 124 31.43 -21.67 -42.61
CA ASP A 124 31.98 -21.45 -41.28
C ASP A 124 31.06 -22.15 -40.27
N PRO A 125 31.58 -23.04 -39.39
CA PRO A 125 30.70 -23.70 -38.41
C PRO A 125 30.19 -22.76 -37.30
N ASN A 126 30.84 -21.61 -37.14
CA ASN A 126 30.45 -20.59 -36.17
C ASN A 126 29.52 -19.51 -36.76
N SER A 127 29.01 -19.73 -37.98
CA SER A 127 28.12 -18.79 -38.65
C SER A 127 26.83 -18.59 -37.86
N MET A 128 26.37 -17.33 -37.80
CA MET A 128 25.10 -17.01 -37.14
C MET A 128 23.93 -16.89 -38.12
N ASP A 129 24.11 -17.34 -39.38
CA ASP A 129 23.07 -17.30 -40.40
C ASP A 129 21.84 -18.07 -39.98
N TYR A 130 22.00 -19.13 -39.18
CA TYR A 130 20.89 -19.94 -38.69
C TYR A 130 19.86 -19.13 -37.86
N LEU A 131 20.24 -17.94 -37.37
CA LEU A 131 19.36 -17.03 -36.63
C LEU A 131 19.19 -15.66 -37.35
N SER A 132 19.73 -15.51 -38.55
CA SER A 132 19.68 -14.27 -39.29
C SER A 132 18.36 -14.07 -40.02
N PRO A 133 17.66 -12.97 -39.74
CA PRO A 133 16.41 -12.68 -40.45
C PRO A 133 16.62 -12.51 -41.95
N LYS A 134 17.77 -11.94 -42.35
CA LYS A 134 18.12 -11.79 -43.77
C LYS A 134 18.31 -13.16 -44.41
N TYR A 135 19.08 -14.06 -43.75
CA TYR A 135 19.31 -15.39 -44.31
C TYR A 135 18.02 -16.20 -44.38
N LEU A 136 17.23 -16.23 -43.28
CA LEU A 136 15.97 -16.97 -43.23
C LEU A 136 14.94 -16.40 -44.22
N GLN A 137 14.98 -15.09 -44.50
CA GLN A 137 14.08 -14.48 -45.48
C GLN A 137 14.44 -14.93 -46.89
N LYS A 138 15.75 -15.07 -47.18
CA LYS A 138 16.21 -15.59 -48.47
C LYS A 138 15.71 -17.04 -48.64
N LEU A 139 15.61 -17.82 -47.53
CA LEU A 139 15.11 -19.20 -47.59
C LEU A 139 13.60 -19.25 -47.73
N ALA A 140 12.90 -18.30 -47.10
CA ALA A 140 11.45 -18.18 -47.17
C ALA A 140 11.03 -17.80 -48.61
N ASP A 141 11.72 -16.81 -49.22
CA ASP A 141 11.49 -16.35 -50.58
C ASP A 141 11.75 -17.49 -51.57
N LYS A 142 12.82 -18.27 -51.36
CA LYS A 142 13.14 -19.39 -52.22
C LYS A 142 12.04 -20.44 -52.18
N LYS A 143 11.52 -20.76 -50.98
CA LYS A 143 10.46 -21.75 -50.83
C LYS A 143 9.10 -21.26 -51.38
N ALA A 144 8.70 -20.01 -51.07
CA ALA A 144 7.44 -19.44 -51.52
C ALA A 144 7.33 -19.36 -53.05
N GLY A 145 8.41 -18.94 -53.71
CA GLY A 145 8.43 -18.85 -55.17
C GLY A 145 8.88 -17.52 -55.74
N LYS A 146 8.89 -17.44 -57.09
CA LYS A 146 9.26 -16.23 -57.81
C LYS A 146 8.17 -15.18 -57.69
N ASN A 147 8.51 -14.05 -57.01
CA ASN A 147 7.62 -12.90 -56.76
C ASN A 147 6.26 -13.30 -56.14
N PHE A 148 6.30 -14.09 -55.06
CA PHE A 148 5.11 -14.59 -54.34
C PHE A 148 4.13 -13.46 -53.96
N SER A 149 4.68 -12.32 -53.49
CA SER A 149 3.90 -11.15 -53.09
C SER A 149 3.09 -10.55 -54.24
N ALA A 150 3.58 -10.67 -55.48
CA ALA A 150 2.88 -10.13 -56.65
C ALA A 150 1.78 -11.09 -57.09
N LYS A 151 2.05 -12.41 -57.09
CA LYS A 151 1.06 -13.42 -57.46
C LYS A 151 -0.02 -13.63 -56.40
N ASN A 152 0.28 -13.29 -55.12
CA ASN A 152 -0.66 -13.40 -54.00
C ASN A 152 -0.68 -12.07 -53.24
N PRO A 153 -1.34 -11.02 -53.77
CA PRO A 153 -1.33 -9.72 -53.06
C PRO A 153 -1.98 -9.77 -51.67
N GLY A 154 -1.35 -9.13 -50.72
CA GLY A 154 -1.78 -9.17 -49.34
C GLY A 154 -1.03 -10.18 -48.51
N LEU A 155 -0.50 -11.23 -49.14
CA LEU A 155 0.24 -12.30 -48.48
C LEU A 155 1.76 -12.09 -48.46
N SER A 156 2.40 -12.60 -47.41
CA SER A 156 3.85 -12.57 -47.23
C SER A 156 4.32 -13.82 -46.48
N VAL A 157 5.58 -14.20 -46.66
CA VAL A 157 6.14 -15.40 -46.05
C VAL A 157 7.30 -15.04 -45.08
N GLU A 158 7.38 -15.72 -43.93
CA GLU A 158 8.46 -15.48 -42.98
C GLU A 158 8.90 -16.77 -42.28
N ILE A 159 10.22 -17.01 -42.17
CA ILE A 159 10.73 -18.16 -41.44
C ILE A 159 11.35 -17.65 -40.13
N LYS A 160 11.02 -18.32 -39.02
CA LYS A 160 11.57 -17.99 -37.72
C LYS A 160 12.23 -19.22 -37.11
N ALA A 161 13.29 -19.01 -36.33
CA ALA A 161 13.95 -20.06 -35.56
C ALA A 161 13.22 -20.17 -34.20
N PHE A 162 13.13 -21.40 -33.69
CA PHE A 162 12.54 -21.74 -32.39
C PHE A 162 13.47 -22.70 -31.70
N TYR A 163 13.37 -22.77 -30.36
CA TYR A 163 14.19 -23.68 -29.56
C TYR A 163 15.68 -23.47 -29.79
N GLY A 164 16.11 -22.22 -29.86
CA GLY A 164 17.51 -21.86 -30.06
C GLY A 164 18.11 -22.26 -31.41
N GLY A 165 17.25 -22.45 -32.41
CA GLY A 165 17.69 -22.86 -33.73
C GLY A 165 17.52 -24.34 -34.02
N ASN A 166 16.67 -25.03 -33.22
CA ASN A 166 16.42 -26.46 -33.44
C ASN A 166 15.10 -26.76 -34.18
N LEU A 167 14.26 -25.75 -34.37
CA LEU A 167 13.00 -25.91 -35.07
C LEU A 167 12.76 -24.63 -35.89
N TYR A 168 12.25 -24.76 -37.11
CA TYR A 168 11.96 -23.61 -37.97
C TYR A 168 10.54 -23.71 -38.45
N LEU A 169 9.81 -22.59 -38.44
CA LEU A 169 8.45 -22.54 -38.96
C LEU A 169 8.36 -21.44 -39.99
N MET A 170 7.60 -21.68 -41.06
CA MET A 170 7.31 -20.69 -42.09
C MET A 170 5.87 -20.23 -41.87
N PHE A 171 5.66 -18.94 -41.82
CA PHE A 171 4.36 -18.37 -41.61
C PHE A 171 3.95 -17.66 -42.88
N THR A 172 2.71 -17.90 -43.31
CA THR A 172 2.15 -17.17 -44.43
C THR A 172 1.20 -16.17 -43.76
N LYS A 173 1.48 -14.88 -43.92
CA LYS A 173 0.73 -13.84 -43.27
C LYS A 173 -0.11 -13.03 -44.24
N LYS A 174 -1.30 -12.62 -43.82
CA LYS A 174 -2.16 -11.77 -44.61
C LYS A 174 -2.28 -10.47 -43.83
N THR A 175 -1.79 -9.34 -44.40
CA THR A 175 -1.79 -8.07 -43.68
C THR A 175 -2.82 -7.08 -44.24
N TYR A 176 -3.63 -6.47 -43.37
CA TYR A 176 -4.62 -5.46 -43.76
C TYR A 176 -4.19 -4.11 -43.16
N THR A 177 -4.19 -3.03 -43.95
CA THR A 177 -3.73 -1.73 -43.45
C THR A 177 -4.83 -0.67 -43.36
N ASP A 178 -6.08 -1.01 -43.72
CA ASP A 178 -7.21 -0.09 -43.57
C ASP A 178 -7.99 -0.61 -42.33
N VAL A 179 -7.59 -0.18 -41.14
CA VAL A 179 -8.20 -0.65 -39.90
C VAL A 179 -8.73 0.59 -39.17
N ARG A 180 -10.05 0.73 -39.13
CA ARG A 180 -10.70 1.92 -38.63
C ARG A 180 -11.16 1.86 -37.18
N LEU A 181 -11.11 3.00 -36.48
CA LEU A 181 -11.55 3.11 -35.10
C LEU A 181 -13.07 3.09 -35.08
N VAL A 182 -13.65 2.20 -34.29
CA VAL A 182 -15.11 2.03 -34.19
C VAL A 182 -15.65 2.50 -32.86
N GLY A 183 -14.97 2.12 -31.78
CA GLY A 183 -15.42 2.47 -30.45
C GLY A 183 -14.35 2.40 -29.39
N ALA A 184 -14.52 3.15 -28.34
CA ALA A 184 -13.59 3.15 -27.21
C ALA A 184 -14.31 3.73 -26.02
N PRO A 185 -14.12 3.13 -24.84
CA PRO A 185 -14.68 3.73 -23.63
C PRO A 185 -13.88 5.00 -23.30
N PRO A 186 -14.42 5.88 -22.42
CA PRO A 186 -13.59 7.01 -21.97
C PRO A 186 -12.34 6.48 -21.24
N SER A 187 -11.26 7.29 -21.17
CA SER A 187 -10.05 6.84 -20.47
C SER A 187 -10.30 6.48 -19.01
N SER A 188 -11.32 7.08 -18.37
CA SER A 188 -11.64 6.75 -16.98
C SER A 188 -12.03 5.27 -16.80
N ILE A 189 -12.51 4.61 -17.89
CA ILE A 189 -12.81 3.19 -17.87
C ILE A 189 -11.61 2.40 -18.46
N GLY A 190 -11.16 2.79 -19.66
CA GLY A 190 -10.08 2.13 -20.41
C GLY A 190 -8.74 2.00 -19.70
N LYS A 191 -8.41 3.02 -18.93
CA LYS A 191 -7.22 3.04 -18.09
C LYS A 191 -7.57 3.42 -16.64
N PHE A 192 -8.66 2.84 -16.06
CA PHE A 192 -9.10 3.14 -14.70
C PHE A 192 -7.99 3.08 -13.62
N GLY A 193 -7.20 2.02 -13.58
CA GLY A 193 -6.14 2.00 -12.57
C GLY A 193 -5.05 3.04 -12.82
N ALA A 194 -4.85 3.36 -14.11
CA ALA A 194 -3.82 4.21 -14.70
C ALA A 194 -2.43 3.62 -14.26
N ASP A 195 -1.38 4.40 -13.89
CA ASP A 195 -0.11 3.81 -13.51
C ASP A 195 -0.11 3.18 -12.11
N THR A 196 -1.00 3.64 -11.19
CA THR A 196 -1.08 3.11 -9.83
C THR A 196 -1.39 1.63 -9.82
N ASP A 197 -2.33 1.22 -10.67
CA ASP A 197 -2.73 -0.18 -10.78
C ASP A 197 -2.02 -0.96 -11.90
N ASN A 198 -0.95 -0.44 -12.55
CA ASN A 198 -0.22 -1.22 -13.57
C ASN A 198 0.46 -2.40 -12.86
N TRP A 199 0.35 -3.60 -13.45
CA TRP A 199 0.86 -4.87 -12.88
C TRP A 199 0.12 -5.29 -11.61
N ILE A 200 -1.05 -4.68 -11.31
CA ILE A 200 -1.76 -4.98 -10.07
C ILE A 200 -3.01 -5.83 -10.25
N TRP A 201 -3.13 -6.83 -9.39
CA TRP A 201 -4.34 -7.61 -9.22
C TRP A 201 -4.66 -7.53 -7.71
N PRO A 202 -5.91 -7.26 -7.26
CA PRO A 202 -7.15 -7.04 -8.03
C PRO A 202 -7.08 -5.85 -8.99
N ARG A 203 -7.82 -5.94 -10.09
CA ARG A 203 -7.79 -4.90 -11.10
C ARG A 203 -9.21 -4.59 -11.56
N HIS A 204 -9.51 -3.31 -11.80
CA HIS A 204 -10.87 -2.86 -12.14
C HIS A 204 -10.96 -2.05 -13.42
N THR A 205 -10.02 -2.26 -14.34
CA THR A 205 -9.90 -1.54 -15.62
C THR A 205 -10.66 -2.20 -16.78
N GLY A 206 -11.47 -1.41 -17.51
CA GLY A 206 -12.20 -1.82 -18.70
C GLY A 206 -11.35 -1.58 -19.93
N ASP A 207 -10.20 -2.24 -19.97
CA ASP A 207 -9.17 -2.09 -20.98
C ASP A 207 -9.53 -2.74 -22.32
N PHE A 208 -10.37 -2.04 -23.11
CA PHE A 208 -10.76 -2.46 -24.44
C PHE A 208 -10.97 -1.24 -25.37
N SER A 209 -10.85 -1.49 -26.66
CA SER A 209 -11.14 -0.59 -27.77
C SER A 209 -11.56 -1.45 -28.97
N ILE A 210 -12.30 -0.84 -29.91
CA ILE A 210 -12.91 -1.54 -31.01
C ILE A 210 -12.50 -0.95 -32.34
N PHE A 211 -12.08 -1.80 -33.27
CA PHE A 211 -11.66 -1.43 -34.60
C PHE A 211 -12.45 -2.24 -35.64
N ARG A 212 -12.25 -1.96 -36.92
CA ARG A 212 -12.88 -2.73 -37.99
C ARG A 212 -11.91 -2.83 -39.13
N ILE A 213 -11.71 -4.04 -39.63
CA ILE A 213 -10.85 -4.25 -40.79
C ILE A 213 -11.65 -3.96 -42.05
N TYR A 214 -11.11 -3.13 -42.93
CA TYR A 214 -11.68 -2.84 -44.24
C TYR A 214 -10.76 -3.43 -45.28
N ALA A 215 -11.32 -3.78 -46.43
CA ALA A 215 -10.59 -4.41 -47.54
C ALA A 215 -11.24 -4.00 -48.90
N ASP A 216 -10.73 -4.48 -50.06
CA ASP A 216 -11.35 -4.20 -51.34
C ASP A 216 -12.64 -5.06 -51.48
N LYS A 217 -13.38 -4.89 -52.58
CA LYS A 217 -14.63 -5.60 -52.86
C LYS A 217 -14.52 -7.13 -52.71
N ASN A 218 -13.32 -7.69 -52.93
CA ASN A 218 -13.15 -9.15 -52.81
C ASN A 218 -12.58 -9.62 -51.48
N GLY A 219 -12.50 -8.73 -50.48
CA GLY A 219 -11.95 -9.07 -49.17
C GLY A 219 -10.43 -9.15 -49.13
N ASN A 220 -9.76 -8.66 -50.17
CA ASN A 220 -8.31 -8.66 -50.28
C ASN A 220 -7.75 -7.38 -49.67
N PRO A 221 -6.59 -7.47 -49.00
CA PRO A 221 -6.00 -6.27 -48.39
C PRO A 221 -5.83 -5.10 -49.37
N ALA A 222 -6.08 -3.91 -48.85
CA ALA A 222 -5.95 -2.69 -49.63
C ALA A 222 -5.68 -1.55 -48.67
N PRO A 223 -4.81 -0.61 -49.06
CA PRO A 223 -4.60 0.57 -48.19
C PRO A 223 -5.87 1.41 -48.10
N TYR A 224 -5.93 2.37 -47.16
CA TYR A 224 -7.11 3.22 -47.01
C TYR A 224 -7.64 3.80 -48.35
N SER A 225 -8.96 3.65 -48.56
CA SER A 225 -9.69 4.18 -49.69
C SER A 225 -11.13 4.36 -49.26
N GLU A 226 -11.76 5.47 -49.68
CA GLU A 226 -13.18 5.70 -49.40
C GLU A 226 -14.08 4.60 -50.00
N ASP A 227 -13.56 3.84 -50.99
CA ASP A 227 -14.26 2.73 -51.66
C ASP A 227 -14.07 1.38 -50.94
N ASN A 228 -13.34 1.35 -49.82
CA ASN A 228 -13.14 0.09 -49.10
C ASN A 228 -14.38 -0.31 -48.34
N VAL A 229 -14.59 -1.61 -48.26
CA VAL A 229 -15.76 -2.20 -47.64
C VAL A 229 -15.31 -3.10 -46.44
N PRO A 230 -16.13 -3.24 -45.38
CA PRO A 230 -15.72 -4.11 -44.24
C PRO A 230 -15.36 -5.53 -44.67
N LEU A 231 -14.37 -6.12 -44.01
CA LEU A 231 -13.92 -7.47 -44.36
C LEU A 231 -14.89 -8.52 -43.85
N LYS A 232 -15.29 -9.47 -44.73
CA LYS A 232 -16.06 -10.62 -44.29
C LYS A 232 -14.96 -11.65 -44.02
N PRO A 233 -14.72 -12.01 -42.75
CA PRO A 233 -13.60 -12.92 -42.47
C PRO A 233 -13.95 -14.41 -42.57
N LYS A 234 -12.94 -15.27 -42.68
CA LYS A 234 -13.11 -16.74 -42.69
C LYS A 234 -13.75 -17.19 -41.37
N ARG A 235 -13.40 -16.52 -40.25
CA ARG A 235 -13.82 -16.93 -38.92
C ARG A 235 -13.83 -15.75 -37.93
N PHE A 236 -14.79 -15.79 -37.00
CA PHE A 236 -14.88 -14.80 -35.92
C PHE A 236 -15.29 -15.50 -34.62
N PHE A 237 -15.02 -14.86 -33.48
CA PHE A 237 -15.36 -15.43 -32.18
C PHE A 237 -16.82 -15.18 -31.83
N ASN A 238 -17.47 -16.17 -31.23
CA ASN A 238 -18.81 -15.97 -30.67
C ASN A 238 -18.56 -15.39 -29.27
N ILE A 239 -19.44 -14.48 -28.83
CA ILE A 239 -19.29 -13.88 -27.50
C ILE A 239 -20.11 -14.69 -26.50
N SER A 240 -19.51 -15.10 -25.38
CA SER A 240 -20.27 -15.82 -24.35
C SER A 240 -20.81 -14.85 -23.30
N LEU A 241 -22.03 -15.09 -22.85
CA LEU A 241 -22.59 -14.34 -21.72
C LEU A 241 -22.70 -15.22 -20.43
N GLY A 242 -22.29 -16.49 -20.52
CA GLY A 242 -22.31 -17.45 -19.43
C GLY A 242 -21.34 -17.15 -18.30
N GLY A 243 -20.40 -16.24 -18.55
CA GLY A 243 -19.41 -15.78 -17.58
C GLY A 243 -18.36 -16.77 -17.19
N VAL A 244 -17.77 -16.56 -16.01
CA VAL A 244 -16.75 -17.46 -15.47
C VAL A 244 -17.06 -17.76 -14.00
N GLN A 245 -16.57 -18.91 -13.55
CA GLN A 245 -16.61 -19.36 -12.18
C GLN A 245 -15.21 -19.86 -11.84
N GLU A 246 -14.88 -19.87 -10.55
CA GLU A 246 -13.58 -20.37 -10.08
C GLU A 246 -13.35 -21.80 -10.58
N ASN A 247 -12.14 -22.06 -11.08
CA ASN A 247 -11.67 -23.34 -11.61
C ASN A 247 -12.10 -23.61 -13.06
N ASP A 248 -12.86 -22.70 -13.71
CA ASP A 248 -13.26 -22.89 -15.10
C ASP A 248 -12.05 -22.91 -16.01
N TYR A 249 -12.10 -23.74 -17.05
CA TYR A 249 -11.06 -23.80 -18.05
C TYR A 249 -11.02 -22.49 -18.81
N ALA A 250 -9.83 -21.99 -19.06
CA ALA A 250 -9.66 -20.79 -19.88
C ALA A 250 -8.43 -21.00 -20.78
N MET A 251 -8.47 -20.46 -22.00
CA MET A 251 -7.34 -20.54 -22.91
C MET A 251 -7.17 -19.26 -23.68
N ILE A 252 -5.95 -18.98 -24.08
CA ILE A 252 -5.61 -17.78 -24.84
C ILE A 252 -4.78 -18.12 -26.07
N MET A 253 -4.95 -17.33 -27.13
CA MET A 253 -4.13 -17.34 -28.32
C MET A 253 -3.63 -15.90 -28.49
N GLY A 254 -2.38 -15.75 -28.83
CA GLY A 254 -1.79 -14.43 -28.98
C GLY A 254 -0.35 -14.46 -29.41
N PHE A 255 0.35 -13.33 -29.28
CA PHE A 255 1.71 -13.22 -29.79
C PHE A 255 2.69 -12.81 -28.69
N PRO A 256 2.99 -13.71 -27.71
CA PRO A 256 3.98 -13.35 -26.68
C PRO A 256 5.32 -13.04 -27.32
N GLY A 257 5.94 -11.98 -26.88
CA GLY A 257 7.18 -11.50 -27.47
C GLY A 257 8.45 -12.21 -27.10
N THR A 258 8.82 -12.23 -25.81
CA THR A 258 10.09 -12.83 -25.39
C THR A 258 9.97 -13.54 -24.05
N THR A 259 10.72 -14.63 -23.89
CA THR A 259 10.85 -15.33 -22.62
C THR A 259 12.32 -15.78 -22.54
N HIS A 260 12.75 -16.26 -21.38
CA HIS A 260 14.09 -16.76 -21.16
C HIS A 260 14.01 -18.04 -20.33
N ARG A 261 13.21 -19.00 -20.82
CA ARG A 261 12.96 -20.27 -20.18
C ARG A 261 14.18 -21.20 -20.11
N TYR A 262 15.20 -20.94 -20.93
CA TYR A 262 16.38 -21.80 -20.98
C TYR A 262 17.65 -21.12 -20.50
N PHE A 263 17.49 -20.09 -19.65
CA PHE A 263 18.62 -19.42 -19.00
C PHE A 263 19.38 -20.42 -18.15
N THR A 264 20.70 -20.30 -18.09
CA THR A 264 21.48 -21.12 -17.16
C THR A 264 21.31 -20.43 -15.77
N ALA A 265 21.74 -21.09 -14.68
CA ALA A 265 21.72 -20.49 -13.36
C ALA A 265 22.59 -19.22 -13.32
N SER A 266 23.72 -19.21 -14.05
CA SER A 266 24.62 -18.06 -14.12
C SER A 266 23.97 -16.84 -14.83
N GLU A 267 23.05 -17.09 -15.79
CA GLU A 267 22.31 -16.04 -16.49
C GLU A 267 21.24 -15.45 -15.59
N VAL A 268 20.61 -16.28 -14.74
CA VAL A 268 19.67 -15.80 -13.73
C VAL A 268 20.44 -14.89 -12.74
N ASP A 269 21.64 -15.32 -12.28
CA ASP A 269 22.45 -14.53 -11.34
C ASP A 269 22.82 -13.17 -11.92
N GLU A 270 23.22 -13.16 -13.19
CA GLU A 270 23.59 -11.98 -13.94
C GLU A 270 22.39 -11.04 -14.11
N TRP A 271 21.22 -11.59 -14.46
CA TRP A 271 19.98 -10.85 -14.63
C TRP A 271 19.61 -10.13 -13.31
N LYS A 272 19.78 -10.82 -12.18
CA LYS A 272 19.52 -10.24 -10.87
C LYS A 272 20.57 -9.18 -10.48
N SER A 273 21.86 -9.58 -10.42
CA SER A 273 22.96 -8.79 -9.89
C SER A 273 23.43 -7.65 -10.76
N ILE A 274 23.15 -7.71 -12.05
CA ILE A 274 23.55 -6.63 -12.95
C ILE A 274 22.30 -5.90 -13.47
N ASP A 275 21.55 -6.51 -14.39
CA ASP A 275 20.41 -5.92 -15.04
C ASP A 275 19.40 -5.32 -14.06
N ASN A 276 18.84 -6.16 -13.18
CA ASN A 276 17.81 -5.76 -12.25
C ASN A 276 18.34 -4.87 -11.11
N ASP A 277 19.43 -5.25 -10.41
CA ASP A 277 19.94 -4.40 -9.30
C ASP A 277 20.35 -2.99 -9.75
N ILE A 278 20.94 -2.87 -10.96
CA ILE A 278 21.34 -1.55 -11.47
C ILE A 278 20.13 -0.74 -11.86
N ARG A 279 19.19 -1.33 -12.61
CA ARG A 279 17.94 -0.65 -12.99
C ARG A 279 17.17 -0.18 -11.74
N ILE A 280 17.08 -1.04 -10.69
CA ILE A 280 16.40 -0.71 -9.45
C ILE A 280 17.12 0.41 -8.72
N ARG A 281 18.42 0.26 -8.50
CA ARG A 281 19.19 1.28 -7.80
C ARG A 281 19.15 2.63 -8.52
N MET A 282 19.45 2.66 -9.83
CA MET A 282 19.49 3.91 -10.59
C MET A 282 18.14 4.57 -10.79
N ARG A 283 17.08 3.80 -11.04
CA ARG A 283 15.75 4.38 -11.21
C ARG A 283 15.16 4.88 -9.92
N ASP A 284 15.48 4.25 -8.79
CA ASP A 284 15.02 4.74 -7.51
C ASP A 284 15.66 6.10 -7.20
N ILE A 285 16.96 6.28 -7.51
CA ILE A 285 17.60 7.59 -7.34
C ILE A 285 16.95 8.65 -8.24
N ARG A 286 16.75 8.34 -9.51
CA ARG A 286 16.16 9.24 -10.49
C ARG A 286 14.73 9.66 -10.13
N GLN A 287 13.89 8.67 -9.83
CA GLN A 287 12.48 8.82 -9.44
C GLN A 287 12.36 9.57 -8.13
N GLY A 288 13.24 9.31 -7.16
CA GLY A 288 13.22 9.99 -5.88
C GLY A 288 13.42 11.49 -6.01
N VAL A 289 14.39 11.91 -6.84
CA VAL A 289 14.64 13.35 -7.05
C VAL A 289 13.48 13.98 -7.83
N MET A 290 13.01 13.27 -8.87
CA MET A 290 11.91 13.70 -9.71
C MET A 290 10.62 13.91 -8.88
N LEU A 291 10.28 12.95 -8.02
CA LEU A 291 9.09 13.02 -7.19
C LEU A 291 9.14 14.17 -6.20
N ARG A 292 10.29 14.39 -5.55
CA ARG A 292 10.43 15.54 -4.63
C ARG A 292 10.20 16.86 -5.36
N GLU A 293 10.72 17.00 -6.57
CA GLU A 293 10.55 18.22 -7.36
C GLU A 293 9.14 18.39 -7.86
N MET A 294 8.50 17.29 -8.29
CA MET A 294 7.11 17.32 -8.76
C MET A 294 6.16 17.67 -7.60
N LEU A 295 6.43 17.16 -6.39
CA LEU A 295 5.59 17.44 -5.21
C LEU A 295 5.78 18.88 -4.68
N ALA A 296 6.93 19.50 -4.92
CA ALA A 296 7.20 20.87 -4.45
C ALA A 296 6.70 21.96 -5.42
N ASP A 297 6.51 21.61 -6.70
CA ASP A 297 6.11 22.59 -7.70
C ASP A 297 5.07 21.96 -8.63
N PRO A 298 3.82 22.46 -8.62
CA PRO A 298 2.79 21.89 -9.52
C PRO A 298 3.12 21.97 -11.00
N GLN A 299 3.92 22.96 -11.40
CA GLN A 299 4.32 23.10 -12.78
C GLN A 299 5.33 21.99 -13.15
N ILE A 300 6.23 21.61 -12.20
CA ILE A 300 7.18 20.50 -12.40
C ILE A 300 6.43 19.16 -12.50
N LYS A 301 5.34 19.00 -11.73
CA LYS A 301 4.50 17.80 -11.81
C LYS A 301 3.91 17.65 -13.22
N ILE A 302 3.43 18.75 -13.81
CA ILE A 302 2.87 18.72 -15.17
C ILE A 302 3.97 18.33 -16.18
N MET A 303 5.13 18.99 -16.12
CA MET A 303 6.23 18.73 -17.03
C MET A 303 6.87 17.34 -16.91
N TYR A 304 6.94 16.78 -15.70
CA TYR A 304 7.66 15.53 -15.46
C TYR A 304 6.81 14.28 -15.19
N SER A 305 5.47 14.38 -15.19
CA SER A 305 4.60 13.25 -14.88
C SER A 305 4.76 12.06 -15.80
N ALA A 306 4.84 12.31 -17.11
CA ALA A 306 4.98 11.27 -18.09
C ALA A 306 6.38 10.62 -18.00
N LYS A 307 7.47 11.42 -17.83
CA LYS A 307 8.83 10.89 -17.69
C LYS A 307 8.97 10.04 -16.43
N TYR A 308 8.32 10.45 -15.35
CA TYR A 308 8.31 9.72 -14.10
C TYR A 308 7.59 8.37 -14.28
N ALA A 309 6.39 8.39 -14.90
CA ALA A 309 5.60 7.19 -15.15
C ALA A 309 6.31 6.23 -16.11
N ALA A 310 6.99 6.73 -17.15
CA ALA A 310 7.74 5.90 -18.07
C ALA A 310 8.90 5.17 -17.38
N SER A 311 9.57 5.83 -16.43
CA SER A 311 10.68 5.24 -15.71
C SER A 311 10.21 4.14 -14.75
N GLN A 312 9.06 4.37 -14.10
CA GLN A 312 8.47 3.48 -13.10
C GLN A 312 8.03 2.13 -13.65
N ASN A 313 7.58 2.07 -14.91
CA ASN A 313 7.05 0.83 -15.46
C ASN A 313 8.07 -0.34 -15.45
N ALA A 314 9.28 -0.16 -16.02
CA ALA A 314 10.29 -1.24 -15.97
C ALA A 314 10.96 -1.35 -14.60
N TYR A 315 10.89 -0.30 -13.77
CA TYR A 315 11.37 -0.32 -12.40
C TYR A 315 10.51 -1.31 -11.61
N LYS A 316 9.17 -1.22 -11.72
CA LYS A 316 8.27 -2.16 -11.02
C LYS A 316 8.44 -3.57 -11.55
N ARG A 317 8.68 -3.73 -12.84
CA ARG A 317 8.90 -5.05 -13.44
C ARG A 317 10.16 -5.68 -12.84
N ALA A 318 11.24 -4.90 -12.72
CA ALA A 318 12.49 -5.38 -12.15
C ALA A 318 12.35 -5.77 -10.67
N ILE A 319 11.50 -5.05 -9.90
CA ILE A 319 11.21 -5.36 -8.48
C ILE A 319 10.45 -6.71 -8.40
N GLY A 320 9.45 -6.89 -9.24
CA GLY A 320 8.70 -8.14 -9.27
C GLY A 320 9.57 -9.32 -9.70
N ALA A 321 10.49 -9.09 -10.64
CA ALA A 321 11.39 -10.15 -11.15
C ALA A 321 12.39 -10.51 -10.08
N ASN A 322 12.96 -9.52 -9.37
CA ASN A 322 13.90 -9.78 -8.27
C ASN A 322 13.21 -10.44 -7.07
N TRP A 323 11.92 -10.17 -6.85
CA TRP A 323 11.17 -10.83 -5.79
C TRP A 323 11.10 -12.35 -6.11
N ALA A 324 10.88 -12.70 -7.40
CA ALA A 324 10.80 -14.11 -7.81
C ALA A 324 12.16 -14.79 -7.66
N ILE A 325 13.24 -14.13 -8.07
CA ILE A 325 14.59 -14.71 -7.94
C ILE A 325 14.91 -14.99 -6.49
N LYS A 326 14.52 -14.07 -5.60
CA LYS A 326 14.75 -14.19 -4.17
C LYS A 326 13.89 -15.25 -3.49
N THR A 327 12.60 -15.32 -3.85
CA THR A 327 11.65 -16.15 -3.11
C THR A 327 11.16 -17.41 -3.81
N ARG A 328 11.29 -17.53 -5.14
CA ARG A 328 10.73 -18.71 -5.84
C ARG A 328 11.77 -19.70 -6.36
N GLY A 329 13.02 -19.53 -5.97
CA GLY A 329 14.09 -20.44 -6.34
C GLY A 329 14.33 -20.58 -7.83
N LEU A 330 14.33 -19.44 -8.58
CA LEU A 330 14.52 -19.51 -10.03
C LEU A 330 15.91 -19.98 -10.36
N ARG A 331 16.91 -19.48 -9.66
CA ARG A 331 18.31 -19.83 -9.89
C ARG A 331 18.52 -21.32 -9.68
N GLN A 332 18.00 -21.85 -8.57
CA GLN A 332 18.08 -23.24 -8.15
C GLN A 332 17.42 -24.15 -9.16
N ASN A 333 16.27 -23.74 -9.69
CA ASN A 333 15.56 -24.58 -10.65
C ASN A 333 16.25 -24.62 -12.01
N LYS A 334 16.98 -23.55 -12.39
CA LYS A 334 17.78 -23.60 -13.62
C LYS A 334 19.00 -24.48 -13.41
N GLN A 335 19.61 -24.41 -12.22
CA GLN A 335 20.74 -25.22 -11.83
C GLN A 335 20.35 -26.70 -11.86
N ALA A 336 19.15 -27.05 -11.36
CA ALA A 336 18.66 -28.43 -11.38
C ALA A 336 18.39 -28.89 -12.82
N MET A 337 17.89 -27.99 -13.67
CA MET A 337 17.60 -28.29 -15.07
C MET A 337 18.89 -28.61 -15.82
N GLN A 338 19.94 -27.81 -15.61
CA GLN A 338 21.21 -28.05 -16.29
C GLN A 338 21.98 -29.24 -15.71
N ASP A 339 21.87 -29.48 -14.39
CA ASP A 339 22.57 -30.62 -13.76
C ASP A 339 21.98 -31.95 -14.23
N ARG A 340 20.67 -31.99 -14.45
CA ARG A 340 19.96 -33.17 -14.93
C ARG A 340 20.40 -33.50 -16.37
N LEU A 341 20.55 -32.46 -17.23
CA LEU A 341 21.00 -32.68 -18.59
C LEU A 341 22.45 -33.18 -18.63
N ILE A 342 23.32 -32.60 -17.78
CA ILE A 342 24.72 -32.98 -17.66
C ILE A 342 24.89 -34.43 -17.20
N ALA A 343 24.05 -34.89 -16.26
CA ALA A 343 24.07 -36.26 -15.76
C ALA A 343 23.61 -37.24 -16.85
N TRP A 344 22.58 -36.84 -17.60
CA TRP A 344 22.04 -37.66 -18.69
C TRP A 344 23.02 -37.72 -19.87
N GLY A 345 23.74 -36.63 -20.12
CA GLY A 345 24.74 -36.57 -21.17
C GLY A 345 25.94 -37.44 -20.84
N ALA A 346 26.31 -37.51 -19.55
CA ALA A 346 27.42 -38.34 -19.08
C ALA A 346 27.08 -39.84 -19.27
N LYS A 347 25.81 -40.21 -19.02
CA LYS A 347 25.35 -41.58 -19.18
C LYS A 347 25.25 -41.97 -20.66
N GLN A 348 24.91 -41.00 -21.54
CA GLN A 348 24.80 -41.21 -22.99
C GLN A 348 26.15 -41.23 -23.73
N GLY A 349 27.24 -40.89 -23.04
CA GLY A 349 28.56 -40.80 -23.65
C GLY A 349 28.76 -39.55 -24.50
N THR A 350 27.92 -38.51 -24.31
CA THR A 350 28.03 -37.27 -25.08
C THR A 350 28.32 -36.08 -24.19
N PRO A 351 29.58 -35.63 -24.16
CA PRO A 351 29.91 -34.47 -23.30
C PRO A 351 29.55 -33.10 -23.85
N ARG A 352 28.97 -32.99 -25.05
CA ARG A 352 28.68 -31.70 -25.67
C ARG A 352 27.68 -30.80 -24.90
N TYR A 353 26.77 -31.38 -24.10
CA TYR A 353 25.79 -30.60 -23.35
C TYR A 353 26.45 -29.93 -22.18
N GLU A 354 27.35 -30.64 -21.48
CA GLU A 354 28.09 -30.10 -20.35
C GLU A 354 29.06 -29.02 -20.85
N GLU A 355 29.69 -29.24 -22.02
CA GLU A 355 30.60 -28.28 -22.64
C GLU A 355 29.83 -27.00 -23.02
N ALA A 356 28.58 -27.15 -23.50
CA ALA A 356 27.71 -26.03 -23.86
C ALA A 356 27.34 -25.17 -22.64
N VAL A 357 26.94 -25.78 -21.52
CA VAL A 357 26.59 -25.06 -20.29
C VAL A 357 27.85 -24.37 -19.73
N HIS A 358 29.01 -25.04 -19.80
CA HIS A 358 30.28 -24.46 -19.36
C HIS A 358 30.62 -23.23 -20.22
N GLU A 359 30.41 -23.29 -21.55
CA GLU A 359 30.70 -22.14 -22.41
C GLU A 359 29.83 -20.95 -22.05
N ILE A 360 28.54 -21.20 -21.71
CA ILE A 360 27.64 -20.12 -21.31
C ILE A 360 28.13 -19.48 -19.98
N ASP A 361 28.48 -20.32 -18.98
CA ASP A 361 28.97 -19.83 -17.68
C ASP A 361 30.26 -19.00 -17.85
N ALA A 362 31.19 -19.49 -18.69
CA ALA A 362 32.45 -18.80 -18.91
C ALA A 362 32.23 -17.46 -19.62
N THR A 363 31.28 -17.41 -20.57
CA THR A 363 30.99 -16.17 -21.28
C THR A 363 30.33 -15.18 -20.31
N VAL A 364 29.38 -15.64 -19.48
CA VAL A 364 28.73 -14.77 -18.49
C VAL A 364 29.76 -14.19 -17.50
N ALA A 365 30.65 -15.04 -16.96
CA ALA A 365 31.67 -14.57 -16.01
C ALA A 365 32.67 -13.61 -16.66
N LYS A 366 33.05 -13.84 -17.93
CA LYS A 366 34.01 -12.98 -18.62
C LYS A 366 33.44 -11.58 -18.95
N ARG A 367 32.16 -11.50 -19.34
CA ARG A 367 31.57 -10.20 -19.68
C ARG A 367 31.02 -9.40 -18.48
N ALA A 368 31.13 -9.93 -17.26
CA ALA A 368 30.56 -9.30 -16.06
C ALA A 368 30.91 -7.80 -15.85
N ASP A 369 32.19 -7.42 -15.86
CA ASP A 369 32.58 -6.03 -15.61
C ASP A 369 32.05 -5.08 -16.69
N LEU A 370 32.16 -5.49 -17.95
CA LEU A 370 31.68 -4.72 -19.10
C LEU A 370 30.16 -4.54 -19.05
N ARG A 371 29.40 -5.61 -18.78
CA ARG A 371 27.94 -5.55 -18.70
C ARG A 371 27.49 -4.65 -17.55
N ARG A 372 28.22 -4.70 -16.42
CA ARG A 372 27.98 -3.82 -15.28
C ARG A 372 28.20 -2.35 -15.70
N ARG A 373 29.32 -2.08 -16.37
CA ARG A 373 29.62 -0.73 -16.85
C ARG A 373 28.57 -0.24 -17.86
N TYR A 374 28.05 -1.14 -18.70
CA TYR A 374 27.04 -0.80 -19.71
C TYR A 374 25.69 -0.43 -19.05
N TRP A 375 25.20 -1.25 -18.13
CA TRP A 375 23.95 -0.98 -17.44
C TRP A 375 24.08 0.27 -16.56
N MET A 376 25.24 0.47 -15.94
CA MET A 376 25.49 1.64 -15.12
C MET A 376 25.38 2.93 -15.95
N ILE A 377 25.96 2.96 -17.15
CA ILE A 377 25.90 4.16 -17.98
C ILE A 377 24.52 4.32 -18.63
N GLU A 378 23.88 3.21 -19.02
CA GLU A 378 22.58 3.29 -19.67
C GLU A 378 21.50 3.74 -18.68
N GLU A 379 21.43 3.13 -17.51
CA GLU A 379 20.46 3.50 -16.48
C GLU A 379 20.83 4.81 -15.80
N GLY A 380 22.11 4.99 -15.51
CA GLY A 380 22.59 6.17 -14.82
C GLY A 380 22.64 7.46 -15.60
N ILE A 381 23.05 7.40 -16.88
CA ILE A 381 23.28 8.61 -17.67
C ILE A 381 22.43 8.70 -18.92
N ILE A 382 22.52 7.67 -19.84
CA ILE A 382 21.79 7.66 -21.10
C ILE A 382 20.28 7.90 -20.89
N ARG A 383 19.69 7.12 -19.97
CA ARG A 383 18.28 7.23 -19.56
C ARG A 383 18.12 8.19 -18.39
N GLY A 384 19.08 8.20 -17.48
CA GLY A 384 18.98 8.93 -16.24
C GLY A 384 19.09 10.43 -16.27
N ILE A 385 19.89 10.99 -17.20
CA ILE A 385 20.16 12.43 -17.25
C ILE A 385 19.75 13.01 -18.59
N GLU A 386 18.81 13.95 -18.59
CA GLU A 386 18.29 14.54 -19.83
C GLU A 386 19.34 15.26 -20.66
N PHE A 387 20.30 15.97 -20.02
CA PHE A 387 21.31 16.68 -20.80
C PHE A 387 22.34 15.73 -21.44
N ALA A 388 22.23 14.40 -21.24
CA ALA A 388 23.07 13.45 -21.99
C ALA A 388 22.55 13.43 -23.45
N ARG A 389 21.24 13.65 -23.67
CA ARG A 389 20.64 13.69 -24.99
C ARG A 389 20.49 15.14 -25.50
N SER A 390 21.42 16.01 -25.10
CA SER A 390 21.45 17.38 -25.59
C SER A 390 22.16 17.36 -26.99
N PRO A 391 22.06 18.47 -27.77
CA PRO A 391 22.63 18.43 -29.13
C PRO A 391 24.14 18.22 -29.26
N ILE A 392 24.50 17.32 -30.17
CA ILE A 392 25.90 17.09 -30.52
C ILE A 392 26.03 17.49 -32.00
N PRO A 393 26.83 18.52 -32.29
CA PRO A 393 27.01 18.95 -33.69
C PRO A 393 27.59 17.84 -34.56
N THR A 394 26.96 17.58 -35.69
CA THR A 394 27.42 16.53 -36.62
C THR A 394 28.73 16.94 -37.34
N GLU A 395 29.40 15.98 -38.04
CA GLU A 395 30.62 16.26 -38.82
C GLU A 395 30.29 17.26 -39.95
N ASP A 396 29.10 17.14 -40.56
CA ASP A 396 28.64 18.03 -41.63
C ASP A 396 28.24 19.41 -41.08
N GLU A 397 27.69 19.46 -39.84
CA GLU A 397 27.30 20.74 -39.23
C GLU A 397 28.55 21.53 -38.84
N THR A 398 29.56 20.87 -38.27
CA THR A 398 30.82 21.50 -37.92
C THR A 398 31.55 21.99 -39.19
N LYS A 399 31.46 21.22 -40.29
CA LYS A 399 32.09 21.61 -41.56
C LYS A 399 31.40 22.84 -42.14
N ALA A 400 30.06 22.91 -42.03
CA ALA A 400 29.28 24.04 -42.53
C ALA A 400 29.60 25.34 -41.78
N LEU A 401 29.92 25.25 -40.48
CA LEU A 401 30.26 26.42 -39.67
C LEU A 401 31.70 26.91 -39.92
N GLN A 402 32.60 26.03 -40.40
CA GLN A 402 33.99 26.38 -40.66
C GLN A 402 34.23 26.80 -42.12
N ASP A 405 32.22 29.10 -44.73
CA ASP A 405 32.09 30.39 -45.40
C ASP A 405 31.17 30.32 -46.62
N ALA A 406 29.86 30.12 -46.36
CA ALA A 406 28.77 29.99 -47.34
C ALA A 406 27.37 30.23 -46.64
N SER A 407 26.22 30.17 -47.36
CA SER A 407 24.90 30.28 -46.69
C SER A 407 24.54 29.02 -45.87
N ALA A 408 25.38 27.96 -45.95
CA ALA A 408 25.22 26.71 -45.21
C ALA A 408 25.45 26.87 -43.69
N ARG A 409 25.95 28.06 -43.24
CA ARG A 409 26.18 28.41 -41.84
C ARG A 409 24.81 28.58 -41.15
N LYS A 410 23.92 29.40 -41.72
CA LYS A 410 22.57 29.57 -41.19
C LYS A 410 21.72 28.28 -41.27
N GLU A 411 22.08 27.38 -42.20
CA GLU A 411 21.42 26.09 -42.37
C GLU A 411 21.82 25.18 -41.19
N ALA A 412 23.11 25.19 -40.83
CA ALA A 412 23.68 24.39 -39.74
C ALA A 412 23.14 24.88 -38.40
N ILE A 413 23.04 26.20 -38.21
CA ILE A 413 22.50 26.80 -37.01
C ILE A 413 21.03 26.51 -36.85
N ASP A 414 20.25 26.49 -37.94
CA ASP A 414 18.81 26.18 -37.84
C ASP A 414 18.57 24.72 -37.48
N LYS A 415 19.47 23.83 -37.92
CA LYS A 415 19.37 22.40 -37.60
C LYS A 415 19.74 22.19 -36.11
N ILE A 416 20.84 22.83 -35.65
CA ILE A 416 21.26 22.75 -34.25
C ILE A 416 20.19 23.35 -33.35
N ARG A 417 19.57 24.47 -33.77
CA ARG A 417 18.49 25.13 -33.03
C ARG A 417 17.29 24.23 -32.87
N THR A 418 16.90 23.52 -33.95
CA THR A 418 15.75 22.63 -33.91
C THR A 418 15.94 21.52 -32.87
N ARG A 419 17.17 20.99 -32.79
CA ARG A 419 17.54 19.94 -31.84
C ARG A 419 17.63 20.51 -30.42
N TYR A 420 18.11 21.75 -30.27
CA TYR A 420 18.19 22.39 -28.96
C TYR A 420 16.75 22.60 -28.44
N SER A 421 15.86 23.09 -29.29
CA SER A 421 14.47 23.35 -28.96
C SER A 421 13.71 22.06 -28.62
N LYS A 422 14.11 20.92 -29.20
CA LYS A 422 13.49 19.63 -28.90
C LYS A 422 14.01 19.09 -27.56
N PHE A 423 15.28 19.36 -27.21
CA PHE A 423 15.86 18.96 -25.93
C PHE A 423 15.29 19.86 -24.79
N ALA A 424 15.42 21.18 -24.93
CA ALA A 424 14.90 22.12 -23.96
C ALA A 424 13.45 22.47 -24.37
N ASN A 425 12.54 21.50 -24.29
CA ASN A 425 11.14 21.73 -24.68
C ASN A 425 10.28 22.24 -23.49
N LYS A 426 8.95 22.36 -23.68
CA LYS A 426 8.05 22.85 -22.64
C LYS A 426 8.04 22.01 -21.36
N ASP A 427 8.51 20.76 -21.44
CA ASP A 427 8.58 19.83 -20.33
C ASP A 427 9.98 19.70 -19.71
N TYR A 428 10.97 20.42 -20.23
CA TYR A 428 12.33 20.32 -19.70
C TYR A 428 12.64 21.39 -18.65
N SER A 429 13.10 20.96 -17.48
CA SER A 429 13.54 21.89 -16.45
C SER A 429 15.04 21.64 -16.25
N ALA A 430 15.87 22.66 -16.53
CA ALA A 430 17.32 22.61 -16.34
C ALA A 430 17.65 22.43 -14.85
N GLU A 431 16.86 23.06 -13.97
CA GLU A 431 17.01 22.96 -12.52
C GLU A 431 16.71 21.53 -12.00
N VAL A 432 15.63 20.92 -12.48
CA VAL A 432 15.30 19.54 -12.10
C VAL A 432 16.38 18.60 -12.66
N ASP A 433 16.80 18.82 -13.90
CA ASP A 433 17.84 18.03 -14.52
C ASP A 433 19.19 18.14 -13.81
N LYS A 434 19.57 19.34 -13.34
CA LYS A 434 20.80 19.50 -12.56
C LYS A 434 20.69 18.70 -11.26
N LYS A 435 19.54 18.72 -10.58
CA LYS A 435 19.33 17.93 -9.35
C LYS A 435 19.40 16.44 -9.60
N VAL A 436 18.73 15.96 -10.65
CA VAL A 436 18.77 14.55 -11.01
C VAL A 436 20.22 14.14 -11.37
N ALA A 437 20.90 14.94 -12.21
CA ALA A 437 22.28 14.64 -12.60
C ALA A 437 23.23 14.61 -11.44
N VAL A 438 23.07 15.50 -10.44
CA VAL A 438 23.96 15.49 -9.29
C VAL A 438 23.79 14.17 -8.51
N ALA A 439 22.54 13.72 -8.28
CA ALA A 439 22.32 12.46 -7.57
C ALA A 439 22.78 11.24 -8.40
N MET A 440 22.45 11.22 -9.70
CA MET A 440 22.82 10.10 -10.60
C MET A 440 24.31 9.97 -10.80
N LEU A 441 25.01 11.10 -11.04
CA LEU A 441 26.47 11.08 -11.22
C LEU A 441 27.18 10.76 -9.93
N THR A 442 26.66 11.18 -8.77
CA THR A 442 27.27 10.83 -7.47
C THR A 442 27.30 9.30 -7.32
N GLU A 443 26.18 8.62 -7.63
CA GLU A 443 26.11 7.18 -7.58
C GLU A 443 27.04 6.53 -8.64
N TYR A 444 26.97 7.02 -9.89
CA TYR A 444 27.78 6.54 -11.00
C TYR A 444 29.29 6.62 -10.70
N LEU A 445 29.76 7.78 -10.20
CA LEU A 445 31.16 8.03 -9.84
C LEU A 445 31.66 7.15 -8.68
N LYS A 446 30.77 6.77 -7.79
CA LYS A 446 31.06 5.83 -6.69
C LYS A 446 31.20 4.38 -7.24
N GLU A 447 30.46 4.04 -8.30
CA GLU A 447 30.49 2.68 -8.85
C GLU A 447 31.49 2.41 -9.96
N ILE A 448 31.81 3.44 -10.75
CA ILE A 448 32.68 3.30 -11.91
C ILE A 448 34.03 3.96 -11.66
N PRO A 449 35.12 3.19 -11.68
CA PRO A 449 36.43 3.78 -11.39
C PRO A 449 36.88 4.79 -12.45
N TYR A 450 37.77 5.72 -12.04
CA TYR A 450 38.32 6.77 -12.88
C TYR A 450 38.77 6.29 -14.25
N GLU A 451 39.56 5.20 -14.31
CA GLU A 451 40.06 4.69 -15.59
C GLU A 451 38.96 4.12 -16.50
N ASN A 452 37.75 3.91 -15.98
CA ASN A 452 36.61 3.40 -16.76
C ASN A 452 35.52 4.47 -17.02
N LEU A 453 35.77 5.73 -16.63
CA LEU A 453 34.79 6.80 -16.79
C LEU A 453 34.77 7.33 -18.21
N PRO A 454 33.61 7.83 -18.70
CA PRO A 454 33.62 8.63 -19.93
C PRO A 454 34.58 9.83 -19.70
N LEU A 455 35.48 10.08 -20.65
CA LEU A 455 36.55 11.07 -20.55
C LEU A 455 36.16 12.39 -19.84
N HIS A 456 35.02 13.01 -20.17
CA HIS A 456 34.62 14.26 -19.54
C HIS A 456 34.37 14.14 -18.04
N LEU A 457 33.88 12.97 -17.58
CA LEU A 457 33.61 12.75 -16.15
C LEU A 457 34.86 12.69 -15.29
N ARG A 458 36.04 12.52 -15.89
CA ARG A 458 37.32 12.59 -15.19
C ARG A 458 37.55 14.00 -14.63
N LEU A 459 36.91 15.05 -15.22
CA LEU A 459 37.01 16.43 -14.74
C LEU A 459 36.46 16.61 -13.33
N VAL A 460 35.58 15.70 -12.86
CA VAL A 460 35.04 15.81 -11.51
C VAL A 460 36.18 15.70 -10.50
N LYS A 461 37.06 14.72 -10.65
CA LYS A 461 38.22 14.58 -9.75
C LYS A 461 39.35 15.57 -10.11
N ASP A 462 39.66 15.68 -11.40
CA ASP A 462 40.78 16.48 -11.87
C ASP A 462 40.62 18.01 -11.78
N ARG A 463 39.47 18.54 -12.21
CA ARG A 463 39.24 19.97 -12.26
C ARG A 463 38.34 20.50 -11.15
N PHE A 464 37.39 19.67 -10.66
CA PHE A 464 36.42 20.17 -9.68
C PHE A 464 36.61 19.64 -8.26
N ALA A 465 37.78 19.05 -7.96
CA ALA A 465 38.09 18.52 -6.62
C ALA A 465 37.01 17.59 -6.04
N GLY A 466 36.41 16.78 -6.91
CA GLY A 466 35.36 15.84 -6.53
C GLY A 466 33.97 16.43 -6.33
N ASP A 467 33.81 17.74 -6.57
CA ASP A 467 32.51 18.40 -6.38
C ASP A 467 31.62 18.21 -7.62
N VAL A 468 30.68 17.25 -7.54
CA VAL A 468 29.76 16.91 -8.61
C VAL A 468 28.83 18.10 -8.90
N GLN A 469 28.34 18.77 -7.85
CA GLN A 469 27.46 19.93 -7.99
C GLN A 469 28.12 21.05 -8.79
N ALA A 470 29.42 21.32 -8.53
CA ALA A 470 30.17 22.36 -9.23
C ALA A 470 30.40 21.98 -10.69
N TYR A 471 30.66 20.72 -10.95
CA TYR A 471 30.87 20.21 -12.30
C TYR A 471 29.58 20.39 -13.11
N VAL A 472 28.43 20.02 -12.54
CA VAL A 472 27.13 20.15 -13.21
C VAL A 472 26.77 21.62 -13.40
N ASP A 473 26.97 22.47 -12.36
CA ASP A 473 26.71 23.90 -12.43
C ASP A 473 27.54 24.54 -13.54
N ASP A 474 28.81 24.11 -13.67
CA ASP A 474 29.70 24.63 -14.69
C ASP A 474 29.23 24.27 -16.11
N ILE A 475 28.70 23.04 -16.30
CA ILE A 475 28.18 22.57 -17.58
C ILE A 475 27.09 23.53 -18.09
N PHE A 476 26.15 23.89 -17.23
CA PHE A 476 25.05 24.78 -17.58
C PHE A 476 25.46 26.25 -17.65
N ALA A 477 26.38 26.68 -16.79
CA ALA A 477 26.80 28.09 -16.76
C ALA A 477 27.56 28.49 -18.02
N ARG A 478 28.36 27.57 -18.58
CA ARG A 478 29.20 27.86 -19.72
C ARG A 478 28.70 27.29 -21.04
N SER A 479 27.72 26.40 -21.01
CA SER A 479 27.23 25.79 -22.25
C SER A 479 26.28 26.65 -23.03
N VAL A 480 26.43 26.51 -24.34
CA VAL A 480 25.59 27.05 -25.38
C VAL A 480 24.14 26.51 -25.23
N PHE A 481 23.96 25.31 -24.68
CA PHE A 481 22.64 24.73 -24.46
C PHE A 481 22.16 24.85 -22.99
N GLY A 482 22.85 25.66 -22.18
CA GLY A 482 22.53 25.88 -20.78
C GLY A 482 21.28 26.71 -20.56
N SER A 483 20.93 27.54 -21.52
CA SER A 483 19.73 28.40 -21.48
C SER A 483 19.41 28.94 -22.88
N GLU A 484 18.22 29.53 -23.06
CA GLU A 484 17.83 30.08 -24.34
C GLU A 484 18.75 31.24 -24.72
N ALA A 485 19.06 32.14 -23.76
CA ALA A 485 19.92 33.29 -24.00
C ALA A 485 21.34 32.86 -24.38
N GLN A 486 21.82 31.75 -23.80
CA GLN A 486 23.16 31.24 -24.12
C GLN A 486 23.19 30.65 -25.51
N PHE A 487 22.10 30.00 -25.95
CA PHE A 487 22.04 29.47 -27.29
C PHE A 487 22.00 30.60 -28.30
N ASP A 488 21.09 31.58 -28.11
CA ASP A 488 20.97 32.72 -29.01
C ASP A 488 22.26 33.51 -29.15
N ALA A 489 23.04 33.62 -28.04
CA ALA A 489 24.34 34.32 -28.13
C ALA A 489 25.33 33.54 -29.00
N PHE A 490 25.27 32.20 -28.95
CA PHE A 490 26.10 31.35 -29.78
C PHE A 490 25.64 31.46 -31.24
N ALA A 491 24.32 31.34 -31.48
CA ALA A 491 23.72 31.40 -32.79
C ALA A 491 24.02 32.70 -33.54
N ALA A 492 24.20 33.81 -32.81
CA ALA A 492 24.54 35.10 -33.41
C ALA A 492 25.99 35.14 -33.86
N VAL A 493 26.90 34.56 -33.09
CA VAL A 493 28.32 34.55 -33.42
C VAL A 493 28.82 33.09 -33.28
N PRO A 494 28.46 32.20 -34.22
CA PRO A 494 28.86 30.80 -34.07
C PRO A 494 30.29 30.50 -34.49
N SER A 495 31.01 29.77 -33.65
CA SER A 495 32.36 29.34 -33.99
C SER A 495 32.51 27.86 -33.63
N VAL A 496 33.18 27.09 -34.51
CA VAL A 496 33.42 25.66 -34.31
C VAL A 496 34.15 25.40 -32.97
N GLU A 497 35.08 26.30 -32.63
CA GLU A 497 35.91 26.26 -31.44
C GLU A 497 35.08 26.37 -30.17
N LYS A 498 33.96 27.12 -30.22
CA LYS A 498 33.05 27.27 -29.09
C LYS A 498 32.35 25.94 -28.84
N LEU A 499 31.91 25.26 -29.92
CA LEU A 499 31.24 23.97 -29.84
C LEU A 499 32.19 22.86 -29.42
N ALA A 500 33.43 22.88 -29.92
CA ALA A 500 34.44 21.86 -29.62
C ALA A 500 34.87 21.86 -28.15
N GLU A 501 34.74 23.00 -27.47
CA GLU A 501 35.10 23.12 -26.06
C GLU A 501 33.86 23.26 -25.14
N ASP A 502 32.64 23.17 -25.69
CA ASP A 502 31.43 23.28 -24.91
C ASP A 502 31.32 22.14 -23.89
N PRO A 503 31.17 22.48 -22.59
CA PRO A 503 31.10 21.44 -21.56
C PRO A 503 29.94 20.45 -21.69
N MET A 504 28.76 20.93 -22.15
CA MET A 504 27.63 20.02 -22.34
C MET A 504 27.85 19.16 -23.59
N VAL A 505 28.43 19.71 -24.67
CA VAL A 505 28.70 18.92 -25.88
C VAL A 505 29.71 17.82 -25.56
N LEU A 506 30.77 18.16 -24.84
CA LEU A 506 31.82 17.24 -24.43
C LEU A 506 31.27 16.16 -23.51
N PHE A 507 30.33 16.52 -22.60
CA PHE A 507 29.70 15.56 -21.70
C PHE A 507 28.90 14.56 -22.54
N ALA A 508 27.97 15.07 -23.40
CA ALA A 508 27.10 14.26 -24.20
C ALA A 508 27.87 13.34 -25.15
N SER A 509 28.91 13.88 -25.81
CA SER A 509 29.78 13.14 -26.73
C SER A 509 30.52 12.07 -25.96
N SER A 510 31.12 12.45 -24.84
CA SER A 510 31.89 11.55 -23.99
C SER A 510 31.07 10.37 -23.48
N VAL A 511 29.84 10.61 -23.01
CA VAL A 511 29.02 9.54 -22.46
C VAL A 511 28.50 8.64 -23.59
N PHE A 512 28.15 9.21 -24.75
CA PHE A 512 27.70 8.39 -25.87
C PHE A 512 28.86 7.59 -26.47
N ASP A 513 30.09 8.11 -26.43
CA ASP A 513 31.26 7.37 -26.91
C ASP A 513 31.48 6.14 -26.04
N GLU A 514 31.36 6.28 -24.73
CA GLU A 514 31.58 5.18 -23.80
C GLU A 514 30.45 4.13 -23.90
N TYR A 515 29.22 4.58 -24.06
CA TYR A 515 28.04 3.74 -24.23
C TYR A 515 28.20 2.86 -25.50
N ARG A 516 28.69 3.46 -26.61
CA ARG A 516 28.93 2.73 -27.86
C ARG A 516 30.15 1.81 -27.79
N LYS A 517 31.24 2.24 -27.14
CA LYS A 517 32.42 1.41 -26.97
C LYS A 517 32.07 0.16 -26.13
N LEU A 518 31.24 0.32 -25.09
CA LEU A 518 30.81 -0.80 -24.23
C LEU A 518 29.90 -1.74 -25.00
N TYR A 519 28.97 -1.18 -25.79
CA TYR A 519 28.07 -1.97 -26.62
C TYR A 519 28.88 -2.82 -27.63
N ASN A 520 29.83 -2.21 -28.32
CA ASN A 520 30.65 -2.89 -29.33
C ASN A 520 31.56 -3.95 -28.72
N GLU A 521 32.04 -3.73 -27.50
CA GLU A 521 32.89 -4.70 -26.81
C GLU A 521 32.06 -5.87 -26.28
N LEU A 522 30.79 -5.64 -25.91
CA LEU A 522 29.91 -6.66 -25.38
C LEU A 522 29.22 -7.54 -26.43
N ARG A 523 28.92 -6.97 -27.60
CA ARG A 523 28.25 -7.69 -28.69
C ARG A 523 28.89 -9.05 -29.04
N PRO A 524 30.23 -9.17 -29.17
CA PRO A 524 30.82 -10.49 -29.47
C PRO A 524 30.53 -11.62 -28.47
N TYR A 525 30.12 -11.30 -27.23
CA TYR A 525 29.81 -12.34 -26.25
C TYR A 525 28.45 -13.00 -26.46
N ASP A 526 27.56 -12.38 -27.25
CA ASP A 526 26.23 -12.96 -27.49
C ASP A 526 26.29 -14.27 -28.29
N ASP A 527 27.14 -14.29 -29.33
CA ASP A 527 27.26 -15.40 -30.27
C ASP A 527 27.68 -16.73 -29.62
N PRO A 528 28.73 -16.80 -28.77
CA PRO A 528 29.05 -18.10 -28.13
C PRO A 528 27.91 -18.63 -27.27
N ILE A 529 27.15 -17.73 -26.62
CA ILE A 529 26.00 -18.12 -25.78
C ILE A 529 24.89 -18.67 -26.65
N LEU A 530 24.57 -17.97 -27.75
CA LEU A 530 23.55 -18.43 -28.69
C LEU A 530 23.90 -19.82 -29.28
N ARG A 531 25.15 -20.01 -29.74
CA ARG A 531 25.56 -21.30 -30.29
C ARG A 531 25.50 -22.43 -29.23
N ALA A 532 25.90 -22.11 -27.98
CA ALA A 532 25.83 -23.08 -26.91
C ALA A 532 24.38 -23.40 -26.51
N GLN A 533 23.46 -22.43 -26.63
CA GLN A 533 22.03 -22.64 -26.35
C GLN A 533 21.38 -23.54 -27.38
N ARG A 534 21.88 -23.52 -28.64
CA ARG A 534 21.35 -24.42 -29.67
C ARG A 534 21.61 -25.86 -29.23
N THR A 535 22.85 -26.16 -28.76
CA THR A 535 23.22 -27.49 -28.26
C THR A 535 22.50 -27.81 -26.93
N TYR A 536 22.46 -26.85 -26.00
CA TYR A 536 21.79 -27.00 -24.71
C TYR A 536 20.31 -27.39 -24.87
N ILE A 537 19.53 -26.61 -25.64
CA ILE A 537 18.11 -26.87 -25.84
C ILE A 537 17.89 -28.16 -26.63
N ALA A 538 18.80 -28.49 -27.58
CA ALA A 538 18.70 -29.77 -28.30
C ALA A 538 18.78 -30.97 -27.33
N GLY A 539 19.69 -30.88 -26.36
CA GLY A 539 19.84 -31.89 -25.34
C GLY A 539 18.61 -31.97 -24.45
N LEU A 540 18.11 -30.81 -23.97
CA LEU A 540 16.92 -30.74 -23.14
C LEU A 540 15.73 -31.42 -23.83
N LEU A 541 15.51 -31.14 -25.12
CA LEU A 541 14.42 -31.72 -25.92
C LEU A 541 14.62 -33.21 -26.19
N GLU A 542 15.85 -33.64 -26.49
CA GLU A 542 16.15 -35.05 -26.69
C GLU A 542 15.95 -35.86 -25.38
N MET A 543 16.22 -35.25 -24.24
CA MET A 543 16.09 -35.88 -22.94
C MET A 543 14.64 -35.92 -22.41
N ASP A 544 13.96 -34.77 -22.32
CA ASP A 544 12.64 -34.70 -21.71
C ASP A 544 11.47 -34.43 -22.67
N GLY A 545 11.76 -34.33 -23.96
CA GLY A 545 10.75 -34.12 -24.98
C GLY A 545 10.17 -32.73 -25.10
N ASP A 546 9.58 -32.44 -26.28
CA ASP A 546 8.90 -31.19 -26.62
C ASP A 546 7.45 -31.38 -26.17
N GLN A 547 7.29 -31.65 -24.87
CA GLN A 547 5.97 -31.92 -24.34
C GLN A 547 5.71 -31.06 -23.14
N ASP A 548 6.66 -30.93 -22.21
CA ASP A 548 6.45 -30.07 -21.02
C ASP A 548 7.46 -28.87 -20.94
N GLN A 549 8.26 -28.64 -22.02
CA GLN A 549 9.16 -27.52 -22.25
C GLN A 549 8.87 -26.87 -23.62
N PHE A 550 8.24 -25.70 -23.54
CA PHE A 550 7.76 -24.88 -24.64
C PHE A 550 8.91 -24.06 -25.25
N PRO A 551 8.81 -23.68 -26.53
CA PRO A 551 9.88 -22.84 -27.12
C PRO A 551 9.76 -21.42 -26.61
N ASP A 552 10.88 -20.72 -26.41
CA ASP A 552 10.83 -19.32 -25.97
C ASP A 552 9.92 -18.47 -26.90
N ALA A 553 9.17 -17.54 -26.33
CA ALA A 553 8.35 -16.61 -27.10
C ALA A 553 9.24 -15.82 -28.08
N ASN A 554 8.73 -15.55 -29.32
CA ASN A 554 9.51 -14.81 -30.32
C ASN A 554 8.59 -14.02 -31.25
N LEU A 555 7.51 -13.45 -30.68
CA LEU A 555 6.47 -12.69 -31.38
C LEU A 555 5.71 -13.53 -32.41
N THR A 556 5.56 -14.83 -32.14
CA THR A 556 4.79 -15.70 -33.01
C THR A 556 3.56 -16.20 -32.27
N LEU A 557 2.55 -16.64 -33.04
CA LEU A 557 1.28 -17.12 -32.53
C LEU A 557 1.44 -18.33 -31.61
N ARG A 558 0.93 -18.21 -30.38
CA ARG A 558 0.99 -19.29 -29.40
C ARG A 558 -0.34 -19.45 -28.70
N PHE A 559 -0.56 -20.65 -28.13
CA PHE A 559 -1.72 -20.87 -27.29
C PHE A 559 -1.23 -21.24 -25.88
N THR A 560 -2.03 -20.90 -24.89
CA THR A 560 -1.78 -21.21 -23.49
C THR A 560 -3.13 -21.54 -22.88
N TYR A 561 -3.14 -22.43 -21.90
CA TYR A 561 -4.39 -22.83 -21.24
C TYR A 561 -4.16 -22.91 -19.75
N GLY A 562 -5.23 -22.69 -19.01
CA GLY A 562 -5.21 -22.77 -17.55
C GLY A 562 -6.61 -22.72 -17.00
N GLN A 563 -6.76 -22.15 -15.83
CA GLN A 563 -8.06 -22.03 -15.19
C GLN A 563 -8.25 -20.66 -14.59
N VAL A 564 -9.50 -20.25 -14.42
CA VAL A 564 -9.87 -19.01 -13.75
C VAL A 564 -9.64 -19.26 -12.25
N LYS A 565 -8.59 -18.64 -11.70
CA LYS A 565 -8.20 -18.89 -10.30
C LYS A 565 -7.47 -17.70 -9.72
N GLY A 566 -7.78 -17.37 -8.47
CA GLY A 566 -7.07 -16.33 -7.75
C GLY A 566 -5.81 -16.90 -7.11
N TYR A 567 -5.24 -16.22 -6.12
CA TYR A 567 -4.01 -16.67 -5.44
C TYR A 567 -3.80 -15.92 -4.14
N SER A 568 -2.89 -16.41 -3.30
CA SER A 568 -2.51 -15.78 -2.04
C SER A 568 -1.16 -15.04 -2.21
N PRO A 569 -1.18 -13.70 -2.24
CA PRO A 569 0.07 -12.95 -2.45
C PRO A 569 1.05 -13.04 -1.26
N ARG A 570 0.51 -13.17 -0.05
CA ARG A 570 1.27 -13.19 1.17
C ARG A 570 0.42 -13.82 2.29
N ASP A 571 1.05 -14.10 3.44
CA ASP A 571 0.43 -14.70 4.61
C ASP A 571 -0.89 -14.04 5.00
N ASN A 572 -1.94 -14.86 5.05
CA ASN A 572 -3.27 -14.48 5.47
C ASN A 572 -4.04 -13.57 4.49
N VAL A 573 -3.59 -13.47 3.25
CA VAL A 573 -4.23 -12.62 2.26
C VAL A 573 -4.61 -13.43 1.02
N TYR A 574 -5.88 -13.34 0.59
CA TYR A 574 -6.30 -14.05 -0.62
C TYR A 574 -6.95 -13.09 -1.58
N TYR A 575 -6.53 -13.16 -2.85
CA TYR A 575 -7.09 -12.38 -3.92
C TYR A 575 -7.91 -13.38 -4.71
N GLY A 576 -9.21 -13.15 -4.81
CA GLY A 576 -10.07 -14.04 -5.58
C GLY A 576 -9.87 -13.95 -7.09
N HIS A 577 -10.63 -14.73 -7.82
CA HIS A 577 -10.51 -14.83 -9.26
C HIS A 577 -11.28 -13.73 -10.02
N GLN A 578 -12.19 -12.99 -9.38
CA GLN A 578 -13.04 -12.03 -10.10
C GLN A 578 -13.25 -10.69 -9.41
N THR A 579 -13.10 -9.58 -10.15
CA THR A 579 -13.44 -8.27 -9.59
C THR A 579 -14.85 -7.86 -10.07
N THR A 580 -15.46 -6.91 -9.39
CA THR A 580 -16.81 -6.44 -9.70
C THR A 580 -16.86 -4.90 -9.82
N LEU A 581 -17.98 -4.37 -10.34
CA LEU A 581 -18.20 -2.94 -10.46
C LEU A 581 -18.19 -2.22 -9.10
N ASP A 582 -18.51 -2.94 -8.00
CA ASP A 582 -18.43 -2.39 -6.64
C ASP A 582 -16.97 -1.99 -6.31
N GLY A 583 -15.99 -2.74 -6.83
CA GLY A 583 -14.59 -2.46 -6.64
C GLY A 583 -14.15 -1.17 -7.31
N VAL A 584 -14.78 -0.84 -8.45
CA VAL A 584 -14.55 0.42 -9.16
C VAL A 584 -15.07 1.57 -8.26
N MET A 585 -16.29 1.39 -7.70
CA MET A 585 -16.92 2.40 -6.85
C MET A 585 -16.15 2.62 -5.53
N GLU A 586 -15.57 1.56 -4.97
CA GLU A 586 -14.74 1.67 -3.76
C GLU A 586 -13.48 2.49 -4.03
N LYS A 587 -12.93 2.40 -5.26
CA LYS A 587 -11.71 3.10 -5.65
C LYS A 587 -11.92 4.53 -6.12
N GLU A 588 -13.17 4.94 -6.39
CA GLU A 588 -13.46 6.31 -6.84
C GLU A 588 -12.87 7.41 -5.96
N ASP A 589 -12.16 8.37 -6.59
CA ASP A 589 -11.54 9.53 -5.98
C ASP A 589 -11.66 10.60 -7.05
N PRO A 590 -12.66 11.49 -6.95
CA PRO A 590 -12.86 12.48 -8.01
C PRO A 590 -11.73 13.48 -8.21
N ASP A 591 -10.88 13.69 -7.20
CA ASP A 591 -9.77 14.65 -7.34
C ASP A 591 -8.42 13.96 -7.61
N ASN A 592 -8.46 12.76 -8.21
CA ASN A 592 -7.30 11.97 -8.62
C ASN A 592 -7.68 11.43 -9.99
N TRP A 593 -7.10 12.01 -11.08
CA TRP A 593 -7.42 11.68 -12.47
C TRP A 593 -7.43 10.18 -12.77
N GLU A 594 -6.58 9.41 -12.07
CA GLU A 594 -6.48 7.97 -12.26
C GLU A 594 -7.72 7.24 -11.80
N PHE A 595 -8.40 7.73 -10.77
CA PHE A 595 -9.54 7.02 -10.20
C PHE A 595 -10.86 7.76 -10.30
N VAL A 596 -11.04 8.58 -11.35
CA VAL A 596 -12.32 9.22 -11.57
C VAL A 596 -13.27 8.19 -12.20
N VAL A 597 -14.55 8.22 -11.82
CA VAL A 597 -15.53 7.28 -12.35
C VAL A 597 -16.48 8.01 -13.30
N ASP A 598 -16.66 7.44 -14.49
CA ASP A 598 -17.55 7.96 -15.52
C ASP A 598 -18.98 8.07 -14.96
N PRO A 599 -19.59 9.25 -15.06
CA PRO A 599 -20.92 9.44 -14.46
C PRO A 599 -21.99 8.49 -15.02
N LYS A 600 -21.93 8.17 -16.31
CA LYS A 600 -22.89 7.24 -16.91
C LYS A 600 -22.71 5.83 -16.31
N LEU A 601 -21.45 5.43 -16.03
CA LEU A 601 -21.11 4.15 -15.42
C LEU A 601 -21.55 4.11 -13.94
N LYS A 602 -21.33 5.20 -13.21
CA LYS A 602 -21.75 5.29 -11.82
C LYS A 602 -23.30 5.15 -11.72
N ALA A 603 -24.03 5.75 -12.66
CA ALA A 603 -25.49 5.66 -12.71
C ALA A 603 -25.95 4.21 -12.99
N VAL A 604 -25.29 3.50 -13.92
CA VAL A 604 -25.57 2.09 -14.24
C VAL A 604 -25.44 1.24 -12.97
N TYR A 605 -24.39 1.49 -12.19
CA TYR A 605 -24.16 0.80 -10.93
C TYR A 605 -25.24 1.12 -9.89
N GLU A 606 -25.60 2.40 -9.72
CA GLU A 606 -26.62 2.79 -8.75
C GLU A 606 -27.99 2.21 -9.10
N ARG A 607 -28.34 2.22 -10.38
CA ARG A 607 -29.62 1.67 -10.84
C ARG A 607 -29.60 0.14 -11.06
N LYS A 608 -28.42 -0.51 -10.95
CA LYS A 608 -28.23 -1.95 -11.22
C LYS A 608 -28.70 -2.29 -12.62
N ASP A 609 -28.45 -1.38 -13.60
CA ASP A 609 -28.88 -1.56 -14.97
C ASP A 609 -27.84 -2.44 -15.67
N PHE A 610 -27.75 -3.70 -15.25
CA PHE A 610 -26.77 -4.65 -15.75
C PHE A 610 -27.25 -5.59 -16.83
N GLY A 611 -28.56 -5.59 -17.12
CA GLY A 611 -29.15 -6.44 -18.15
C GLY A 611 -28.78 -7.90 -18.03
N ARG A 612 -28.38 -8.51 -19.15
CA ARG A 612 -27.96 -9.91 -19.15
C ARG A 612 -26.46 -10.12 -18.83
N TYR A 613 -25.73 -9.02 -18.54
CA TYR A 613 -24.29 -8.97 -18.30
C TYR A 613 -23.90 -9.28 -16.86
N ALA A 614 -24.84 -9.16 -15.89
CA ALA A 614 -24.50 -9.43 -14.49
C ALA A 614 -24.36 -10.93 -14.21
N ASP A 615 -23.64 -11.30 -13.16
CA ASP A 615 -23.52 -12.71 -12.79
C ASP A 615 -24.79 -13.21 -12.05
N ARG A 616 -24.92 -14.53 -11.85
CA ARG A 616 -26.07 -15.17 -11.20
C ARG A 616 -26.55 -14.45 -9.93
N SER A 617 -25.62 -13.90 -9.13
CA SER A 617 -25.95 -13.20 -7.89
C SER A 617 -26.34 -11.72 -8.04
N GLY A 618 -26.43 -11.23 -9.27
CA GLY A 618 -26.78 -9.84 -9.52
C GLY A 618 -25.64 -8.85 -9.43
N ARG A 619 -24.40 -9.37 -9.25
CA ARG A 619 -23.19 -8.57 -9.17
C ARG A 619 -22.66 -8.31 -10.57
N MET A 620 -22.10 -7.13 -10.82
CA MET A 620 -21.59 -6.82 -12.15
C MET A 620 -20.10 -7.13 -12.26
N PRO A 621 -19.71 -8.17 -13.03
CA PRO A 621 -18.28 -8.50 -13.13
C PRO A 621 -17.48 -7.47 -13.92
N VAL A 622 -16.20 -7.30 -13.61
CA VAL A 622 -15.36 -6.36 -14.32
C VAL A 622 -14.18 -7.09 -14.97
N ALA A 623 -13.38 -7.77 -14.15
CA ALA A 623 -12.17 -8.44 -14.59
C ALA A 623 -12.02 -9.78 -13.89
N PHE A 624 -11.24 -10.69 -14.49
CA PHE A 624 -10.93 -11.94 -13.83
C PHE A 624 -9.47 -12.28 -14.08
N CYS A 625 -8.92 -13.25 -13.35
CA CYS A 625 -7.54 -13.67 -13.57
C CYS A 625 -7.45 -15.17 -13.79
N ALA A 626 -6.44 -15.62 -14.54
CA ALA A 626 -6.31 -17.04 -14.88
C ALA A 626 -4.86 -17.52 -14.82
N THR A 627 -4.68 -18.84 -14.69
CA THR A 627 -3.36 -19.44 -14.62
C THR A 627 -2.73 -19.68 -16.00
N THR A 628 -3.19 -18.95 -17.03
CA THR A 628 -2.60 -18.99 -18.35
C THR A 628 -1.22 -18.31 -18.26
N HIS A 629 -0.34 -18.69 -19.21
CA HIS A 629 1.01 -18.21 -19.25
C HIS A 629 1.16 -17.17 -20.36
N THR A 630 1.22 -15.90 -19.97
CA THR A 630 1.31 -14.80 -20.90
C THR A 630 2.50 -13.89 -20.59
N THR A 631 2.83 -13.04 -21.57
CA THR A 631 3.87 -12.03 -21.45
C THR A 631 3.54 -10.84 -22.37
N GLY A 632 4.37 -9.79 -22.37
CA GLY A 632 4.24 -8.67 -23.31
C GLY A 632 4.09 -9.14 -24.75
N GLY A 633 3.12 -8.60 -25.45
CA GLY A 633 2.72 -9.06 -26.76
C GLY A 633 1.36 -9.74 -26.67
N ASN A 634 0.96 -10.22 -25.46
CA ASN A 634 -0.33 -10.86 -25.23
C ASN A 634 -1.45 -9.85 -24.89
N SER A 635 -1.16 -8.54 -24.81
CA SER A 635 -2.20 -7.54 -24.58
C SER A 635 -3.24 -7.58 -25.73
N GLY A 636 -4.50 -7.65 -25.38
CA GLY A 636 -5.59 -7.70 -26.35
C GLY A 636 -6.01 -9.10 -26.73
N SER A 637 -5.28 -10.14 -26.25
CA SER A 637 -5.54 -11.55 -26.61
C SER A 637 -6.92 -12.05 -26.27
N PRO A 638 -7.53 -12.85 -27.16
CA PRO A 638 -8.82 -13.44 -26.83
C PRO A 638 -8.69 -14.49 -25.73
N VAL A 639 -9.61 -14.46 -24.77
CA VAL A 639 -9.66 -15.45 -23.73
C VAL A 639 -10.90 -16.29 -24.03
N MET A 640 -10.69 -17.58 -24.23
CA MET A 640 -11.77 -18.49 -24.57
C MET A 640 -12.15 -19.42 -23.42
N ASN A 641 -13.42 -19.76 -23.43
CA ASN A 641 -14.17 -20.78 -22.72
C ASN A 641 -13.64 -22.18 -23.12
N ALA A 642 -14.16 -23.23 -22.46
CA ALA A 642 -13.97 -24.61 -22.83
C ALA A 642 -14.56 -24.89 -24.25
N ASN A 643 -15.57 -24.10 -24.67
CA ASN A 643 -16.21 -24.18 -25.98
C ASN A 643 -15.62 -23.21 -27.02
N GLY A 644 -14.58 -22.48 -26.67
CA GLY A 644 -13.96 -21.52 -27.60
C GLY A 644 -14.65 -20.19 -27.72
N GLU A 645 -15.69 -19.94 -26.90
CA GLU A 645 -16.39 -18.68 -26.93
C GLU A 645 -15.59 -17.64 -26.18
N LEU A 646 -15.63 -16.39 -26.66
CA LEU A 646 -14.89 -15.30 -26.03
C LEU A 646 -15.50 -14.94 -24.69
N ILE A 647 -14.69 -15.02 -23.61
CA ILE A 647 -15.07 -14.67 -22.23
C ILE A 647 -14.33 -13.42 -21.69
N GLY A 648 -13.31 -12.96 -22.41
CA GLY A 648 -12.56 -11.78 -22.00
C GLY A 648 -11.38 -11.46 -22.89
N LEU A 649 -10.70 -10.37 -22.55
CA LEU A 649 -9.49 -9.96 -23.27
C LEU A 649 -8.40 -9.85 -22.26
N ASN A 650 -7.27 -10.47 -22.52
CA ASN A 650 -6.11 -10.32 -21.65
C ASN A 650 -5.60 -8.86 -21.76
N PHE A 651 -5.20 -8.22 -20.65
CA PHE A 651 -4.69 -6.84 -20.73
C PHE A 651 -3.48 -6.57 -19.85
N ASP A 652 -3.16 -7.47 -18.91
CA ASP A 652 -2.00 -7.28 -18.02
C ASP A 652 -1.63 -8.60 -17.32
N ARG A 653 -0.65 -8.56 -16.40
CA ARG A 653 -0.25 -9.68 -15.58
C ARG A 653 0.27 -9.10 -14.25
N ASN A 654 0.00 -9.78 -13.15
CA ASN A 654 0.37 -9.28 -11.83
C ASN A 654 1.90 -9.28 -11.67
N TRP A 655 2.44 -8.31 -10.93
CA TRP A 655 3.88 -8.16 -10.72
C TRP A 655 4.52 -9.40 -10.14
N GLU A 656 3.79 -10.16 -9.30
CA GLU A 656 4.33 -11.36 -8.68
C GLU A 656 4.65 -12.45 -9.69
N GLY A 657 4.06 -12.38 -10.89
CA GLY A 657 4.29 -13.37 -11.93
C GLY A 657 5.23 -12.92 -13.03
N VAL A 658 5.87 -11.70 -12.92
CA VAL A 658 6.76 -11.26 -14.00
C VAL A 658 8.04 -12.16 -14.15
N GLY A 659 8.49 -12.81 -13.07
CA GLY A 659 9.57 -13.79 -13.14
C GLY A 659 9.20 -15.04 -13.96
N GLY A 660 7.91 -15.14 -14.33
CA GLY A 660 7.33 -16.17 -15.16
C GLY A 660 7.89 -16.20 -16.55
N ASP A 661 8.61 -15.13 -16.99
CA ASP A 661 9.28 -15.17 -18.30
C ASP A 661 10.50 -16.11 -18.27
N ILE A 662 11.00 -16.46 -17.08
CA ILE A 662 12.13 -17.37 -16.89
C ILE A 662 11.57 -18.69 -16.31
N GLN A 663 10.67 -18.60 -15.33
CA GLN A 663 10.11 -19.77 -14.68
C GLN A 663 8.66 -19.44 -14.33
N TYR A 664 7.72 -20.20 -14.91
CA TYR A 664 6.30 -20.04 -14.63
C TYR A 664 6.04 -20.24 -13.12
N LEU A 665 5.20 -19.41 -12.51
CA LEU A 665 4.97 -19.46 -11.06
C LEU A 665 3.53 -19.82 -10.79
N ALA A 666 3.22 -21.11 -10.70
CA ALA A 666 1.86 -21.60 -10.56
C ALA A 666 1.04 -20.98 -9.42
N ASP A 667 1.67 -20.69 -8.28
CA ASP A 667 0.94 -20.14 -7.14
C ASP A 667 0.87 -18.61 -7.09
N TYR A 668 1.46 -17.90 -8.07
CA TYR A 668 1.49 -16.44 -8.04
C TYR A 668 1.16 -15.79 -9.36
N GLN A 669 1.61 -16.38 -10.46
CA GLN A 669 1.46 -15.81 -11.79
C GLN A 669 0.07 -15.91 -12.37
N ARG A 670 -0.51 -14.76 -12.73
CA ARG A 670 -1.83 -14.72 -13.33
C ARG A 670 -1.91 -13.73 -14.52
N SER A 671 -2.75 -14.08 -15.51
CA SER A 671 -3.08 -13.17 -16.61
C SER A 671 -4.28 -12.37 -16.12
N ILE A 672 -4.26 -11.03 -16.28
CA ILE A 672 -5.31 -10.12 -15.82
C ILE A 672 -6.16 -9.84 -17.03
N ILE A 673 -7.44 -10.22 -16.96
CA ILE A 673 -8.33 -10.23 -18.11
C ILE A 673 -9.58 -9.38 -17.89
N VAL A 674 -9.99 -8.56 -18.87
CA VAL A 674 -11.22 -7.79 -18.73
C VAL A 674 -12.37 -8.71 -19.15
N ASP A 675 -13.39 -8.84 -18.31
CA ASP A 675 -14.52 -9.71 -18.55
C ASP A 675 -15.28 -9.21 -19.76
N ILE A 676 -15.69 -10.10 -20.69
CA ILE A 676 -16.42 -9.68 -21.89
C ILE A 676 -17.82 -9.14 -21.56
N ARG A 677 -18.40 -9.55 -20.40
CA ARG A 677 -19.69 -9.07 -19.92
C ARG A 677 -19.60 -7.58 -19.57
N TYR A 678 -18.44 -7.14 -19.02
CA TYR A 678 -18.15 -5.75 -18.71
C TYR A 678 -17.93 -4.95 -20.00
N VAL A 679 -17.23 -5.54 -21.01
CA VAL A 679 -16.99 -4.93 -22.32
C VAL A 679 -18.34 -4.62 -22.97
N LEU A 680 -19.24 -5.60 -22.99
CA LEU A 680 -20.57 -5.48 -23.60
C LEU A 680 -21.47 -4.52 -22.81
N LEU A 681 -21.31 -4.47 -21.46
CA LEU A 681 -22.03 -3.51 -20.62
C LEU A 681 -21.60 -2.10 -20.99
N VAL A 682 -20.29 -1.86 -21.18
CA VAL A 682 -19.80 -0.52 -21.50
C VAL A 682 -20.25 -0.09 -22.89
N ILE A 683 -20.15 -0.97 -23.89
CA ILE A 683 -20.61 -0.67 -25.26
C ILE A 683 -22.10 -0.29 -25.24
N ASP A 684 -22.90 -1.08 -24.49
CA ASP A 684 -24.33 -0.94 -24.37
C ASP A 684 -24.80 0.26 -23.53
N LYS A 685 -24.53 0.26 -22.23
CA LYS A 685 -25.02 1.27 -21.30
C LYS A 685 -24.17 2.53 -21.21
N VAL A 686 -22.93 2.50 -21.69
CA VAL A 686 -22.09 3.70 -21.65
C VAL A 686 -21.98 4.32 -23.04
N GLY A 687 -21.63 3.52 -24.04
CA GLY A 687 -21.51 3.99 -25.41
C GLY A 687 -22.81 4.11 -26.16
N GLY A 688 -23.80 3.30 -25.78
CA GLY A 688 -25.09 3.23 -26.45
C GLY A 688 -24.99 2.77 -27.88
N CYS A 689 -23.93 2.01 -28.19
CA CYS A 689 -23.66 1.57 -29.55
C CYS A 689 -24.22 0.19 -29.84
N GLN A 690 -25.55 0.11 -29.92
CA GLN A 690 -26.31 -1.10 -30.15
C GLN A 690 -25.93 -1.89 -31.41
N ARG A 691 -25.59 -1.18 -32.48
CA ARG A 691 -25.23 -1.83 -33.75
C ARG A 691 -24.04 -2.80 -33.60
N LEU A 692 -23.11 -2.50 -32.69
CA LEU A 692 -21.97 -3.37 -32.45
C LEU A 692 -22.41 -4.66 -31.74
N LEU A 693 -23.37 -4.54 -30.81
CA LEU A 693 -23.93 -5.70 -30.13
C LEU A 693 -24.69 -6.57 -31.12
N ASP A 694 -25.47 -5.94 -32.03
CA ASP A 694 -26.28 -6.59 -33.05
C ASP A 694 -25.45 -7.37 -34.09
N GLU A 695 -24.23 -6.91 -34.42
CA GLU A 695 -23.41 -7.62 -35.40
C GLU A 695 -22.57 -8.76 -34.80
N MET A 696 -22.42 -8.79 -33.46
CA MET A 696 -21.73 -9.86 -32.78
C MET A 696 -22.68 -11.06 -32.62
N ASN A 697 -22.13 -12.28 -32.57
CA ASN A 697 -22.96 -13.46 -32.34
C ASN A 697 -22.86 -13.80 -30.84
N ILE A 698 -23.84 -13.33 -30.08
CA ILE A 698 -23.85 -13.51 -28.62
C ILE A 698 -24.62 -14.77 -28.21
N VAL A 699 -23.94 -15.71 -27.53
CA VAL A 699 -24.56 -16.96 -27.12
C VAL A 699 -25.08 -16.84 -25.68
N PRO A 700 -26.32 -17.32 -25.43
CA PRO A 700 -26.88 -17.24 -24.08
C PRO A 700 -26.08 -17.96 -22.99
N GLU B 3 -21.47 -7.52 19.05
CA GLU B 3 -21.81 -6.11 18.92
C GLU B 3 -21.60 -5.24 20.17
N GLY B 4 -21.73 -5.73 21.40
CA GLY B 4 -21.61 -4.83 22.56
C GLY B 4 -20.48 -4.95 23.58
N MET B 5 -20.39 -3.98 24.51
CA MET B 5 -19.44 -3.97 25.64
C MET B 5 -20.34 -3.98 26.86
N TRP B 6 -20.67 -5.17 27.29
CA TRP B 6 -21.68 -5.42 28.28
C TRP B 6 -21.20 -5.34 29.72
N LEU B 7 -22.06 -4.82 30.58
CA LEU B 7 -21.82 -4.79 32.01
C LEU B 7 -21.80 -6.23 32.53
N MET B 8 -21.09 -6.49 33.65
CA MET B 8 -21.09 -7.84 34.22
C MET B 8 -22.49 -8.29 34.64
N GLN B 9 -23.35 -7.34 35.07
CA GLN B 9 -24.76 -7.52 35.47
C GLN B 9 -25.60 -8.05 34.29
N GLN B 10 -25.21 -7.72 33.05
CA GLN B 10 -25.91 -8.15 31.86
C GLN B 10 -25.52 -9.58 31.40
N LEU B 11 -24.56 -10.25 32.08
CA LEU B 11 -24.18 -11.63 31.72
C LEU B 11 -25.38 -12.57 31.80
N GLY B 12 -26.19 -12.49 32.86
CA GLY B 12 -27.40 -13.30 33.00
C GLY B 12 -28.34 -13.18 31.81
N ARG B 13 -28.52 -11.96 31.31
CA ARG B 13 -29.36 -11.64 30.15
C ARG B 13 -28.75 -12.03 28.80
N LYS B 14 -27.42 -12.13 28.69
CA LYS B 14 -26.77 -12.52 27.43
C LYS B 14 -26.37 -13.99 27.37
N TYR B 15 -26.32 -14.68 28.52
CA TYR B 15 -25.86 -16.06 28.68
C TYR B 15 -26.46 -17.03 27.67
N ALA B 16 -27.80 -17.00 27.44
CA ALA B 16 -28.43 -17.91 26.48
C ALA B 16 -27.96 -17.64 25.06
N GLN B 17 -27.78 -16.35 24.68
CA GLN B 17 -27.26 -16.00 23.35
C GLN B 17 -25.81 -16.49 23.22
N MET B 18 -25.02 -16.33 24.30
CA MET B 18 -23.62 -16.74 24.32
C MET B 18 -23.49 -18.26 24.23
N LYS B 19 -24.39 -18.99 24.90
CA LYS B 19 -24.40 -20.45 24.86
C LYS B 19 -24.74 -20.95 23.45
N GLU B 20 -25.70 -20.29 22.77
CA GLU B 20 -26.05 -20.56 21.38
C GLU B 20 -24.84 -20.28 20.46
N ARG B 21 -24.06 -19.23 20.76
CA ARG B 21 -22.88 -18.91 19.96
C ARG B 21 -21.65 -19.82 20.23
N GLY B 22 -21.76 -20.75 21.19
CA GLY B 22 -20.66 -21.65 21.48
C GLY B 22 -20.09 -21.68 22.89
N LEU B 23 -20.54 -20.77 23.79
CA LEU B 23 -20.03 -20.75 25.17
C LEU B 23 -20.37 -22.06 25.92
N LYS B 24 -19.35 -22.70 26.51
CA LYS B 24 -19.51 -23.97 27.22
C LYS B 24 -19.43 -23.84 28.73
N MET B 25 -18.78 -22.77 29.23
CA MET B 25 -18.61 -22.65 30.67
C MET B 25 -19.92 -22.18 31.37
N LYS B 26 -20.06 -22.53 32.67
CA LYS B 26 -21.23 -22.13 33.44
C LYS B 26 -21.16 -20.61 33.70
N GLU B 27 -22.33 -19.94 33.74
CA GLU B 27 -22.47 -18.51 33.96
C GLU B 27 -21.66 -18.00 35.14
N TYR B 28 -21.84 -18.61 36.31
CA TYR B 28 -21.17 -18.17 37.53
C TYR B 28 -19.68 -18.50 37.60
N ASP B 29 -19.18 -19.34 36.69
CA ASP B 29 -17.73 -19.57 36.58
C ASP B 29 -17.08 -18.38 35.84
N LEU B 30 -17.84 -17.68 34.97
CA LEU B 30 -17.33 -16.50 34.26
C LEU B 30 -17.53 -15.25 35.14
N TYR B 31 -18.74 -15.07 35.67
CA TYR B 31 -19.01 -13.96 36.58
C TYR B 31 -20.01 -14.37 37.63
N ASN B 32 -19.59 -14.26 38.87
CA ASN B 32 -20.41 -14.58 40.01
C ASN B 32 -20.44 -13.34 40.92
N PRO B 33 -21.62 -12.76 41.12
CA PRO B 33 -21.72 -11.58 42.02
C PRO B 33 -21.46 -11.84 43.52
N ASN B 34 -21.57 -13.11 43.99
CA ASN B 34 -21.29 -13.44 45.40
C ASN B 34 -20.42 -14.69 45.49
N GLY B 35 -19.29 -14.67 44.80
CA GLY B 35 -18.34 -15.78 44.78
C GLY B 35 -17.24 -15.59 43.75
N THR B 36 -16.19 -16.43 43.82
CA THR B 36 -15.05 -16.38 42.91
C THR B 36 -15.44 -16.83 41.50
N SER B 37 -14.95 -16.10 40.50
CA SER B 37 -15.21 -16.36 39.09
C SER B 37 -14.02 -15.89 38.27
N LEU B 38 -14.04 -16.16 36.94
CA LEU B 38 -12.98 -15.74 36.01
C LEU B 38 -12.73 -14.26 36.02
N LYS B 39 -13.76 -13.45 36.29
CA LYS B 39 -13.71 -12.00 36.44
C LYS B 39 -12.58 -11.59 37.42
N ASP B 40 -12.32 -12.44 38.43
CA ASP B 40 -11.31 -12.18 39.45
C ASP B 40 -9.87 -12.31 38.96
N ALA B 41 -9.66 -12.82 37.75
CA ALA B 41 -8.33 -12.92 37.19
C ALA B 41 -8.01 -11.75 36.20
N VAL B 42 -8.94 -10.77 36.05
CA VAL B 42 -8.78 -9.64 35.14
C VAL B 42 -8.37 -8.39 35.94
N VAL B 43 -7.40 -7.60 35.42
CA VAL B 43 -6.97 -6.38 36.12
C VAL B 43 -6.92 -5.16 35.18
N LEU B 44 -7.04 -3.98 35.75
CA LEU B 44 -6.82 -2.74 35.05
C LEU B 44 -5.32 -2.56 35.29
N PHE B 45 -4.53 -2.67 34.24
CA PHE B 45 -3.08 -2.57 34.32
C PHE B 45 -2.67 -1.12 34.11
N ASP B 46 -2.00 -0.56 35.12
CA ASP B 46 -1.45 0.78 35.10
C ASP B 46 -2.39 1.89 34.58
N GLY B 47 -3.62 1.87 35.06
CA GLY B 47 -4.61 2.89 34.71
C GLY B 47 -5.28 2.95 33.35
N GLY B 48 -4.71 2.33 32.32
CA GLY B 48 -5.29 2.42 30.98
C GLY B 48 -5.21 1.19 30.09
N CYS B 49 -4.70 0.11 30.61
CA CYS B 49 -4.58 -1.14 29.90
C CYS B 49 -5.33 -2.21 30.71
N THR B 50 -5.50 -3.38 30.13
CA THR B 50 -6.05 -4.54 30.79
C THR B 50 -4.89 -5.55 30.92
N GLY B 51 -5.00 -6.41 31.90
CA GLY B 51 -4.06 -7.48 32.12
C GLY B 51 -4.79 -8.68 32.70
N GLU B 52 -4.07 -9.77 32.87
CA GLU B 52 -4.67 -10.97 33.42
C GLU B 52 -3.69 -11.79 34.21
N VAL B 53 -4.17 -12.34 35.33
CA VAL B 53 -3.38 -13.20 36.20
C VAL B 53 -3.40 -14.60 35.57
N VAL B 54 -2.20 -15.17 35.34
CA VAL B 54 -2.03 -16.46 34.67
C VAL B 54 -1.28 -17.51 35.49
N SER B 55 -1.13 -17.30 36.80
CA SER B 55 -0.52 -18.30 37.68
C SER B 55 -0.94 -18.10 39.14
N ASP B 56 -0.80 -19.16 39.97
CA ASP B 56 -1.06 -19.11 41.41
C ASP B 56 -0.01 -18.29 42.17
N ARG B 57 0.98 -17.72 41.48
CA ARG B 57 1.99 -16.87 42.08
C ARG B 57 1.93 -15.44 41.52
N GLY B 58 0.74 -14.99 41.07
CA GLY B 58 0.50 -13.63 40.64
C GLY B 58 1.16 -13.13 39.37
N LEU B 59 1.52 -14.04 38.45
CA LEU B 59 2.10 -13.67 37.19
C LEU B 59 1.00 -13.01 36.35
N VAL B 60 1.33 -11.92 35.66
CA VAL B 60 0.38 -11.15 34.88
C VAL B 60 0.87 -10.97 33.45
N LEU B 61 -0.04 -11.17 32.49
CA LEU B 61 0.24 -10.92 31.10
C LEU B 61 -0.50 -9.66 30.68
N THR B 62 0.14 -8.84 29.87
CA THR B 62 -0.43 -7.64 29.25
C THR B 62 0.35 -7.42 27.94
N ASN B 63 0.08 -6.34 27.21
CA ASN B 63 0.80 -6.02 25.98
C ASN B 63 2.19 -5.50 26.27
N HIS B 64 3.04 -5.57 25.25
CA HIS B 64 4.39 -5.02 25.27
C HIS B 64 4.24 -3.49 25.29
N HIS B 65 3.31 -2.94 24.51
CA HIS B 65 3.08 -1.50 24.49
C HIS B 65 2.47 -0.98 25.79
N CYS B 66 1.89 -1.86 26.61
CA CYS B 66 1.33 -1.52 27.94
C CYS B 66 2.44 -1.48 28.99
N GLY B 67 3.39 -2.40 28.88
CA GLY B 67 4.52 -2.43 29.81
C GLY B 67 5.77 -1.74 29.28
N TYR B 68 5.65 -1.03 28.13
CA TYR B 68 6.73 -0.34 27.45
C TYR B 68 7.51 0.66 28.35
N ASP B 69 6.81 1.54 29.07
CA ASP B 69 7.46 2.53 29.93
C ASP B 69 8.27 1.86 31.04
N MET B 70 7.80 0.72 31.58
CA MET B 70 8.53 0.00 32.62
C MET B 70 9.78 -0.65 32.03
N ILE B 71 9.67 -1.23 30.81
CA ILE B 71 10.82 -1.87 30.15
C ILE B 71 11.89 -0.82 29.84
N GLN B 72 11.45 0.38 29.39
CA GLN B 72 12.31 1.51 29.08
C GLN B 72 12.98 2.11 30.32
N ALA B 73 12.25 2.23 31.45
CA ALA B 73 12.79 2.78 32.69
C ALA B 73 13.91 1.91 33.29
N HIS B 74 13.90 0.61 33.03
CA HIS B 74 14.93 -0.30 33.48
C HIS B 74 16.03 -0.53 32.41
N SER B 75 15.93 0.11 31.25
CA SER B 75 16.90 -0.04 30.17
C SER B 75 18.01 1.00 30.28
N THR B 76 19.25 0.54 30.06
CA THR B 76 20.48 1.36 30.06
C THR B 76 21.33 0.94 28.83
N LEU B 77 22.45 1.63 28.56
CA LEU B 77 23.31 1.23 27.46
C LEU B 77 23.91 -0.17 27.73
N GLU B 78 24.20 -0.49 29.01
CA GLU B 78 24.75 -1.78 29.39
C GLU B 78 23.71 -2.93 29.35
N HIS B 79 22.45 -2.63 29.71
CA HIS B 79 21.38 -3.63 29.64
C HIS B 79 20.16 -3.01 28.98
N ASN B 80 20.15 -3.01 27.64
CA ASN B 80 19.04 -2.45 26.89
C ASN B 80 17.93 -3.47 26.73
N TYR B 81 17.01 -3.52 27.72
CA TYR B 81 15.90 -4.46 27.73
C TYR B 81 14.86 -4.14 26.65
N LEU B 82 14.72 -2.86 26.28
CA LEU B 82 13.78 -2.46 25.25
C LEU B 82 14.15 -3.10 23.91
N GLU B 83 15.45 -3.13 23.59
CA GLU B 83 15.95 -3.71 22.37
C GLU B 83 16.15 -5.23 22.45
N ASN B 84 16.77 -5.74 23.52
CA ASN B 84 17.07 -7.18 23.58
C ASN B 84 16.11 -8.04 24.35
N GLY B 85 15.08 -7.44 24.93
CA GLY B 85 14.16 -8.17 25.78
C GLY B 85 14.72 -8.32 27.19
N PHE B 86 13.91 -8.86 28.09
CA PHE B 86 14.30 -9.03 29.49
C PHE B 86 13.69 -10.33 30.00
N TRP B 87 14.47 -11.16 30.69
CA TRP B 87 13.96 -12.42 31.21
C TRP B 87 14.58 -12.70 32.56
N ALA B 88 13.84 -12.37 33.65
CA ALA B 88 14.32 -12.63 35.00
C ALA B 88 14.38 -14.13 35.21
N MET B 89 15.59 -14.69 35.50
CA MET B 89 15.71 -16.13 35.65
C MET B 89 15.30 -16.65 37.06
N ARG B 90 15.00 -15.75 37.98
CA ARG B 90 14.53 -16.06 39.30
C ARG B 90 13.63 -14.92 39.76
N GLU B 91 12.67 -15.22 40.68
CA GLU B 91 11.75 -14.22 41.21
C GLU B 91 12.47 -13.02 41.81
N ALA B 92 13.59 -13.27 42.49
CA ALA B 92 14.38 -12.22 43.11
C ALA B 92 14.98 -11.23 42.10
N ASP B 93 15.11 -11.64 40.83
CA ASP B 93 15.62 -10.80 39.74
C ASP B 93 14.53 -9.95 39.05
N GLU B 94 13.26 -10.12 39.42
CA GLU B 94 12.16 -9.33 38.87
C GLU B 94 12.26 -7.89 39.37
N LEU B 95 12.17 -6.92 38.44
CA LEU B 95 12.38 -5.52 38.71
C LEU B 95 11.16 -4.72 39.18
N PRO B 96 11.28 -4.05 40.35
CA PRO B 96 10.16 -3.22 40.82
C PRO B 96 9.94 -1.99 39.94
N ASN B 97 8.70 -1.47 39.93
CA ASN B 97 8.37 -0.31 39.10
C ASN B 97 7.70 0.75 39.94
N LYS B 98 8.21 1.99 39.90
CA LYS B 98 7.59 3.08 40.65
C LYS B 98 6.40 3.58 39.86
N ASP B 99 5.31 3.93 40.56
CA ASP B 99 4.09 4.48 39.97
C ASP B 99 3.28 3.48 39.15
N ILE B 100 3.38 2.19 39.46
CA ILE B 100 2.59 1.17 38.78
C ILE B 100 1.43 0.71 39.68
N SER B 101 0.36 0.24 39.04
CA SER B 101 -0.76 -0.32 39.78
C SER B 101 -1.50 -1.39 38.97
N VAL B 102 -2.18 -2.27 39.65
CA VAL B 102 -3.05 -3.28 39.07
C VAL B 102 -4.33 -3.21 39.92
N VAL B 103 -5.49 -3.08 39.28
CA VAL B 103 -6.75 -2.98 40.00
C VAL B 103 -7.64 -4.21 39.75
N PHE B 104 -8.06 -4.87 40.83
CA PHE B 104 -9.00 -5.97 40.72
C PHE B 104 -10.41 -5.44 41.00
N ILE B 105 -11.41 -5.94 40.26
CA ILE B 105 -12.79 -5.53 40.52
C ILE B 105 -13.42 -6.57 41.47
N ASP B 106 -13.23 -6.37 42.78
CA ASP B 106 -13.67 -7.27 43.82
C ASP B 106 -15.19 -7.50 43.84
N LYS B 107 -15.96 -6.42 43.88
CA LYS B 107 -17.42 -6.50 43.85
C LYS B 107 -17.99 -5.43 42.92
N ILE B 108 -19.17 -5.67 42.38
CA ILE B 108 -19.90 -4.72 41.55
C ILE B 108 -21.34 -4.75 42.04
N GLU B 109 -21.94 -3.60 42.29
CA GLU B 109 -23.32 -3.54 42.78
C GLU B 109 -24.14 -2.45 42.08
N ASP B 110 -25.38 -2.76 41.69
CA ASP B 110 -26.26 -1.77 41.10
C ASP B 110 -26.76 -0.86 42.23
N VAL B 111 -26.45 0.46 42.16
CA VAL B 111 -26.88 1.43 43.17
C VAL B 111 -27.79 2.51 42.56
N THR B 112 -28.47 2.21 41.44
CA THR B 112 -29.33 3.14 40.73
C THR B 112 -30.41 3.77 41.60
N ASP B 113 -31.20 2.95 42.33
CA ASP B 113 -32.27 3.47 43.19
C ASP B 113 -31.72 4.38 44.29
N TYR B 114 -30.59 3.98 44.89
CA TYR B 114 -29.92 4.75 45.94
C TYR B 114 -29.45 6.11 45.40
N VAL B 115 -28.77 6.11 44.24
CA VAL B 115 -28.26 7.35 43.68
C VAL B 115 -29.42 8.26 43.24
N LYS B 116 -30.45 7.70 42.60
CA LYS B 116 -31.61 8.47 42.16
C LYS B 116 -32.40 9.03 43.33
N LYS B 117 -32.43 8.32 44.47
CA LYS B 117 -33.11 8.82 45.66
C LYS B 117 -32.30 9.98 46.23
N GLU B 118 -30.97 9.81 46.35
CA GLU B 118 -30.10 10.86 46.86
C GLU B 118 -30.17 12.11 45.99
N LEU B 119 -30.27 11.93 44.65
CA LEU B 119 -30.35 13.01 43.68
C LEU B 119 -31.62 13.85 43.78
N LYS B 120 -32.74 13.24 44.26
CA LYS B 120 -34.01 13.94 44.44
C LYS B 120 -33.90 15.14 45.39
N ALA B 121 -32.86 15.20 46.23
CA ALA B 121 -32.62 16.32 47.14
C ALA B 121 -31.91 17.52 46.47
N ILE B 122 -31.59 17.44 45.15
CA ILE B 122 -30.87 18.52 44.47
C ILE B 122 -31.65 19.83 44.44
N LYS B 123 -32.82 19.86 43.78
CA LYS B 123 -33.69 21.02 43.61
C LYS B 123 -33.46 21.65 42.25
N ASP B 124 -32.23 22.16 41.95
CA ASP B 124 -31.92 22.72 40.63
C ASP B 124 -31.98 21.61 39.59
N PRO B 125 -32.93 21.66 38.64
CA PRO B 125 -33.02 20.60 37.62
C PRO B 125 -31.79 20.46 36.73
N ASN B 126 -31.09 21.57 36.42
CA ASN B 126 -29.93 21.57 35.55
C ASN B 126 -28.62 21.16 36.24
N SER B 127 -28.65 20.78 37.51
CA SER B 127 -27.45 20.35 38.23
C SER B 127 -26.71 19.19 37.51
N MET B 128 -25.37 19.27 37.50
CA MET B 128 -24.57 18.20 36.89
C MET B 128 -23.97 17.25 37.93
N ASP B 129 -24.44 17.31 39.20
CA ASP B 129 -23.97 16.43 40.27
C ASP B 129 -24.17 14.95 39.92
N TYR B 130 -25.21 14.64 39.13
CA TYR B 130 -25.52 13.27 38.72
C TYR B 130 -24.37 12.61 37.91
N LEU B 131 -23.44 13.42 37.37
CA LEU B 131 -22.27 12.95 36.64
C LEU B 131 -20.94 13.36 37.32
N SER B 132 -21.01 14.00 38.50
CA SER B 132 -19.84 14.50 39.21
C SER B 132 -19.13 13.41 39.98
N PRO B 133 -17.83 13.20 39.70
CA PRO B 133 -17.06 12.20 40.46
C PRO B 133 -16.96 12.54 41.94
N LYS B 134 -16.88 13.83 42.26
CA LYS B 134 -16.85 14.30 43.65
C LYS B 134 -18.18 13.98 44.34
N TYR B 135 -19.31 14.29 43.70
CA TYR B 135 -20.62 14.00 44.28
C TYR B 135 -20.85 12.49 44.45
N LEU B 136 -20.59 11.70 43.38
CA LEU B 136 -20.76 10.26 43.41
C LEU B 136 -19.81 9.60 44.42
N GLN B 137 -18.61 10.18 44.65
CA GLN B 137 -17.69 9.64 45.67
C GLN B 137 -18.22 9.86 47.06
N LYS B 138 -18.86 11.02 47.31
CA LYS B 138 -19.51 11.29 48.60
C LYS B 138 -20.63 10.26 48.84
N LEU B 139 -21.32 9.82 47.77
CA LEU B 139 -22.38 8.80 47.89
C LEU B 139 -21.81 7.40 48.09
N ALA B 140 -20.68 7.11 47.44
CA ALA B 140 -19.98 5.84 47.55
C ALA B 140 -19.44 5.67 48.98
N ASP B 141 -18.79 6.72 49.54
CA ASP B 141 -18.27 6.74 50.90
C ASP B 141 -19.40 6.55 51.92
N LYS B 142 -20.54 7.22 51.69
CA LYS B 142 -21.68 7.10 52.59
C LYS B 142 -22.21 5.68 52.60
N LYS B 143 -22.31 5.03 51.43
CA LYS B 143 -22.80 3.67 51.35
C LYS B 143 -21.82 2.63 51.92
N ALA B 144 -20.53 2.75 51.60
CA ALA B 144 -19.52 1.81 52.10
C ALA B 144 -19.32 1.92 53.60
N GLY B 145 -19.39 3.13 54.12
CA GLY B 145 -19.17 3.39 55.54
C GLY B 145 -18.08 4.42 55.75
N LYS B 146 -18.05 5.01 56.97
CA LYS B 146 -17.07 6.03 57.34
C LYS B 146 -15.63 5.56 57.16
N ASN B 147 -15.18 4.54 57.91
CA ASN B 147 -13.82 4.01 57.81
C ASN B 147 -13.72 2.70 57.00
N PHE B 148 -14.29 2.66 55.79
CA PHE B 148 -14.26 1.46 54.94
C PHE B 148 -12.85 0.98 54.57
N SER B 149 -12.01 1.88 54.03
CA SER B 149 -10.67 1.48 53.60
C SER B 149 -9.75 1.07 54.78
N ALA B 150 -10.07 1.54 56.00
CA ALA B 150 -9.33 1.16 57.18
C ALA B 150 -9.77 -0.23 57.64
N LYS B 151 -11.09 -0.50 57.61
CA LYS B 151 -11.61 -1.82 58.02
C LYS B 151 -11.34 -2.93 56.97
N ASN B 152 -11.13 -2.53 55.71
CA ASN B 152 -10.88 -3.41 54.57
C ASN B 152 -9.65 -2.86 53.82
N PRO B 153 -8.41 -3.17 54.27
CA PRO B 153 -7.23 -2.55 53.64
C PRO B 153 -6.96 -3.03 52.21
N GLY B 154 -6.52 -2.08 51.39
CA GLY B 154 -6.29 -2.30 49.96
C GLY B 154 -7.53 -2.08 49.11
N LEU B 155 -8.73 -2.09 49.77
CA LEU B 155 -10.04 -1.90 49.15
C LEU B 155 -10.47 -0.43 49.06
N SER B 156 -11.19 -0.08 48.01
CA SER B 156 -11.76 1.26 47.79
C SER B 156 -13.09 1.14 47.05
N VAL B 157 -13.95 2.14 47.15
CA VAL B 157 -15.24 2.12 46.47
C VAL B 157 -15.37 3.25 45.46
N GLU B 158 -16.13 3.01 44.39
CA GLU B 158 -16.36 4.03 43.40
C GLU B 158 -17.73 3.87 42.73
N ILE B 159 -18.49 4.97 42.57
CA ILE B 159 -19.76 4.92 41.86
C ILE B 159 -19.59 5.61 40.50
N LYS B 160 -20.08 4.97 39.44
CA LYS B 160 -20.02 5.53 38.11
C LYS B 160 -21.43 5.59 37.50
N ALA B 161 -21.68 6.58 36.66
CA ALA B 161 -22.92 6.70 35.90
C ALA B 161 -22.78 5.91 34.60
N PHE B 162 -23.87 5.30 34.14
CA PHE B 162 -23.97 4.52 32.90
C PHE B 162 -25.24 4.94 32.20
N TYR B 163 -25.29 4.74 30.86
CA TYR B 163 -26.47 5.07 30.06
C TYR B 163 -26.89 6.54 30.21
N GLY B 164 -25.91 7.44 30.21
CA GLY B 164 -26.14 8.87 30.34
C GLY B 164 -26.70 9.34 31.68
N GLY B 165 -26.51 8.55 32.72
CA GLY B 165 -27.03 8.87 34.04
C GLY B 165 -28.31 8.13 34.40
N ASN B 166 -28.63 7.03 33.66
CA ASN B 166 -29.83 6.24 33.95
C ASN B 166 -29.56 4.96 34.76
N LEU B 167 -28.29 4.61 34.95
CA LEU B 167 -27.89 3.45 35.72
C LEU B 167 -26.62 3.80 36.48
N TYR B 168 -26.49 3.36 37.74
CA TYR B 168 -25.30 3.61 38.54
C TYR B 168 -24.81 2.31 39.11
N LEU B 169 -23.50 2.09 39.09
CA LEU B 169 -22.88 0.91 39.67
C LEU B 169 -21.81 1.33 40.66
N MET B 170 -21.70 0.60 41.76
CA MET B 170 -20.66 0.80 42.76
C MET B 170 -19.65 -0.33 42.60
N PHE B 171 -18.38 0.01 42.49
CA PHE B 171 -17.32 -0.96 42.33
C PHE B 171 -16.49 -0.97 43.59
N THR B 172 -16.19 -2.15 44.11
CA THR B 172 -15.26 -2.29 45.22
C THR B 172 -13.98 -2.79 44.56
N LYS B 173 -12.92 -2.00 44.64
CA LYS B 173 -11.66 -2.29 43.98
C LYS B 173 -10.55 -2.65 44.95
N LYS B 174 -9.68 -3.57 44.54
CA LYS B 174 -8.53 -3.95 45.33
C LYS B 174 -7.32 -3.53 44.49
N THR B 175 -6.50 -2.59 44.99
CA THR B 175 -5.37 -2.07 44.21
C THR B 175 -4.02 -2.55 44.76
N TYR B 176 -3.13 -3.08 43.89
CA TYR B 176 -1.78 -3.52 44.28
C TYR B 176 -0.78 -2.59 43.58
N THR B 177 0.24 -2.09 44.31
CA THR B 177 1.20 -1.14 43.72
C THR B 177 2.62 -1.69 43.64
N ASP B 178 2.86 -2.94 44.07
CA ASP B 178 4.15 -3.58 43.93
C ASP B 178 4.00 -4.58 42.76
N VAL B 179 4.19 -4.13 41.52
CA VAL B 179 4.00 -4.95 40.33
C VAL B 179 5.33 -4.93 39.56
N ARG B 180 6.02 -6.07 39.59
CA ARG B 180 7.39 -6.16 39.05
C ARG B 180 7.49 -6.71 37.64
N LEU B 181 8.48 -6.23 36.87
CA LEU B 181 8.74 -6.66 35.51
C LEU B 181 9.39 -8.03 35.57
N VAL B 182 8.81 -9.00 34.85
CA VAL B 182 9.28 -10.38 34.83
C VAL B 182 9.92 -10.75 33.50
N GLY B 183 9.26 -10.38 32.42
CA GLY B 183 9.74 -10.73 31.09
C GLY B 183 9.17 -9.87 29.99
N ALA B 184 9.90 -9.77 28.90
CA ALA B 184 9.48 -9.01 27.75
C ALA B 184 10.29 -9.50 26.56
N PRO B 185 9.64 -9.68 25.41
CA PRO B 185 10.40 -10.02 24.20
C PRO B 185 11.19 -8.77 23.76
N PRO B 186 12.19 -8.91 22.87
CA PRO B 186 12.84 -7.71 22.32
C PRO B 186 11.80 -6.86 21.57
N SER B 187 12.06 -5.57 21.39
CA SER B 187 11.13 -4.71 20.65
C SER B 187 10.89 -5.18 19.23
N SER B 188 11.87 -5.88 18.61
CA SER B 188 11.68 -6.42 17.25
C SER B 188 10.48 -7.40 17.20
N ILE B 189 10.15 -8.07 18.32
CA ILE B 189 8.97 -8.94 18.39
C ILE B 189 7.76 -8.17 18.96
N GLY B 190 7.94 -7.55 20.13
CA GLY B 190 6.89 -6.84 20.84
C GLY B 190 6.26 -5.70 20.06
N LYS B 191 7.02 -5.13 19.14
CA LYS B 191 6.59 -3.98 18.35
C LYS B 191 7.03 -4.21 16.89
N PHE B 192 6.92 -5.46 16.38
CA PHE B 192 7.35 -5.82 15.01
C PHE B 192 6.84 -4.89 13.92
N GLY B 193 5.54 -4.62 13.90
CA GLY B 193 5.04 -3.71 12.86
C GLY B 193 5.55 -2.29 13.02
N ALA B 194 5.84 -1.91 14.29
CA ALA B 194 6.22 -0.59 14.79
C ALA B 194 5.02 0.36 14.38
N ASP B 195 5.21 1.60 13.86
CA ASP B 195 4.09 2.42 13.46
C ASP B 195 3.50 2.03 12.12
N THR B 196 4.28 1.47 11.18
CA THR B 196 3.75 1.04 9.87
C THR B 196 2.55 0.07 9.97
N ASP B 197 2.59 -0.92 10.90
CA ASP B 197 1.47 -1.87 11.05
C ASP B 197 0.46 -1.48 12.12
N ASN B 198 0.58 -0.29 12.72
CA ASN B 198 -0.39 0.17 13.74
C ASN B 198 -1.79 0.28 13.08
N TRP B 199 -2.81 -0.29 13.73
CA TRP B 199 -4.20 -0.39 13.23
C TRP B 199 -4.30 -1.33 12.02
N ILE B 200 -3.27 -2.15 11.75
CA ILE B 200 -3.30 -2.99 10.54
C ILE B 200 -3.54 -4.48 10.82
N TRP B 201 -4.43 -5.05 10.05
CA TRP B 201 -4.64 -6.49 9.96
C TRP B 201 -4.47 -6.82 8.47
N PRO B 202 -3.71 -7.88 8.06
CA PRO B 202 -2.96 -8.86 8.87
C PRO B 202 -1.89 -8.24 9.76
N ARG B 203 -1.62 -8.84 10.92
CA ARG B 203 -0.63 -8.29 11.86
C ARG B 203 0.28 -9.39 12.35
N HIS B 204 1.57 -9.08 12.53
CA HIS B 204 2.56 -10.11 12.90
C HIS B 204 3.38 -9.77 14.14
N THR B 205 2.78 -9.00 15.04
CA THR B 205 3.39 -8.47 16.25
C THR B 205 3.12 -9.35 17.50
N GLY B 206 4.20 -9.73 18.19
CA GLY B 206 4.16 -10.49 19.44
C GLY B 206 4.07 -9.54 20.62
N ASP B 207 2.98 -8.76 20.62
CA ASP B 207 2.71 -7.70 21.60
C ASP B 207 2.31 -8.21 22.97
N PHE B 208 3.32 -8.62 23.75
CA PHE B 208 3.14 -9.06 25.13
C PHE B 208 4.34 -8.65 26.01
N SER B 209 4.09 -8.57 27.31
CA SER B 209 5.06 -8.37 28.39
C SER B 209 4.50 -9.04 29.63
N ILE B 210 5.38 -9.38 30.57
CA ILE B 210 5.04 -10.16 31.74
C ILE B 210 5.43 -9.43 33.02
N PHE B 211 4.49 -9.37 33.96
CA PHE B 211 4.68 -8.73 35.26
C PHE B 211 4.31 -9.73 36.36
N ARG B 212 4.51 -9.35 37.63
CA ARG B 212 4.12 -10.17 38.75
C ARG B 212 3.63 -9.26 39.85
N ILE B 213 2.46 -9.58 40.41
CA ILE B 213 1.93 -8.80 41.53
C ILE B 213 2.55 -9.33 42.82
N TYR B 214 3.10 -8.43 43.62
CA TYR B 214 3.65 -8.74 44.94
C TYR B 214 2.73 -8.08 45.97
N ALA B 215 2.69 -8.65 47.17
CA ALA B 215 1.85 -8.19 48.27
C ALA B 215 2.53 -8.52 49.63
N ASP B 216 1.89 -8.17 50.79
CA ASP B 216 2.44 -8.53 52.10
C ASP B 216 2.23 -10.04 52.34
N LYS B 217 2.74 -10.57 53.46
CA LYS B 217 2.62 -11.99 53.81
C LYS B 217 1.20 -12.55 53.76
N ASN B 218 0.18 -11.69 53.93
CA ASN B 218 -1.21 -12.15 53.90
C ASN B 218 -1.91 -11.92 52.55
N GLY B 219 -1.17 -11.55 51.51
CA GLY B 219 -1.75 -11.29 50.20
C GLY B 219 -2.47 -9.96 50.09
N ASN B 220 -2.29 -9.07 51.08
CA ASN B 220 -2.91 -7.76 51.11
C ASN B 220 -2.00 -6.75 50.41
N PRO B 221 -2.61 -5.78 49.70
CA PRO B 221 -1.79 -4.78 49.00
C PRO B 221 -0.79 -4.07 49.91
N ALA B 222 0.39 -3.83 49.36
CA ALA B 222 1.45 -3.13 50.06
C ALA B 222 2.33 -2.46 49.02
N PRO B 223 2.82 -1.23 49.31
CA PRO B 223 3.77 -0.61 48.37
C PRO B 223 5.07 -1.42 48.30
N TYR B 224 5.94 -1.11 47.31
CA TYR B 224 7.21 -1.83 47.18
C TYR B 224 8.00 -1.98 48.52
N SER B 225 8.44 -3.21 48.79
CA SER B 225 9.27 -3.58 49.93
C SER B 225 10.04 -4.83 49.54
N GLU B 226 11.31 -4.90 49.95
CA GLU B 226 12.13 -6.09 49.71
C GLU B 226 11.53 -7.34 50.40
N ASP B 227 10.66 -7.14 51.41
CA ASP B 227 9.98 -8.20 52.16
C ASP B 227 8.65 -8.65 51.53
N ASN B 228 8.27 -8.07 50.37
CA ASN B 228 7.03 -8.47 49.71
C ASN B 228 7.19 -9.81 49.02
N VAL B 229 6.10 -10.56 49.02
CA VAL B 229 6.04 -11.91 48.49
C VAL B 229 5.02 -11.97 47.32
N PRO B 230 5.22 -12.83 46.30
CA PRO B 230 4.24 -12.91 45.20
C PRO B 230 2.81 -13.17 45.68
N LEU B 231 1.81 -12.56 45.00
CA LEU B 231 0.41 -12.71 45.38
C LEU B 231 -0.15 -14.06 44.97
N LYS B 232 -0.88 -14.74 45.87
CA LYS B 232 -1.57 -15.97 45.49
C LYS B 232 -3.02 -15.46 45.27
N PRO B 233 -3.47 -15.37 44.02
CA PRO B 233 -4.81 -14.82 43.77
C PRO B 233 -5.95 -15.82 43.96
N LYS B 234 -7.18 -15.29 44.06
CA LYS B 234 -8.43 -16.04 44.17
C LYS B 234 -8.59 -16.91 42.88
N ARG B 235 -8.19 -16.37 41.72
CA ARG B 235 -8.39 -17.00 40.43
C ARG B 235 -7.31 -16.57 39.43
N PHE B 236 -6.93 -17.49 38.55
CA PHE B 236 -6.01 -17.22 37.45
C PHE B 236 -6.50 -17.96 36.19
N PHE B 237 -6.06 -17.52 35.02
CA PHE B 237 -6.47 -18.17 33.78
C PHE B 237 -5.65 -19.40 33.50
N ASN B 238 -6.29 -20.45 32.98
CA ASN B 238 -5.54 -21.60 32.48
C ASN B 238 -5.15 -21.23 31.04
N ILE B 239 -3.98 -21.65 30.59
CA ILE B 239 -3.53 -21.38 29.23
C ILE B 239 -3.96 -22.53 28.32
N SER B 240 -4.64 -22.24 27.20
CA SER B 240 -5.00 -23.29 26.26
C SER B 240 -3.91 -23.45 25.20
N LEU B 241 -3.58 -24.70 24.87
CA LEU B 241 -2.71 -24.96 23.71
C LEU B 241 -3.49 -25.61 22.52
N GLY B 242 -4.83 -25.67 22.61
CA GLY B 242 -5.66 -26.20 21.53
C GLY B 242 -5.81 -25.28 20.33
N GLY B 243 -5.40 -24.02 20.49
CA GLY B 243 -5.44 -23.05 19.41
C GLY B 243 -6.81 -22.53 19.04
N VAL B 244 -6.90 -21.91 17.88
CA VAL B 244 -8.16 -21.39 17.35
C VAL B 244 -8.36 -21.91 15.93
N GLN B 245 -9.62 -21.95 15.53
CA GLN B 245 -10.06 -22.27 14.18
C GLN B 245 -11.10 -21.26 13.79
N GLU B 246 -11.28 -21.06 12.48
CA GLU B 246 -12.28 -20.12 11.97
C GLU B 246 -13.67 -20.47 12.55
N ASN B 247 -14.42 -19.45 12.99
CA ASN B 247 -15.77 -19.53 13.55
C ASN B 247 -15.79 -19.92 15.02
N ASP B 248 -14.64 -20.18 15.65
CA ASP B 248 -14.61 -20.52 17.09
C ASP B 248 -15.13 -19.37 17.92
N TYR B 249 -15.83 -19.69 19.00
CA TYR B 249 -16.32 -18.71 19.94
C TYR B 249 -15.14 -18.08 20.65
N ALA B 250 -15.16 -16.76 20.78
CA ALA B 250 -14.13 -16.06 21.54
C ALA B 250 -14.80 -14.98 22.39
N MET B 251 -14.27 -14.72 23.57
CA MET B 251 -14.79 -13.67 24.42
C MET B 251 -13.67 -12.94 25.11
N ILE B 252 -13.92 -11.68 25.44
CA ILE B 252 -12.95 -10.82 26.11
C ILE B 252 -13.58 -10.13 27.30
N MET B 253 -12.77 -9.91 28.33
CA MET B 253 -13.10 -9.07 29.48
C MET B 253 -12.01 -8.01 29.53
N GLY B 254 -12.39 -6.78 29.83
CA GLY B 254 -11.44 -5.68 29.86
C GLY B 254 -12.07 -4.36 30.22
N PHE B 255 -11.33 -3.27 30.02
CA PHE B 255 -11.78 -1.96 30.44
C PHE B 255 -11.84 -0.97 29.28
N PRO B 256 -12.80 -1.13 28.34
CA PRO B 256 -12.91 -0.15 27.25
C PRO B 256 -13.17 1.25 27.81
N GLY B 257 -12.46 2.23 27.30
CA GLY B 257 -12.51 3.58 27.82
C GLY B 257 -13.70 4.42 27.42
N THR B 258 -13.90 4.65 26.11
CA THR B 258 -14.98 5.53 25.66
C THR B 258 -15.62 5.03 24.37
N THR B 259 -16.92 5.26 24.22
CA THR B 259 -17.64 5.02 22.97
C THR B 259 -18.65 6.15 22.82
N HIS B 260 -19.28 6.28 21.65
CA HIS B 260 -20.29 7.29 21.39
C HIS B 260 -21.44 6.64 20.62
N ARG B 261 -21.98 5.57 21.18
CA ARG B 261 -23.07 4.78 20.61
C ARG B 261 -24.40 5.51 20.53
N TYR B 262 -24.56 6.60 21.28
CA TYR B 262 -25.83 7.33 21.30
C TYR B 262 -25.72 8.73 20.71
N PHE B 263 -24.73 8.94 19.82
CA PHE B 263 -24.57 10.21 19.11
C PHE B 263 -25.81 10.46 18.27
N THR B 264 -26.22 11.73 18.15
CA THR B 264 -27.31 12.05 17.22
C THR B 264 -26.64 12.10 15.82
N ALA B 265 -27.45 12.18 14.75
CA ALA B 265 -26.91 12.32 13.41
C ALA B 265 -26.10 13.64 13.30
N SER B 266 -26.52 14.70 13.99
CA SER B 266 -25.82 16.00 13.98
C SER B 266 -24.45 15.94 14.66
N GLU B 267 -24.28 15.06 15.64
CA GLU B 267 -23.02 14.85 16.32
C GLU B 267 -22.06 14.05 15.44
N VAL B 268 -22.59 13.08 14.65
CA VAL B 268 -21.78 12.36 13.67
C VAL B 268 -21.28 13.38 12.60
N ASP B 269 -22.17 14.29 12.13
CA ASP B 269 -21.78 15.30 11.12
C ASP B 269 -20.69 16.20 11.63
N GLU B 270 -20.81 16.63 12.89
CA GLU B 270 -19.86 17.50 13.57
C GLU B 270 -18.52 16.79 13.75
N TRP B 271 -18.54 15.53 14.18
CA TRP B 271 -17.35 14.71 14.39
C TRP B 271 -16.58 14.58 13.05
N LYS B 272 -17.30 14.39 11.95
CA LYS B 272 -16.69 14.31 10.62
C LYS B 272 -16.15 15.67 10.14
N SER B 273 -17.03 16.68 10.05
CA SER B 273 -16.77 17.98 9.42
C SER B 273 -15.89 18.92 10.22
N ILE B 274 -15.80 18.72 11.54
CA ILE B 274 -14.97 19.56 12.36
C ILE B 274 -13.79 18.75 12.89
N ASP B 275 -14.02 17.86 13.89
CA ASP B 275 -13.00 17.09 14.56
C ASP B 275 -12.07 16.37 13.60
N ASN B 276 -12.62 15.46 12.80
CA ASN B 276 -11.86 14.64 11.89
C ASN B 276 -11.29 15.41 10.69
N ASP B 277 -12.09 16.21 9.97
CA ASP B 277 -11.55 16.94 8.80
C ASP B 277 -10.42 17.91 9.17
N ILE B 278 -10.51 18.57 10.32
CA ILE B 278 -9.46 19.52 10.76
C ILE B 278 -8.22 18.75 11.17
N ARG B 279 -8.37 17.70 12.00
CA ARG B 279 -7.24 16.87 12.40
C ARG B 279 -6.51 16.28 11.16
N ILE B 280 -7.28 15.78 10.18
CA ILE B 280 -6.73 15.20 8.94
C ILE B 280 -6.02 16.27 8.11
N ARG B 281 -6.71 17.38 7.84
CA ARG B 281 -6.10 18.46 7.06
C ARG B 281 -4.82 19.02 7.73
N MET B 282 -4.90 19.36 9.02
CA MET B 282 -3.75 19.96 9.71
C MET B 282 -2.59 19.01 9.93
N ARG B 283 -2.86 17.75 10.27
CA ARG B 283 -1.80 16.77 10.50
C ARG B 283 -1.13 16.36 9.19
N ASP B 284 -1.86 16.32 8.10
CA ASP B 284 -1.26 16.02 6.80
C ASP B 284 -0.27 17.14 6.40
N ILE B 285 -0.62 18.42 6.64
CA ILE B 285 0.30 19.52 6.37
C ILE B 285 1.56 19.41 7.23
N ARG B 286 1.38 19.18 8.54
CA ARG B 286 2.47 19.08 9.51
C ARG B 286 3.43 17.92 9.20
N GLN B 287 2.86 16.73 8.98
CA GLN B 287 3.55 15.49 8.67
C GLN B 287 4.26 15.60 7.31
N GLY B 288 3.63 16.23 6.32
CA GLY B 288 4.24 16.41 5.00
C GLY B 288 5.52 17.21 5.06
N VAL B 289 5.54 18.33 5.82
CA VAL B 289 6.75 19.15 5.96
C VAL B 289 7.81 18.39 6.76
N MET B 290 7.38 17.76 7.86
CA MET B 290 8.25 16.96 8.72
C MET B 290 8.92 15.81 7.95
N LEU B 291 8.17 15.06 7.14
CA LEU B 291 8.71 13.95 6.38
C LEU B 291 9.70 14.42 5.32
N ARG B 292 9.41 15.52 4.59
CA ARG B 292 10.34 16.11 3.61
C ARG B 292 11.70 16.38 4.30
N GLU B 293 11.66 17.02 5.48
CA GLU B 293 12.86 17.39 6.23
C GLU B 293 13.60 16.20 6.79
N MET B 294 12.86 15.19 7.29
CA MET B 294 13.46 13.96 7.83
C MET B 294 14.14 13.16 6.71
N LEU B 295 13.53 13.13 5.50
CA LEU B 295 14.11 12.40 4.37
C LEU B 295 15.33 13.12 3.76
N ALA B 296 15.43 14.44 3.91
CA ALA B 296 16.56 15.20 3.37
C ALA B 296 17.77 15.24 4.30
N ASP B 297 17.58 15.01 5.59
CA ASP B 297 18.66 15.09 6.57
C ASP B 297 18.52 13.95 7.57
N PRO B 298 19.47 13.01 7.58
CA PRO B 298 19.39 11.89 8.55
C PRO B 298 19.37 12.33 10.02
N GLN B 299 19.98 13.49 10.33
CA GLN B 299 19.98 14.00 11.68
C GLN B 299 18.57 14.50 12.05
N ILE B 300 17.82 15.09 11.09
CA ILE B 300 16.42 15.53 11.30
C ILE B 300 15.51 14.31 11.50
N LYS B 301 15.79 13.21 10.81
CA LYS B 301 15.03 11.97 10.97
C LYS B 301 15.18 11.45 12.41
N ILE B 302 16.40 11.49 12.97
CA ILE B 302 16.63 11.06 14.36
C ILE B 302 15.87 11.96 15.33
N MET B 303 15.99 13.29 15.17
CA MET B 303 15.33 14.23 16.07
C MET B 303 13.80 14.25 15.98
N TYR B 304 13.22 14.02 14.79
CA TYR B 304 11.77 14.16 14.59
C TYR B 304 10.97 12.87 14.42
N SER B 305 11.62 11.69 14.48
CA SER B 305 10.91 10.42 14.27
C SER B 305 9.79 10.14 15.25
N ALA B 306 10.02 10.40 16.52
CA ALA B 306 9.02 10.16 17.55
C ALA B 306 7.86 11.17 17.45
N LYS B 307 8.16 12.47 17.18
CA LYS B 307 7.11 13.50 17.02
C LYS B 307 6.24 13.21 15.79
N TYR B 308 6.86 12.72 14.71
CA TYR B 308 6.17 12.35 13.48
C TYR B 308 5.23 11.15 13.76
N ALA B 309 5.75 10.12 14.45
CA ALA B 309 4.98 8.93 14.78
C ALA B 309 3.82 9.24 15.75
N ALA B 310 4.04 10.13 16.73
CA ALA B 310 2.99 10.52 17.65
C ALA B 310 1.85 11.25 16.93
N SER B 311 2.16 12.06 15.91
CA SER B 311 1.15 12.81 15.19
C SER B 311 0.33 11.87 14.28
N GLN B 312 0.98 10.88 13.67
CA GLN B 312 0.38 9.92 12.76
C GLN B 312 -0.66 9.02 13.39
N ASN B 313 -0.49 8.67 14.67
CA ASN B 313 -1.38 7.70 15.31
C ASN B 313 -2.85 8.10 15.29
N ALA B 314 -3.21 9.33 15.79
CA ALA B 314 -4.60 9.80 15.75
C ALA B 314 -5.02 10.31 14.34
N TYR B 315 -4.05 10.61 13.49
CA TYR B 315 -4.30 10.97 12.09
C TYR B 315 -4.87 9.73 11.39
N LYS B 316 -4.25 8.56 11.58
CA LYS B 316 -4.76 7.31 10.96
C LYS B 316 -6.12 6.93 11.53
N ARG B 317 -6.34 7.17 12.83
CA ARG B 317 -7.61 6.88 13.47
C ARG B 317 -8.72 7.73 12.84
N ALA B 318 -8.44 9.01 12.62
CA ALA B 318 -9.39 9.93 12.01
C ALA B 318 -9.72 9.54 10.56
N ILE B 319 -8.74 9.01 9.79
CA ILE B 319 -8.93 8.53 8.43
C ILE B 319 -9.86 7.29 8.44
N GLY B 320 -9.61 6.35 9.34
CA GLY B 320 -10.45 5.17 9.48
C GLY B 320 -11.86 5.52 9.88
N ALA B 321 -12.01 6.51 10.79
CA ALA B 321 -13.31 6.94 11.30
C ALA B 321 -14.10 7.63 10.19
N ASN B 322 -13.43 8.50 9.41
CA ASN B 322 -14.07 9.19 8.28
C ASN B 322 -14.41 8.23 7.14
N TRP B 323 -13.65 7.15 6.98
CA TRP B 323 -13.98 6.12 6.00
C TRP B 323 -15.32 5.47 6.39
N ALA B 324 -15.54 5.22 7.70
CA ALA B 324 -16.79 4.60 8.16
C ALA B 324 -17.97 5.56 7.97
N ILE B 325 -17.79 6.85 8.31
CA ILE B 325 -18.86 7.84 8.13
C ILE B 325 -19.27 7.93 6.65
N LYS B 326 -18.28 7.89 5.76
CA LYS B 326 -18.51 7.97 4.32
C LYS B 326 -19.12 6.70 3.74
N THR B 327 -18.66 5.51 4.17
CA THR B 327 -19.07 4.26 3.52
C THR B 327 -20.02 3.36 4.29
N ARG B 328 -20.18 3.51 5.61
CA ARG B 328 -21.01 2.58 6.38
C ARG B 328 -22.32 3.16 6.89
N GLY B 329 -22.68 4.37 6.43
CA GLY B 329 -23.93 5.02 6.76
C GLY B 329 -24.13 5.27 8.24
N LEU B 330 -23.09 5.76 8.95
CA LEU B 330 -23.21 5.98 10.40
C LEU B 330 -24.18 7.09 10.68
N ARG B 331 -24.14 8.17 9.91
CA ARG B 331 -25.03 9.31 10.11
C ARG B 331 -26.49 8.90 9.93
N GLN B 332 -26.77 8.15 8.87
CA GLN B 332 -28.08 7.65 8.47
C GLN B 332 -28.63 6.72 9.53
N ASN B 333 -27.80 5.86 10.09
CA ASN B 333 -28.26 4.92 11.11
C ASN B 333 -28.58 5.62 12.44
N LYS B 334 -27.88 6.73 12.76
CA LYS B 334 -28.21 7.49 13.95
C LYS B 334 -29.51 8.26 13.72
N GLN B 335 -29.72 8.77 12.50
CA GLN B 335 -30.92 9.46 12.08
C GLN B 335 -32.11 8.51 12.18
N ALA B 336 -31.96 7.26 11.73
CA ALA B 336 -33.03 6.26 11.83
C ALA B 336 -33.32 5.89 13.30
N MET B 337 -32.28 5.84 14.14
CA MET B 337 -32.41 5.53 15.56
C MET B 337 -33.22 6.63 16.26
N GLN B 338 -32.91 7.90 15.98
CA GLN B 338 -33.62 9.00 16.62
C GLN B 338 -35.03 9.20 16.03
N ASP B 339 -35.23 8.92 14.73
CA ASP B 339 -36.57 9.07 14.13
C ASP B 339 -37.55 8.04 14.67
N ARG B 340 -37.05 6.83 14.95
CA ARG B 340 -37.85 5.74 15.51
C ARG B 340 -38.29 6.09 16.95
N LEU B 341 -37.38 6.69 17.76
CA LEU B 341 -37.73 7.09 19.11
C LEU B 341 -38.76 8.22 19.10
N ILE B 342 -38.60 9.20 18.18
CA ILE B 342 -39.51 10.33 18.02
C ILE B 342 -40.91 9.88 17.61
N ALA B 343 -41.01 8.88 16.73
CA ALA B 343 -42.29 8.33 16.28
C ALA B 343 -42.98 7.57 17.43
N TRP B 344 -42.20 6.84 18.22
CA TRP B 344 -42.71 6.10 19.38
C TRP B 344 -43.14 7.04 20.50
N GLY B 345 -42.42 8.15 20.66
CA GLY B 345 -42.75 9.15 21.66
C GLY B 345 -44.03 9.89 21.29
N ALA B 346 -44.26 10.12 19.98
CA ALA B 346 -45.47 10.77 19.49
C ALA B 346 -46.70 9.87 19.73
N LYS B 347 -46.53 8.55 19.59
CA LYS B 347 -47.61 7.61 19.84
C LYS B 347 -47.95 7.50 21.33
N GLN B 348 -46.94 7.60 22.22
CA GLN B 348 -47.18 7.51 23.65
C GLN B 348 -47.68 8.83 24.28
N GLY B 349 -47.70 9.93 23.52
CA GLY B 349 -48.10 11.23 24.03
C GLY B 349 -47.03 11.90 24.87
N THR B 350 -45.76 11.49 24.71
CA THR B 350 -44.64 12.04 25.47
C THR B 350 -43.64 12.76 24.54
N PRO B 351 -43.68 14.11 24.49
CA PRO B 351 -42.78 14.83 23.59
C PRO B 351 -41.34 15.06 24.08
N ARG B 352 -40.99 14.65 25.30
CA ARG B 352 -39.66 14.92 25.85
C ARG B 352 -38.48 14.30 25.09
N TYR B 353 -38.68 13.20 24.37
CA TYR B 353 -37.58 12.56 23.61
C TYR B 353 -37.26 13.36 22.37
N GLU B 354 -38.30 13.86 21.67
CA GLU B 354 -38.11 14.70 20.50
C GLU B 354 -37.49 16.04 20.91
N GLU B 355 -37.91 16.59 22.06
CA GLU B 355 -37.37 17.83 22.60
C GLU B 355 -35.89 17.65 22.95
N ALA B 356 -35.51 16.46 23.49
CA ALA B 356 -34.13 16.14 23.84
C ALA B 356 -33.22 16.08 22.61
N VAL B 357 -33.66 15.41 21.52
CA VAL B 357 -32.90 15.33 20.26
C VAL B 357 -32.77 16.73 19.65
N HIS B 358 -33.85 17.53 19.69
CA HIS B 358 -33.83 18.90 19.20
C HIS B 358 -32.83 19.75 20.00
N GLU B 359 -32.77 19.60 21.34
CA GLU B 359 -31.82 20.37 22.15
C GLU B 359 -30.39 20.02 21.78
N ILE B 360 -30.11 18.73 21.49
CA ILE B 360 -28.76 18.30 21.09
C ILE B 360 -28.40 18.94 19.73
N ASP B 361 -29.34 18.89 18.75
CA ASP B 361 -29.12 19.48 17.43
C ASP B 361 -28.87 20.99 17.51
N ALA B 362 -29.66 21.69 18.35
CA ALA B 362 -29.54 23.13 18.49
C ALA B 362 -28.21 23.51 19.16
N THR B 363 -27.76 22.70 20.13
CA THR B 363 -26.49 22.96 20.80
C THR B 363 -25.35 22.71 19.82
N VAL B 364 -25.40 21.62 19.05
CA VAL B 364 -24.38 21.32 18.04
C VAL B 364 -24.28 22.46 17.01
N ALA B 365 -25.43 22.90 16.48
CA ALA B 365 -25.44 23.97 15.48
C ALA B 365 -24.94 25.30 16.03
N LYS B 366 -25.29 25.62 17.29
CA LYS B 366 -24.85 26.88 17.91
C LYS B 366 -23.35 26.94 18.20
N ARG B 367 -22.75 25.83 18.65
CA ARG B 367 -21.32 25.80 18.93
C ARG B 367 -20.41 25.56 17.70
N ALA B 368 -20.97 25.39 16.50
CA ALA B 368 -20.19 25.05 15.29
C ALA B 368 -18.98 25.96 14.99
N ASP B 369 -19.15 27.28 14.93
CA ASP B 369 -18.04 28.17 14.60
C ASP B 369 -16.94 28.13 15.67
N LEU B 370 -17.33 28.14 16.95
CA LEU B 370 -16.42 28.08 18.08
C LEU B 370 -15.62 26.77 18.08
N ARG B 371 -16.30 25.61 17.90
CA ARG B 371 -15.65 24.31 17.88
C ARG B 371 -14.67 24.21 16.69
N ARG B 372 -15.02 24.80 15.53
CA ARG B 372 -14.16 24.85 14.38
C ARG B 372 -12.90 25.70 14.73
N ARG B 373 -13.10 26.86 15.32
CA ARG B 373 -11.97 27.71 15.74
C ARG B 373 -11.08 27.01 16.77
N TYR B 374 -11.66 26.22 17.69
CA TYR B 374 -10.91 25.48 18.70
C TYR B 374 -10.04 24.37 18.08
N TRP B 375 -10.63 23.54 17.21
CA TRP B 375 -9.87 22.47 16.56
C TRP B 375 -8.82 23.04 15.63
N MET B 376 -9.13 24.14 14.95
CA MET B 376 -8.16 24.80 14.07
C MET B 376 -6.92 25.26 14.85
N ILE B 377 -7.11 25.88 16.03
CA ILE B 377 -5.97 26.35 16.81
C ILE B 377 -5.24 25.19 17.51
N GLU B 378 -5.98 24.18 17.96
CA GLU B 378 -5.38 23.05 18.65
C GLU B 378 -4.54 22.19 17.69
N GLU B 379 -5.09 21.83 16.56
CA GLU B 379 -4.39 21.04 15.56
C GLU B 379 -3.35 21.87 14.80
N GLY B 380 -3.72 23.10 14.46
CA GLY B 380 -2.86 23.98 13.69
C GLY B 380 -1.68 24.59 14.41
N ILE B 381 -1.88 25.00 15.68
CA ILE B 381 -0.84 25.75 16.40
C ILE B 381 -0.39 25.08 17.68
N ILE B 382 -1.32 24.79 18.64
CA ILE B 382 -1.03 24.17 19.94
C ILE B 382 -0.20 22.89 19.77
N ARG B 383 -0.68 21.94 18.95
CA ARG B 383 0.13 20.75 18.67
C ARG B 383 0.90 20.87 17.33
N GLY B 384 0.48 21.74 16.42
CA GLY B 384 1.14 21.87 15.13
C GLY B 384 2.47 22.59 15.10
N ILE B 385 2.69 23.62 15.95
CA ILE B 385 3.90 24.42 15.93
C ILE B 385 4.63 24.34 17.27
N GLU B 386 5.89 23.86 17.27
CA GLU B 386 6.65 23.70 18.49
C GLU B 386 6.90 25.00 19.25
N PHE B 387 7.17 26.12 18.56
CA PHE B 387 7.43 27.38 19.24
C PHE B 387 6.15 27.98 19.88
N ALA B 388 4.98 27.31 19.76
CA ALA B 388 3.78 27.74 20.50
C ALA B 388 4.02 27.34 21.99
N ARG B 389 4.77 26.24 22.25
CA ARG B 389 5.07 25.79 23.59
C ARG B 389 6.46 26.28 24.06
N SER B 390 6.88 27.45 23.58
CA SER B 390 8.12 28.05 24.00
C SER B 390 7.88 28.77 25.36
N PRO B 391 8.95 29.19 26.09
CA PRO B 391 8.73 29.77 27.42
C PRO B 391 7.92 31.07 27.50
N ILE B 392 6.99 31.09 28.45
CA ILE B 392 6.22 32.28 28.75
C ILE B 392 6.57 32.66 30.19
N PRO B 393 7.19 33.83 30.40
CA PRO B 393 7.56 34.23 31.76
C PRO B 393 6.34 34.36 32.69
N THR B 394 6.43 33.76 33.87
CA THR B 394 5.35 33.82 34.85
C THR B 394 5.23 35.25 35.45
N GLU B 395 4.19 35.51 36.28
CA GLU B 395 4.04 36.80 36.98
C GLU B 395 5.14 36.94 38.06
N ASP B 396 5.49 35.82 38.72
CA ASP B 396 6.55 35.72 39.74
C ASP B 396 7.92 36.03 39.12
N GLU B 397 8.16 35.53 37.89
CA GLU B 397 9.44 35.72 37.19
C GLU B 397 9.64 37.15 36.73
N THR B 398 8.59 37.79 36.20
CA THR B 398 8.70 39.19 35.78
C THR B 398 8.78 40.11 37.02
N LYS B 399 8.10 39.74 38.13
CA LYS B 399 8.16 40.49 39.39
C LYS B 399 9.30 39.86 40.19
N ALA B 400 10.51 40.01 39.66
CA ALA B 400 11.81 39.56 40.13
C ALA B 400 12.87 40.21 39.23
N LEU B 401 12.63 40.24 37.91
CA LEU B 401 13.53 40.92 36.98
C LEU B 401 13.33 42.43 37.04
N GLN B 402 12.13 42.93 37.44
CA GLN B 402 11.77 44.34 37.59
C GLN B 402 10.32 44.49 38.07
N ALA B 406 16.20 42.84 44.00
CA ALA B 406 16.78 41.73 44.76
C ALA B 406 17.62 40.80 43.85
N SER B 407 18.49 39.95 44.46
CA SER B 407 19.29 38.99 43.69
C SER B 407 18.47 37.83 43.12
N ALA B 408 17.15 37.79 43.38
CA ALA B 408 16.23 36.79 42.84
C ALA B 408 16.06 36.93 41.28
N ARG B 409 16.79 37.86 40.66
CA ARG B 409 16.86 38.03 39.22
C ARG B 409 17.59 36.81 38.62
N LYS B 410 18.64 36.31 39.32
CA LYS B 410 19.45 35.16 38.91
C LYS B 410 18.66 33.85 38.99
N GLU B 411 17.70 33.77 39.93
CA GLU B 411 16.82 32.61 40.13
C GLU B 411 15.73 32.60 39.03
N ALA B 412 15.22 33.78 38.67
CA ALA B 412 14.20 33.91 37.64
C ALA B 412 14.79 33.47 36.30
N ILE B 413 16.02 33.93 35.98
CA ILE B 413 16.72 33.56 34.76
C ILE B 413 17.03 32.07 34.73
N ASP B 414 17.35 31.45 35.88
CA ASP B 414 17.64 30.01 35.89
C ASP B 414 16.41 29.16 35.61
N LYS B 415 15.23 29.63 36.05
CA LYS B 415 13.97 28.95 35.80
C LYS B 415 13.57 29.11 34.33
N ILE B 416 13.69 30.35 33.78
CA ILE B 416 13.40 30.61 32.38
C ILE B 416 14.36 29.81 31.49
N ARG B 417 15.65 29.75 31.87
CA ARG B 417 16.67 29.01 31.15
C ARG B 417 16.35 27.52 31.09
N THR B 418 15.90 26.94 32.21
CA THR B 418 15.56 25.53 32.26
C THR B 418 14.44 25.19 31.28
N ARG B 419 13.44 26.07 31.19
CA ARG B 419 12.31 25.92 30.28
C ARG B 419 12.73 26.16 28.83
N TYR B 420 13.65 27.09 28.58
CA TYR B 420 14.16 27.33 27.24
C TYR B 420 14.93 26.09 26.77
N SER B 421 15.76 25.53 27.63
CA SER B 421 16.57 24.36 27.35
C SER B 421 15.69 23.11 27.12
N LYS B 422 14.52 23.05 27.75
CA LYS B 422 13.58 21.93 27.55
C LYS B 422 12.82 22.10 26.20
N PHE B 423 12.54 23.35 25.79
CA PHE B 423 11.89 23.64 24.50
C PHE B 423 12.90 23.42 23.35
N ALA B 424 14.05 24.08 23.41
CA ALA B 424 15.09 23.92 22.40
C ALA B 424 16.01 22.77 22.85
N ASN B 425 15.49 21.54 22.87
CA ASN B 425 16.29 20.40 23.31
C ASN B 425 17.07 19.73 22.15
N LYS B 426 17.71 18.56 22.40
CA LYS B 426 18.49 17.84 21.40
C LYS B 426 17.69 17.45 20.16
N ASP B 427 16.35 17.38 20.28
CA ASP B 427 15.44 17.01 19.20
C ASP B 427 14.74 18.19 18.53
N TYR B 428 15.01 19.42 18.95
CA TYR B 428 14.36 20.58 18.39
C TYR B 428 15.19 21.24 17.27
N SER B 429 14.58 21.42 16.09
CA SER B 429 15.21 22.14 15.00
C SER B 429 14.38 23.39 14.75
N ALA B 430 14.99 24.58 14.95
CA ALA B 430 14.36 25.87 14.69
C ALA B 430 14.01 26.01 13.21
N GLU B 431 14.89 25.51 12.33
CA GLU B 431 14.71 25.53 10.89
C GLU B 431 13.51 24.65 10.45
N VAL B 432 13.41 23.42 10.98
CA VAL B 432 12.27 22.54 10.68
C VAL B 432 10.98 23.18 11.23
N ASP B 433 11.04 23.72 12.45
CA ASP B 433 9.90 24.39 13.06
C ASP B 433 9.44 25.63 12.29
N LYS B 434 10.38 26.44 11.75
CA LYS B 434 10.01 27.58 10.91
C LYS B 434 9.27 27.08 9.65
N LYS B 435 9.75 26.00 9.03
CA LYS B 435 9.10 25.44 7.84
C LYS B 435 7.71 24.92 8.15
N VAL B 436 7.57 24.15 9.25
CA VAL B 436 6.27 23.64 9.66
C VAL B 436 5.33 24.83 9.97
N ALA B 437 5.78 25.82 10.76
CA ALA B 437 4.96 26.98 11.11
C ALA B 437 4.52 27.77 9.90
N VAL B 438 5.38 27.94 8.88
CA VAL B 438 4.98 28.68 7.69
C VAL B 438 3.83 27.94 6.96
N ALA B 439 3.91 26.62 6.82
CA ALA B 439 2.84 25.86 6.17
C ALA B 439 1.55 25.82 7.05
N MET B 440 1.70 25.58 8.35
CA MET B 440 0.56 25.52 9.28
C MET B 440 -0.16 26.86 9.43
N LEU B 441 0.59 27.96 9.57
CA LEU B 441 -0.02 29.29 9.70
C LEU B 441 -0.64 29.73 8.41
N THR B 442 -0.06 29.37 7.25
CA THR B 442 -0.68 29.70 5.95
C THR B 442 -2.10 29.09 5.86
N GLU B 443 -2.24 27.81 6.26
CA GLU B 443 -3.54 27.17 6.31
C GLU B 443 -4.47 27.83 7.35
N TYR B 444 -3.95 28.03 8.58
CA TYR B 444 -4.71 28.63 9.67
C TYR B 444 -5.26 30.03 9.30
N LEU B 445 -4.41 30.90 8.72
CA LEU B 445 -4.76 32.25 8.31
C LEU B 445 -5.79 32.30 7.17
N LYS B 446 -5.81 31.27 6.33
CA LYS B 446 -6.79 31.11 5.26
C LYS B 446 -8.17 30.70 5.87
N GLU B 447 -8.17 29.93 6.98
CA GLU B 447 -9.40 29.44 7.60
C GLU B 447 -10.00 30.29 8.70
N ILE B 448 -9.19 31.08 9.39
CA ILE B 448 -9.66 31.87 10.52
C ILE B 448 -9.62 33.35 10.17
N PRO B 449 -10.76 34.04 10.19
CA PRO B 449 -10.76 35.47 9.82
C PRO B 449 -10.02 36.33 10.82
N TYR B 450 -9.53 37.49 10.35
CA TYR B 450 -8.78 38.47 11.13
C TYR B 450 -9.37 38.76 12.50
N GLU B 451 -10.69 39.04 12.57
CA GLU B 451 -11.32 39.36 13.86
C GLU B 451 -11.37 38.17 14.83
N ASN B 452 -11.08 36.95 14.36
CA ASN B 452 -11.07 35.75 15.19
C ASN B 452 -9.63 35.20 15.45
N LEU B 453 -8.59 35.92 15.02
CA LEU B 453 -7.22 35.48 15.16
C LEU B 453 -6.68 35.75 16.53
N PRO B 454 -5.74 34.91 17.03
CA PRO B 454 -4.99 35.31 18.23
C PRO B 454 -4.29 36.65 17.90
N LEU B 455 -4.40 37.63 18.81
CA LEU B 455 -3.92 39.01 18.62
C LEU B 455 -2.58 39.14 17.87
N HIS B 456 -1.55 38.35 18.22
CA HIS B 456 -0.26 38.44 17.55
C HIS B 456 -0.31 38.10 16.07
N LEU B 457 -1.19 37.15 15.67
CA LEU B 457 -1.32 36.73 14.28
C LEU B 457 -1.89 37.82 13.36
N ARG B 458 -2.53 38.86 13.93
CA ARG B 458 -3.00 40.02 13.18
C ARG B 458 -1.81 40.77 12.56
N LEU B 459 -0.58 40.63 13.13
CA LEU B 459 0.63 41.25 12.59
C LEU B 459 0.99 40.73 11.19
N VAL B 460 0.51 39.54 10.79
CA VAL B 460 0.79 39.02 9.46
C VAL B 460 0.21 39.96 8.41
N LYS B 461 -1.04 40.37 8.56
CA LYS B 461 -1.67 41.31 7.63
C LYS B 461 -1.22 42.76 7.89
N ASP B 462 -1.21 43.16 9.16
CA ASP B 462 -0.91 44.54 9.53
C ASP B 462 0.54 45.00 9.37
N ARG B 463 1.50 44.21 9.85
CA ARG B 463 2.90 44.58 9.83
C ARG B 463 3.72 43.91 8.74
N PHE B 464 3.34 42.68 8.33
CA PHE B 464 4.15 41.93 7.37
C PHE B 464 3.56 41.81 5.99
N ALA B 465 2.54 42.61 5.66
CA ALA B 465 1.92 42.62 4.32
C ALA B 465 1.50 41.22 3.83
N GLY B 466 1.01 40.40 4.75
CA GLY B 466 0.56 39.05 4.46
C GLY B 466 1.66 38.02 4.29
N ASP B 467 2.94 38.40 4.47
CA ASP B 467 4.07 37.48 4.31
C ASP B 467 4.28 36.66 5.58
N VAL B 468 3.78 35.41 5.58
CA VAL B 468 3.89 34.50 6.71
C VAL B 468 5.35 34.14 6.97
N GLN B 469 6.13 33.92 5.91
CA GLN B 469 7.55 33.60 6.04
C GLN B 469 8.32 34.70 6.76
N ALA B 470 8.03 35.97 6.44
CA ALA B 470 8.68 37.12 7.08
C ALA B 470 8.29 37.26 8.54
N TYR B 471 7.02 36.99 8.85
CA TYR B 471 6.51 37.04 10.20
C TYR B 471 7.23 35.99 11.06
N VAL B 472 7.35 34.77 10.55
CA VAL B 472 8.02 33.67 11.25
C VAL B 472 9.52 33.95 11.38
N ASP B 473 10.18 34.41 10.29
CA ASP B 473 11.59 34.78 10.31
C ASP B 473 11.85 35.85 11.37
N ASP B 474 10.95 36.83 11.46
CA ASP B 474 11.11 37.91 12.43
C ASP B 474 10.99 37.41 13.89
N ILE B 475 10.09 36.44 14.15
CA ILE B 475 9.90 35.84 15.47
C ILE B 475 11.23 35.27 15.98
N PHE B 476 11.92 34.50 15.13
CA PHE B 476 13.19 33.88 15.48
C PHE B 476 14.36 34.84 15.47
N ALA B 477 14.37 35.83 14.56
CA ALA B 477 15.48 36.77 14.46
C ALA B 477 15.56 37.70 15.66
N ARG B 478 14.41 38.09 16.22
CA ARG B 478 14.37 39.03 17.32
C ARG B 478 14.09 38.43 18.67
N SER B 479 13.65 37.17 18.73
CA SER B 479 13.33 36.55 20.00
C SER B 479 14.52 36.09 20.81
N VAL B 480 14.40 36.26 22.15
CA VAL B 480 15.38 35.74 23.11
C VAL B 480 15.37 34.20 23.12
N PHE B 481 14.33 33.53 22.57
CA PHE B 481 14.31 32.06 22.45
C PHE B 481 14.57 31.58 21.00
N GLY B 482 15.00 32.51 20.12
CA GLY B 482 15.29 32.21 18.72
C GLY B 482 16.55 31.40 18.51
N SER B 483 17.50 31.46 19.45
CA SER B 483 18.77 30.71 19.40
C SER B 483 19.43 30.74 20.77
N GLU B 484 20.47 29.91 20.98
CA GLU B 484 21.18 29.88 22.25
C GLU B 484 21.88 31.21 22.51
N ALA B 485 22.51 31.79 21.47
CA ALA B 485 23.21 33.08 21.59
C ALA B 485 22.25 34.21 21.93
N GLN B 486 21.03 34.16 21.38
CA GLN B 486 20.05 35.19 21.66
C GLN B 486 19.56 35.08 23.11
N PHE B 487 19.41 33.84 23.64
CA PHE B 487 19.00 33.66 25.02
C PHE B 487 20.08 34.14 25.96
N ASP B 488 21.33 33.71 25.75
CA ASP B 488 22.46 34.13 26.58
C ASP B 488 22.66 35.63 26.61
N ALA B 489 22.40 36.33 25.49
CA ALA B 489 22.49 37.79 25.48
C ALA B 489 21.40 38.41 26.36
N PHE B 490 20.21 37.81 26.37
CA PHE B 490 19.12 38.28 27.21
C PHE B 490 19.47 37.99 28.69
N ALA B 491 19.90 36.75 28.99
CA ALA B 491 20.25 36.30 30.33
C ALA B 491 21.34 37.15 30.98
N ALA B 492 22.25 37.73 30.19
CA ALA B 492 23.31 38.60 30.69
C ALA B 492 22.76 39.98 31.09
N VAL B 493 21.83 40.51 30.29
CA VAL B 493 21.23 41.82 30.57
C VAL B 493 19.70 41.68 30.50
N PRO B 494 19.07 41.03 31.50
CA PRO B 494 17.61 40.82 31.42
C PRO B 494 16.78 42.04 31.78
N SER B 495 15.88 42.41 30.88
CA SER B 495 14.93 43.50 31.03
C SER B 495 13.50 42.92 30.89
N VAL B 496 12.53 43.37 31.72
CA VAL B 496 11.15 42.90 31.60
C VAL B 496 10.46 43.48 30.34
N GLU B 497 10.94 44.65 29.86
CA GLU B 497 10.48 45.31 28.65
C GLU B 497 10.90 44.50 27.40
N LYS B 498 12.02 43.74 27.49
CA LYS B 498 12.51 42.87 26.42
C LYS B 498 11.57 41.67 26.32
N LEU B 499 11.16 41.09 27.46
CA LEU B 499 10.26 39.94 27.49
C LEU B 499 8.84 40.32 27.10
N ALA B 500 8.37 41.48 27.55
CA ALA B 500 7.01 41.96 27.27
C ALA B 500 6.79 42.27 25.79
N GLU B 501 7.85 42.58 25.05
CA GLU B 501 7.78 42.88 23.63
C GLU B 501 8.39 41.74 22.74
N ASP B 502 8.82 40.63 23.36
CA ASP B 502 9.40 39.52 22.62
C ASP B 502 8.39 38.89 21.66
N PRO B 503 8.73 38.82 20.36
CA PRO B 503 7.77 38.28 19.36
C PRO B 503 7.36 36.82 19.60
N MET B 504 8.28 35.96 20.09
CA MET B 504 7.91 34.58 20.38
C MET B 504 7.07 34.49 21.64
N VAL B 505 7.38 35.31 22.68
CA VAL B 505 6.59 35.31 23.92
C VAL B 505 5.14 35.77 23.60
N LEU B 506 5.01 36.82 22.81
CA LEU B 506 3.72 37.38 22.40
C LEU B 506 2.95 36.40 21.55
N PHE B 507 3.63 35.62 20.68
CA PHE B 507 2.98 34.62 19.85
C PHE B 507 2.42 33.54 20.77
N ALA B 508 3.27 32.95 21.64
CA ALA B 508 2.92 31.86 22.52
C ALA B 508 1.79 32.25 23.46
N SER B 509 1.87 33.45 24.07
CA SER B 509 0.86 33.99 24.98
C SER B 509 -0.43 34.19 24.23
N SER B 510 -0.36 34.85 23.08
CA SER B 510 -1.51 35.15 22.25
C SER B 510 -2.27 33.88 21.82
N VAL B 511 -1.55 32.83 21.38
CA VAL B 511 -2.21 31.62 20.90
C VAL B 511 -2.78 30.84 22.07
N PHE B 512 -2.09 30.80 23.23
CA PHE B 512 -2.62 30.11 24.40
C PHE B 512 -3.83 30.87 24.99
N ASP B 513 -3.85 32.20 24.89
CA ASP B 513 -4.99 32.99 25.38
C ASP B 513 -6.24 32.66 24.55
N GLU B 514 -6.07 32.52 23.22
CA GLU B 514 -7.20 32.23 22.34
C GLU B 514 -7.69 30.79 22.54
N TYR B 515 -6.77 29.86 22.72
CA TYR B 515 -7.05 28.45 22.97
C TYR B 515 -7.89 28.31 24.28
N ARG B 516 -7.50 29.03 25.34
CA ARG B 516 -8.23 29.01 26.62
C ARG B 516 -9.57 29.76 26.54
N LYS B 517 -9.63 30.91 25.85
CA LYS B 517 -10.88 31.65 25.69
C LYS B 517 -11.91 30.77 24.92
N LEU B 518 -11.44 30.02 23.87
CA LEU B 518 -12.32 29.13 23.10
C LEU B 518 -12.79 27.97 23.94
N TYR B 519 -11.88 27.37 24.75
CA TYR B 519 -12.20 26.28 25.63
C TYR B 519 -13.28 26.70 26.64
N ASN B 520 -13.09 27.85 27.29
CA ASN B 520 -14.02 28.37 28.29
C ASN B 520 -15.37 28.74 27.70
N GLU B 521 -15.39 29.22 26.45
CA GLU B 521 -16.64 29.57 25.79
C GLU B 521 -17.39 28.30 25.34
N LEU B 522 -16.67 27.22 25.00
CA LEU B 522 -17.27 25.97 24.53
C LEU B 522 -17.73 25.04 25.63
N ARG B 523 -17.06 25.04 26.79
CA ARG B 523 -17.41 24.18 27.94
C ARG B 523 -18.91 24.24 28.32
N PRO B 524 -19.57 25.43 28.41
CA PRO B 524 -21.01 25.45 28.73
C PRO B 524 -21.94 24.69 27.79
N TYR B 525 -21.52 24.38 26.57
CA TYR B 525 -22.35 23.65 25.62
C TYR B 525 -22.41 22.14 25.90
N ASP B 526 -21.46 21.60 26.68
CA ASP B 526 -21.47 20.18 27.00
C ASP B 526 -22.68 19.76 27.86
N ASP B 527 -23.00 20.57 28.87
CA ASP B 527 -24.06 20.31 29.85
C ASP B 527 -25.46 20.14 29.24
N PRO B 528 -25.99 21.01 28.36
CA PRO B 528 -27.32 20.74 27.79
C PRO B 528 -27.35 19.41 27.02
N ILE B 529 -26.26 19.09 26.31
CA ILE B 529 -26.15 17.84 25.53
C ILE B 529 -26.20 16.66 26.48
N LEU B 530 -25.41 16.71 27.56
CA LEU B 530 -25.41 15.64 28.56
C LEU B 530 -26.80 15.44 29.18
N ARG B 531 -27.45 16.55 29.63
CA ARG B 531 -28.79 16.51 30.20
C ARG B 531 -29.78 15.89 29.20
N ALA B 532 -29.75 16.31 27.92
CA ALA B 532 -30.64 15.79 26.87
C ALA B 532 -30.35 14.32 26.56
N GLN B 533 -29.09 13.88 26.68
CA GLN B 533 -28.73 12.47 26.46
C GLN B 533 -29.27 11.57 27.56
N ARG B 534 -29.44 12.10 28.79
CA ARG B 534 -30.02 11.32 29.87
C ARG B 534 -31.46 10.96 29.50
N THR B 535 -32.23 11.95 28.98
CA THR B 535 -33.61 11.73 28.50
C THR B 535 -33.63 10.88 27.22
N TYR B 536 -32.75 11.17 26.27
CA TYR B 536 -32.67 10.43 25.01
C TYR B 536 -32.44 8.93 25.23
N ILE B 537 -31.39 8.56 26.01
CA ILE B 537 -31.05 7.17 26.28
C ILE B 537 -32.14 6.50 27.12
N ALA B 538 -32.79 7.25 28.04
CA ALA B 538 -33.90 6.70 28.83
C ALA B 538 -35.04 6.24 27.89
N GLY B 539 -35.34 7.05 26.88
CA GLY B 539 -36.35 6.73 25.88
C GLY B 539 -35.96 5.55 25.04
N LEU B 540 -34.71 5.52 24.54
CA LEU B 540 -34.19 4.40 23.77
C LEU B 540 -34.32 3.08 24.55
N LEU B 541 -33.94 3.06 25.83
CA LEU B 541 -34.03 1.89 26.70
C LEU B 541 -35.47 1.49 27.01
N GLU B 542 -36.34 2.49 27.27
CA GLU B 542 -37.76 2.21 27.53
C GLU B 542 -38.46 1.65 26.28
N MET B 543 -38.04 2.08 25.10
CA MET B 543 -38.59 1.61 23.83
C MET B 543 -38.06 0.24 23.38
N ASP B 544 -36.74 0.07 23.26
CA ASP B 544 -36.16 -1.16 22.71
C ASP B 544 -35.42 -2.07 23.73
N GLY B 545 -35.34 -1.66 24.99
CA GLY B 545 -34.70 -2.44 26.03
C GLY B 545 -33.19 -2.42 26.10
N ASP B 546 -32.66 -2.85 27.28
CA ASP B 546 -31.23 -2.96 27.62
C ASP B 546 -30.71 -4.37 27.29
N GLN B 547 -30.49 -4.61 25.98
CA GLN B 547 -30.01 -5.86 25.37
C GLN B 547 -30.20 -5.58 23.90
N ASP B 548 -29.08 -5.47 23.16
CA ASP B 548 -28.86 -4.97 21.81
C ASP B 548 -28.20 -3.56 21.97
N GLN B 549 -28.68 -2.74 22.95
CA GLN B 549 -28.06 -1.44 23.18
C GLN B 549 -27.33 -1.41 24.51
N PHE B 550 -26.00 -1.52 24.44
CA PHE B 550 -25.04 -1.55 25.53
C PHE B 550 -24.75 -0.14 26.04
N PRO B 551 -24.33 0.00 27.31
CA PRO B 551 -24.00 1.35 27.81
C PRO B 551 -22.66 1.79 27.26
N ASP B 552 -22.49 3.09 26.98
CA ASP B 552 -21.20 3.60 26.50
C ASP B 552 -20.04 3.19 27.43
N ALA B 553 -18.88 2.85 26.85
CA ALA B 553 -17.68 2.52 27.62
C ALA B 553 -17.30 3.70 28.53
N ASN B 554 -16.80 3.43 29.74
CA ASN B 554 -16.45 4.51 30.67
C ASN B 554 -15.33 4.04 31.62
N LEU B 555 -14.37 3.27 31.09
CA LEU B 555 -13.24 2.68 31.79
C LEU B 555 -13.65 1.70 32.87
N THR B 556 -14.78 1.02 32.68
CA THR B 556 -15.24 0.01 33.63
C THR B 556 -15.22 -1.36 32.97
N LEU B 557 -15.16 -2.40 33.81
CA LEU B 557 -15.09 -3.80 33.38
C LEU B 557 -16.27 -4.21 32.50
N ARG B 558 -15.98 -4.71 31.30
CA ARG B 558 -17.01 -5.15 30.37
C ARG B 558 -16.61 -6.48 29.74
N PHE B 559 -17.63 -7.19 29.24
CA PHE B 559 -17.36 -8.38 28.47
C PHE B 559 -17.94 -8.19 27.07
N THR B 560 -17.29 -8.84 26.12
CA THR B 560 -17.72 -8.84 24.73
C THR B 560 -17.46 -10.26 24.21
N TYR B 561 -18.28 -10.70 23.30
CA TYR B 561 -18.15 -12.03 22.71
C TYR B 561 -18.36 -11.96 21.22
N GLY B 562 -17.72 -12.89 20.53
CA GLY B 562 -17.83 -13.00 19.09
C GLY B 562 -17.20 -14.29 18.61
N GLN B 563 -16.65 -14.27 17.43
CA GLN B 563 -16.01 -15.44 16.84
C GLN B 563 -14.68 -15.07 16.21
N VAL B 564 -13.80 -16.07 16.08
CA VAL B 564 -12.53 -15.94 15.37
C VAL B 564 -12.91 -15.92 13.86
N LYS B 565 -12.81 -14.75 13.23
CA LYS B 565 -13.24 -14.61 11.84
C LYS B 565 -12.48 -13.48 11.17
N GLY B 566 -12.08 -13.71 9.93
CA GLY B 566 -11.45 -12.66 9.14
C GLY B 566 -12.52 -11.81 8.47
N TYR B 567 -12.17 -11.08 7.40
CA TYR B 567 -13.12 -10.21 6.70
C TYR B 567 -12.57 -9.80 5.36
N SER B 568 -13.43 -9.24 4.51
CA SER B 568 -13.06 -8.72 3.20
C SER B 568 -12.92 -7.19 3.27
N PRO B 569 -11.70 -6.66 3.21
CA PRO B 569 -11.52 -5.20 3.30
C PRO B 569 -12.02 -4.43 2.09
N ARG B 570 -11.99 -5.08 0.93
CA ARG B 570 -12.38 -4.47 -0.33
C ARG B 570 -12.65 -5.58 -1.36
N ASP B 571 -13.24 -5.21 -2.51
CA ASP B 571 -13.61 -6.12 -3.60
C ASP B 571 -12.48 -7.08 -3.96
N ASN B 572 -12.79 -8.38 -3.89
CA ASN B 572 -11.91 -9.47 -4.27
C ASN B 572 -10.70 -9.70 -3.34
N VAL B 573 -10.73 -9.15 -2.14
CA VAL B 573 -9.64 -9.32 -1.19
C VAL B 573 -10.17 -9.91 0.12
N TYR B 574 -9.55 -10.99 0.61
CA TYR B 574 -9.95 -11.57 1.89
C TYR B 574 -8.77 -11.69 2.82
N TYR B 575 -8.96 -11.22 4.04
CA TYR B 575 -7.97 -11.33 5.11
C TYR B 575 -8.51 -12.43 6.00
N GLY B 576 -7.76 -13.50 6.14
CA GLY B 576 -8.16 -14.60 6.99
C GLY B 576 -8.14 -14.26 8.47
N HIS B 577 -8.50 -15.25 9.29
CA HIS B 577 -8.59 -15.08 10.71
C HIS B 577 -7.25 -15.24 11.44
N GLN B 578 -6.20 -15.78 10.81
CA GLN B 578 -4.95 -16.09 11.51
C GLN B 578 -3.66 -15.77 10.72
N THR B 579 -2.65 -15.17 11.39
CA THR B 579 -1.33 -14.98 10.73
C THR B 579 -0.33 -15.99 11.30
N THR B 580 0.75 -16.23 10.57
CA THR B 580 1.77 -17.19 10.97
C THR B 580 3.16 -16.57 11.01
N LEU B 581 4.16 -17.32 11.58
CA LEU B 581 5.56 -16.91 11.65
C LEU B 581 6.16 -16.69 10.25
N ASP B 582 5.60 -17.37 9.24
CA ASP B 582 5.96 -17.20 7.85
C ASP B 582 5.74 -15.75 7.40
N GLY B 583 4.67 -15.11 7.91
CA GLY B 583 4.32 -13.71 7.61
C GLY B 583 5.32 -12.72 8.18
N VAL B 584 5.93 -13.05 9.34
CA VAL B 584 7.00 -12.27 9.96
C VAL B 584 8.23 -12.32 9.03
N MET B 585 8.57 -13.52 8.55
CA MET B 585 9.72 -13.72 7.68
C MET B 585 9.55 -13.05 6.31
N GLU B 586 8.31 -13.00 5.77
CA GLU B 586 8.01 -12.30 4.53
C GLU B 586 8.24 -10.82 4.66
N LYS B 587 7.96 -10.25 5.87
CA LYS B 587 8.09 -8.84 6.16
C LYS B 587 9.50 -8.38 6.52
N GLU B 588 10.41 -9.31 6.84
CA GLU B 588 11.77 -8.97 7.22
C GLU B 588 12.48 -8.04 6.22
N ASP B 589 13.06 -6.95 6.73
CA ASP B 589 13.83 -5.97 5.98
C ASP B 589 14.89 -5.54 6.96
N PRO B 590 16.12 -6.07 6.84
CA PRO B 590 17.15 -5.77 7.84
C PRO B 590 17.59 -4.32 7.91
N ASP B 591 17.40 -3.54 6.82
CA ASP B 591 17.79 -2.14 6.82
C ASP B 591 16.60 -1.18 7.04
N ASN B 592 15.56 -1.66 7.74
CA ASN B 592 14.36 -0.90 8.14
C ASN B 592 14.10 -1.36 9.57
N TRP B 593 14.46 -0.51 10.56
CA TRP B 593 14.37 -0.80 12.00
C TRP B 593 13.03 -1.39 12.44
N GLU B 594 11.94 -1.03 11.77
CA GLU B 594 10.61 -1.52 12.10
C GLU B 594 10.42 -2.99 11.77
N PHE B 595 11.10 -3.48 10.72
CA PHE B 595 10.91 -4.85 10.27
C PHE B 595 12.14 -5.73 10.39
N VAL B 596 12.99 -5.45 11.39
CA VAL B 596 14.14 -6.34 11.64
C VAL B 596 13.59 -7.56 12.42
N VAL B 597 14.14 -8.73 12.14
CA VAL B 597 13.71 -9.96 12.78
C VAL B 597 14.77 -10.43 13.75
N ASP B 598 14.34 -10.77 14.98
CA ASP B 598 15.22 -11.29 16.02
C ASP B 598 15.91 -12.57 15.53
N PRO B 599 17.25 -12.59 15.57
CA PRO B 599 17.98 -13.76 15.05
C PRO B 599 17.61 -15.08 15.72
N LYS B 600 17.32 -15.07 17.04
CA LYS B 600 16.92 -16.29 17.73
C LYS B 600 15.57 -16.79 17.20
N LEU B 601 14.65 -15.87 16.88
CA LEU B 601 13.33 -16.17 16.32
C LEU B 601 13.44 -16.67 14.88
N LYS B 602 14.31 -16.04 14.07
CA LYS B 602 14.54 -16.48 12.69
C LYS B 602 15.09 -17.93 12.67
N ALA B 603 15.97 -18.26 13.64
CA ALA B 603 16.55 -19.61 13.76
C ALA B 603 15.47 -20.64 14.13
N VAL B 604 14.55 -20.29 15.05
CA VAL B 604 13.42 -21.14 15.46
C VAL B 604 12.56 -21.47 14.23
N TYR B 605 12.31 -20.47 13.39
CA TYR B 605 11.55 -20.64 12.16
C TYR B 605 12.28 -21.55 11.16
N GLU B 606 13.58 -21.32 10.93
CA GLU B 606 14.35 -22.14 9.99
C GLU B 606 14.42 -23.59 10.44
N ARG B 607 14.64 -23.83 11.73
CA ARG B 607 14.71 -25.18 12.28
C ARG B 607 13.35 -25.80 12.58
N LYS B 608 12.23 -25.04 12.46
CA LYS B 608 10.87 -25.47 12.80
C LYS B 608 10.80 -25.94 14.24
N ASP B 609 11.54 -25.27 15.15
CA ASP B 609 11.59 -25.65 16.55
C ASP B 609 10.38 -25.04 17.25
N PHE B 610 9.20 -25.52 16.88
CA PHE B 610 7.92 -25.01 17.39
C PHE B 610 7.33 -25.78 18.58
N GLY B 611 7.91 -26.95 18.89
CA GLY B 611 7.46 -27.81 19.99
C GLY B 611 5.97 -28.10 19.96
N ARG B 612 5.34 -27.88 21.08
CA ARG B 612 3.91 -28.07 21.28
C ARG B 612 3.08 -26.81 20.86
N TYR B 613 3.70 -25.77 20.28
CA TYR B 613 2.98 -24.53 19.97
C TYR B 613 2.49 -24.39 18.52
N ALA B 614 3.01 -25.18 17.56
CA ALA B 614 2.58 -25.09 16.17
C ALA B 614 1.17 -25.66 15.97
N ASP B 615 0.48 -25.26 14.88
CA ASP B 615 -0.86 -25.79 14.59
C ASP B 615 -0.79 -27.25 14.03
N ARG B 616 -1.94 -27.85 13.67
CA ARG B 616 -1.95 -29.21 13.14
C ARG B 616 -1.19 -29.35 11.80
N SER B 617 -1.07 -28.25 11.05
CA SER B 617 -0.35 -28.27 9.77
C SER B 617 1.19 -28.11 9.91
N GLY B 618 1.68 -27.92 11.13
CA GLY B 618 3.10 -27.67 11.36
C GLY B 618 3.48 -26.19 11.20
N ARG B 619 2.50 -25.31 11.00
CA ARG B 619 2.77 -23.89 10.87
C ARG B 619 2.62 -23.17 12.20
N MET B 620 3.53 -22.24 12.49
CA MET B 620 3.55 -21.51 13.75
C MET B 620 2.63 -20.31 13.72
N PRO B 621 1.52 -20.31 14.47
CA PRO B 621 0.63 -19.13 14.47
C PRO B 621 1.25 -17.93 15.20
N VAL B 622 0.81 -16.73 14.87
CA VAL B 622 1.33 -15.50 15.49
C VAL B 622 0.17 -14.71 16.14
N ALA B 623 -0.86 -14.44 15.36
CA ALA B 623 -1.96 -13.60 15.80
C ALA B 623 -3.26 -14.06 15.14
N PHE B 624 -4.40 -13.64 15.71
CA PHE B 624 -5.69 -13.92 15.12
C PHE B 624 -6.61 -12.72 15.31
N CYS B 625 -7.74 -12.69 14.62
CA CYS B 625 -8.69 -11.59 14.78
C CYS B 625 -10.08 -12.13 15.07
N ALA B 626 -10.90 -11.33 15.77
CA ALA B 626 -12.23 -11.79 16.19
C ALA B 626 -13.29 -10.69 16.07
N THR B 627 -14.56 -11.08 16.01
CA THR B 627 -15.67 -10.14 15.90
C THR B 627 -16.11 -9.57 17.25
N THR B 628 -15.23 -9.61 18.26
CA THR B 628 -15.47 -9.00 19.55
C THR B 628 -15.45 -7.46 19.35
N HIS B 629 -16.15 -6.76 20.26
CA HIS B 629 -16.27 -5.33 20.23
C HIS B 629 -15.36 -4.68 21.26
N THR B 630 -14.25 -4.12 20.79
CA THR B 630 -13.26 -3.53 21.68
C THR B 630 -12.92 -2.11 21.27
N THR B 631 -12.27 -1.39 22.20
CA THR B 631 -11.78 -0.04 21.99
C THR B 631 -10.56 0.23 22.88
N GLY B 632 -9.94 1.42 22.79
CA GLY B 632 -8.84 1.83 23.66
C GLY B 632 -9.17 1.59 25.13
N GLY B 633 -8.25 0.98 25.84
CA GLY B 633 -8.50 0.50 27.17
C GLY B 633 -8.54 -1.02 27.20
N ASN B 634 -8.85 -1.66 26.03
CA ASN B 634 -8.88 -3.12 25.88
C ASN B 634 -7.51 -3.72 25.54
N SER B 635 -6.45 -2.90 25.38
CA SER B 635 -5.10 -3.41 25.15
C SER B 635 -4.70 -4.31 26.35
N GLY B 636 -4.26 -5.52 26.06
CA GLY B 636 -3.83 -6.50 27.06
C GLY B 636 -4.92 -7.43 27.56
N SER B 637 -6.15 -7.25 27.09
CA SER B 637 -7.29 -8.03 27.55
C SER B 637 -7.16 -9.52 27.28
N PRO B 638 -7.61 -10.34 28.25
CA PRO B 638 -7.59 -11.79 28.01
C PRO B 638 -8.65 -12.17 26.96
N VAL B 639 -8.25 -13.07 26.06
CA VAL B 639 -9.15 -13.59 25.06
C VAL B 639 -9.38 -15.04 25.48
N MET B 640 -10.64 -15.39 25.74
CA MET B 640 -11.01 -16.72 26.19
C MET B 640 -11.72 -17.52 25.12
N ASN B 641 -11.50 -18.81 25.20
CA ASN B 641 -12.13 -19.97 24.60
C ASN B 641 -13.62 -20.04 25.03
N ALA B 642 -14.37 -21.00 24.46
CA ALA B 642 -15.72 -21.37 24.90
C ALA B 642 -15.67 -21.91 26.35
N ASN B 643 -14.53 -22.50 26.77
CA ASN B 643 -14.29 -23.01 28.11
C ASN B 643 -13.62 -22.01 29.07
N GLY B 644 -13.40 -20.77 28.64
CA GLY B 644 -12.76 -19.75 29.48
C GLY B 644 -11.25 -19.84 29.58
N GLU B 645 -10.61 -20.71 28.78
CA GLU B 645 -9.15 -20.82 28.80
C GLU B 645 -8.57 -19.70 27.94
N LEU B 646 -7.41 -19.18 28.35
CA LEU B 646 -6.74 -18.11 27.64
C LEU B 646 -6.19 -18.59 26.29
N ILE B 647 -6.63 -17.97 25.18
CA ILE B 647 -6.17 -18.26 23.81
C ILE B 647 -5.38 -17.10 23.18
N GLY B 648 -5.37 -15.93 23.81
CA GLY B 648 -4.63 -14.80 23.30
C GLY B 648 -4.83 -13.54 24.11
N LEU B 649 -4.15 -12.48 23.70
CA LEU B 649 -4.25 -11.17 24.33
C LEU B 649 -4.63 -10.20 23.26
N ASN B 650 -5.67 -9.41 23.50
CA ASN B 650 -6.05 -8.37 22.57
C ASN B 650 -4.94 -7.27 22.59
N PHE B 651 -4.54 -6.73 21.41
CA PHE B 651 -3.51 -5.68 21.40
C PHE B 651 -3.81 -4.54 20.45
N ASP B 652 -4.80 -4.69 19.55
CA ASP B 652 -5.12 -3.61 18.61
C ASP B 652 -6.48 -3.87 17.95
N ARG B 653 -6.86 -3.05 16.99
CA ARG B 653 -8.06 -3.20 16.19
C ARG B 653 -7.77 -2.59 14.82
N ASN B 654 -8.31 -3.19 13.77
CA ASN B 654 -8.03 -2.73 12.41
C ASN B 654 -8.68 -1.36 12.19
N TRP B 655 -8.04 -0.51 11.39
CA TRP B 655 -8.50 0.86 11.10
C TRP B 655 -9.90 0.91 10.56
N GLU B 656 -10.31 -0.14 9.79
CA GLU B 656 -11.66 -0.18 9.21
C GLU B 656 -12.74 -0.26 10.26
N GLY B 657 -12.41 -0.70 11.47
CA GLY B 657 -13.38 -0.82 12.55
C GLY B 657 -13.34 0.29 13.58
N VAL B 658 -12.50 1.37 13.38
CA VAL B 658 -12.42 2.42 14.40
C VAL B 658 -13.76 3.23 14.53
N GLY B 659 -14.56 3.32 13.46
CA GLY B 659 -15.89 3.91 13.52
C GLY B 659 -16.86 3.11 14.39
N GLY B 660 -16.42 1.91 14.82
CA GLY B 660 -17.13 1.01 15.71
C GLY B 660 -17.37 1.59 17.09
N ASP B 661 -16.67 2.68 17.45
CA ASP B 661 -16.94 3.36 18.72
C ASP B 661 -18.31 4.07 18.67
N ILE B 662 -18.86 4.33 17.47
CA ILE B 662 -20.15 4.99 17.26
C ILE B 662 -21.14 3.92 16.74
N GLN B 663 -20.72 3.09 15.80
CA GLN B 663 -21.56 2.05 15.24
C GLN B 663 -20.69 0.84 14.95
N TYR B 664 -20.97 -0.30 15.62
CA TYR B 664 -20.25 -1.55 15.42
C TYR B 664 -20.37 -1.97 13.95
N LEU B 665 -19.26 -2.41 13.34
CA LEU B 665 -19.24 -2.74 11.92
C LEU B 665 -18.97 -4.22 11.74
N ALA B 666 -20.04 -5.04 11.75
CA ALA B 666 -19.91 -6.51 11.70
C ALA B 666 -19.04 -7.07 10.56
N ASP B 667 -19.05 -6.44 9.40
CA ASP B 667 -18.29 -6.95 8.25
C ASP B 667 -16.86 -6.41 8.14
N TYR B 668 -16.44 -5.51 9.05
CA TYR B 668 -15.12 -4.90 8.95
C TYR B 668 -14.36 -4.84 10.24
N GLN B 669 -15.06 -4.61 11.34
CA GLN B 669 -14.46 -4.43 12.64
C GLN B 669 -13.95 -5.69 13.29
N ARG B 670 -12.65 -5.71 13.62
CA ARG B 670 -12.05 -6.86 14.30
C ARG B 670 -11.11 -6.45 15.44
N SER B 671 -11.03 -7.29 16.46
CA SER B 671 -10.04 -7.13 17.53
C SER B 671 -8.81 -7.93 17.06
N ILE B 672 -7.61 -7.34 17.14
CA ILE B 672 -6.35 -7.95 16.71
C ILE B 672 -5.71 -8.52 17.94
N ILE B 673 -5.50 -9.84 17.96
CA ILE B 673 -5.10 -10.57 19.15
C ILE B 673 -3.81 -11.35 18.94
N VAL B 674 -2.86 -11.31 19.89
CA VAL B 674 -1.65 -12.11 19.77
C VAL B 674 -1.99 -13.51 20.29
N ASP B 675 -1.74 -14.54 19.49
CA ASP B 675 -2.03 -15.93 19.83
C ASP B 675 -1.17 -16.33 21.04
N ILE B 676 -1.78 -17.00 22.06
CA ILE B 676 -1.06 -17.40 23.27
C ILE B 676 0.03 -18.44 22.98
N ARG B 677 -0.10 -19.22 21.90
CA ARG B 677 0.91 -20.19 21.51
C ARG B 677 2.21 -19.48 21.09
N TYR B 678 2.06 -18.33 20.40
CA TYR B 678 3.19 -17.51 19.97
C TYR B 678 3.85 -16.87 21.20
N VAL B 679 3.06 -16.42 22.19
CA VAL B 679 3.53 -15.86 23.47
C VAL B 679 4.41 -16.90 24.15
N LEU B 680 3.95 -18.16 24.25
CA LEU B 680 4.70 -19.22 24.88
C LEU B 680 5.92 -19.63 24.10
N LEU B 681 5.83 -19.67 22.77
CA LEU B 681 6.99 -19.97 21.93
C LEU B 681 8.09 -18.92 22.17
N VAL B 682 7.72 -17.62 22.32
CA VAL B 682 8.71 -16.58 22.54
C VAL B 682 9.33 -16.71 23.94
N ILE B 683 8.52 -16.93 24.99
CA ILE B 683 9.02 -17.11 26.36
C ILE B 683 10.00 -18.30 26.39
N ASP B 684 9.62 -19.40 25.73
CA ASP B 684 10.36 -20.64 25.67
C ASP B 684 11.63 -20.59 24.80
N LYS B 685 11.49 -20.44 23.48
CA LYS B 685 12.59 -20.51 22.53
C LYS B 685 13.36 -19.23 22.34
N VAL B 686 12.80 -18.08 22.76
CA VAL B 686 13.53 -16.82 22.62
C VAL B 686 14.07 -16.36 23.97
N GLY B 687 13.22 -16.33 24.97
CA GLY B 687 13.62 -15.91 26.31
C GLY B 687 14.31 -16.98 27.13
N GLY B 688 14.00 -18.24 26.83
CA GLY B 688 14.52 -19.39 27.57
C GLY B 688 14.07 -19.39 29.02
N CYS B 689 12.92 -18.75 29.31
CA CYS B 689 12.44 -18.61 30.66
C CYS B 689 11.43 -19.69 31.04
N GLN B 690 11.94 -20.92 31.17
CA GLN B 690 11.16 -22.13 31.49
C GLN B 690 10.33 -22.04 32.78
N ARG B 691 10.84 -21.35 33.81
CA ARG B 691 10.13 -21.22 35.08
C ARG B 691 8.74 -20.57 34.93
N LEU B 692 8.59 -19.68 33.95
CA LEU B 692 7.30 -19.02 33.71
C LEU B 692 6.31 -20.00 33.08
N LEU B 693 6.80 -20.89 32.21
CA LEU B 693 5.98 -21.93 31.60
C LEU B 693 5.54 -22.92 32.69
N ASP B 694 6.46 -23.30 33.60
CA ASP B 694 6.25 -24.24 34.70
C ASP B 694 5.22 -23.75 35.73
N GLU B 695 5.12 -22.42 35.96
CA GLU B 695 4.16 -21.91 36.94
C GLU B 695 2.76 -21.69 36.37
N MET B 696 2.63 -21.65 35.04
CA MET B 696 1.34 -21.53 34.38
C MET B 696 0.64 -22.90 34.36
N ASN B 697 -0.70 -22.92 34.33
CA ASN B 697 -1.44 -24.17 34.21
C ASN B 697 -1.82 -24.33 32.74
N ILE B 698 -1.03 -25.08 31.99
CA ILE B 698 -1.24 -25.27 30.57
C ILE B 698 -2.07 -26.51 30.27
N VAL B 699 -3.23 -26.33 29.63
CA VAL B 699 -4.13 -27.44 29.32
C VAL B 699 -3.85 -27.98 27.91
N PRO B 700 -3.76 -29.31 27.75
CA PRO B 700 -3.46 -29.89 26.43
C PRO B 700 -4.47 -29.59 25.32
N1 I87 C . 3.43 0.39 -4.56
C4 I87 C . 2.30 1.30 -4.72
C5 I87 C . 3.25 -2.17 -6.32
C6 I87 C . 3.50 -3.66 -6.26
C7 I87 C . 5.74 -3.41 -7.01
C8 I87 C . 6.67 -3.96 -8.06
C1 I87 C . 4.28 1.32 -2.38
C2 I87 C . 3.83 0.10 -3.17
C3 I87 C . 2.81 -0.73 -2.40
S1 I87 C . 4.43 0.12 -5.85
O1 I87 C . 5.72 0.56 -5.48
O2 I87 C . 3.80 0.69 -6.99
N2 I87 C . 4.54 -1.48 -6.14
O3 I87 C . 4.47 -4.06 -7.21
C9 I87 C . 5.57 -1.90 -7.09
CL CL D . 29.30 -35.03 -27.95
CL CL E . 4.94 -20.66 -7.55
N1 I87 F . 0.03 3.93 4.78
C4 I87 F . -0.36 3.85 3.38
C5 I87 F . -3.16 2.99 7.09
C6 I87 F . -4.49 3.69 7.18
C7 I87 F . -3.77 5.59 5.89
C8 I87 F . -4.19 6.72 6.82
C1 I87 F . 2.16 5.24 4.41
C2 I87 F . 1.49 4.00 4.99
C3 I87 F . 2.24 2.73 4.64
S1 I87 F . -0.83 3.02 5.85
O1 I87 F . -0.17 3.11 7.10
O2 I87 F . -1.02 1.75 5.26
N2 I87 F . -2.31 3.66 6.08
O3 I87 F . -4.72 4.51 6.05
C9 I87 F . -2.36 5.12 6.16
CL CL G . -7.06 -11.94 43.63
#